data_8SR1
#
_entry.id   8SR1
#
_cell.length_a   1.00
_cell.length_b   1.00
_cell.length_c   1.00
_cell.angle_alpha   90.00
_cell.angle_beta   90.00
_cell.angle_gamma   90.00
#
_symmetry.space_group_name_H-M   'P 1'
#
loop_
_entity.id
_entity.type
_entity.pdbx_description
1 polymer 'Particulate methane monooxygenase alpha subunit'
2 polymer 'Particulate methane monooxygenase beta subunit'
3 polymer 'Ammonia monooxygenase/methane monooxygenase, subunit C family protein'
4 non-polymer 'COPPER (II) ION'
5 non-polymer DECANE
6 non-polymer 'DIUNDECYL PHOSPHATIDYL CHOLINE'
7 non-polymer 1,2-DIDECANOYL-SN-GLYCERO-3-PHOSPHOCHOLINE
8 non-polymer 1,2-dihexanoyl-sn-glycero-3-phosphocholine
9 non-polymer 4,4,4-trifluorobutan-1-ol
10 water water
#
loop_
_entity_poly.entity_id
_entity_poly.type
_entity_poly.pdbx_seq_one_letter_code
_entity_poly.pdbx_strand_id
1 'polypeptide(L)'
;HGEKSQAAFMRMRTIHWYDLSWSKEKVKINETVEIKGKFHVFEGWPETVDEPDVAFLNVGMPGPVFIRKESYIGGQLVPR
SVRLEIGKTYDFRVVLKARRPGDWHVHTMMNVQGGGPIIGPGKWITVEGSMSEFRNPVTTLTGQTVDLENYNEGNTYFWH
AFWFAIGVAWIGYWSRRPIFIPRLLMVDAGRADELVSATDRKVAMGFLAATILIVVMAMSSANSKYPITIPLQAGTMRGM
KPLELPAPTVSVKVEDATYRVPGRAMRMKLTITNHGNSPIRLGEFYTASVRFLDSDVYKDTTGYPEDLLAEDGLSVSDNS
PLAPGETRTVDVTASDAAWEVYRLSDIIYDPDSRFAGLLFFFDATGNRQVVQIDAPLIPSFM
;
A,E,I
2 'polypeptide(L)'
;AVRSHAEAVQVSRTIDWMALFVVFFVIVGSYHIHAMLTMGDWDFWSDWKDRRLWVTVTPIVLVTFPAAVQSYLWERYRLP
WGATVCVLGLLLGEWINRYFNFWGWTYFPINFVFPASLVPGAIILDTVLMLSGSYLFTAIVGAMGWGLIFYPGNWPIIAP
LHVPVEYNGMLMSIADIQGYNYVRTGTPEYIRMVEKGTLRTFGKDVAPVSAFFSAFMSILIYFMWHFIGRWFSNERFLQS
T
;
B,F,J
3 'polypeptide(L)'
;LLDKKWLTFALAIYTVFYLWVRWYEGVYGWSAGLDSFAPEFETYWMNFLYTEIVLEIVTASILWGYLWKTRDRNLAALTP
REELRRNFTHLVWLVAYAWAIYWGASYFTEQDGTWHQTIVRDTDFTPSHIIEFYLSYPIYIITGFAAFIYAKTRLPFFAK
GISLPYLVLVVGPFMILPNVGLNEWGHTFWFMEELFVAPLHYGFVIFGWLALAVMGTLTQTFYSFAQGGLGQSLCE
;
C,G,K
#
# COMPACT_ATOMS: atom_id res chain seq x y z
N HIS A 1 -27.39 15.30 -15.01
CA HIS A 1 -27.28 14.90 -16.41
C HIS A 1 -26.34 13.70 -16.30
N GLY A 2 -25.70 13.58 -15.13
CA GLY A 2 -24.77 12.46 -14.87
C GLY A 2 -25.46 11.29 -14.19
N GLU A 3 -26.77 11.36 -13.95
CA GLU A 3 -27.46 10.17 -13.40
C GLU A 3 -28.12 9.45 -14.59
N LYS A 4 -29.02 8.49 -14.35
CA LYS A 4 -29.61 7.65 -15.43
C LYS A 4 -28.53 6.70 -15.95
N SER A 5 -27.30 6.82 -15.45
CA SER A 5 -26.16 5.93 -15.85
C SER A 5 -25.66 5.20 -14.60
N GLN A 6 -25.81 5.79 -13.43
CA GLN A 6 -25.43 5.08 -12.21
C GLN A 6 -26.39 3.93 -11.93
N ALA A 7 -25.92 2.99 -11.13
CA ALA A 7 -26.72 1.82 -10.80
C ALA A 7 -28.03 2.22 -10.12
N ALA A 8 -29.11 1.57 -10.53
CA ALA A 8 -30.44 1.93 -10.03
C ALA A 8 -30.53 1.72 -8.53
N PHE A 9 -30.00 0.60 -8.02
CA PHE A 9 -30.09 0.34 -6.59
C PHE A 9 -29.22 1.30 -5.80
N MET A 10 -28.11 1.76 -6.38
CA MET A 10 -27.26 2.71 -5.68
C MET A 10 -27.91 4.09 -5.66
N ARG A 11 -28.62 4.46 -6.73
CA ARG A 11 -29.38 5.70 -6.70
C ARG A 11 -30.56 5.60 -5.73
N MET A 12 -31.13 4.41 -5.58
CA MET A 12 -32.25 4.23 -4.67
C MET A 12 -31.80 4.29 -3.21
N ARG A 13 -30.69 3.64 -2.87
CA ARG A 13 -30.25 3.60 -1.49
C ARG A 13 -28.88 4.28 -1.36
N THR A 14 -28.87 5.61 -1.46
CA THR A 14 -27.79 6.39 -0.88
C THR A 14 -28.34 7.54 -0.05
N ILE A 15 -29.10 8.41 -0.70
CA ILE A 15 -29.55 9.68 -0.14
C ILE A 15 -30.89 10.02 -0.79
N HIS A 16 -31.89 10.30 0.03
CA HIS A 16 -33.23 10.62 -0.46
C HIS A 16 -33.47 12.13 -0.30
N TRP A 17 -33.67 12.80 -1.43
CA TRP A 17 -33.92 14.24 -1.44
C TRP A 17 -35.43 14.48 -1.47
N TYR A 18 -35.91 15.33 -0.57
CA TYR A 18 -37.32 15.68 -0.55
C TYR A 18 -37.47 17.08 0.04
N ASP A 19 -38.70 17.61 -0.06
CA ASP A 19 -38.99 19.00 0.28
C ASP A 19 -38.13 19.97 -0.52
N LEU A 20 -37.75 19.58 -1.73
CA LEU A 20 -36.94 20.43 -2.57
C LEU A 20 -37.74 21.62 -3.07
N SER A 21 -37.11 22.80 -3.10
CA SER A 21 -37.76 23.99 -3.60
C SER A 21 -36.72 24.83 -4.33
N TRP A 22 -37.19 25.61 -5.29
CA TRP A 22 -36.35 26.54 -6.05
C TRP A 22 -36.99 27.91 -5.98
N SER A 23 -36.18 28.91 -5.62
CA SER A 23 -36.71 30.26 -5.44
C SER A 23 -37.22 30.84 -6.76
N LYS A 24 -36.50 30.58 -7.85
CA LYS A 24 -36.86 31.10 -9.16
C LYS A 24 -36.56 30.06 -10.22
N GLU A 25 -37.30 30.16 -11.33
CA GLU A 25 -37.10 29.28 -12.47
C GLU A 25 -36.37 29.96 -13.63
N LYS A 26 -36.40 31.28 -13.67
CA LYS A 26 -35.75 32.06 -14.72
C LYS A 26 -35.12 33.29 -14.08
N VAL A 27 -33.85 33.53 -14.38
CA VAL A 27 -33.07 34.56 -13.70
C VAL A 27 -32.32 35.41 -14.72
N LYS A 28 -31.92 36.59 -14.28
CA LYS A 28 -31.03 37.45 -15.04
C LYS A 28 -29.58 37.23 -14.60
N ILE A 29 -28.65 37.75 -15.41
CA ILE A 29 -27.25 37.75 -15.00
C ILE A 29 -27.11 38.56 -13.71
N ASN A 30 -26.30 38.05 -12.79
CA ASN A 30 -26.04 38.58 -11.45
C ASN A 30 -27.21 38.38 -10.50
N GLU A 31 -28.32 37.81 -10.95
CA GLU A 31 -29.44 37.54 -10.08
C GLU A 31 -29.21 36.22 -9.32
N THR A 32 -29.78 36.14 -8.13
CA THR A 32 -29.57 35.01 -7.24
C THR A 32 -30.78 34.08 -7.28
N VAL A 33 -30.49 32.78 -7.31
CA VAL A 33 -31.50 31.73 -7.21
C VAL A 33 -31.11 30.81 -6.07
N GLU A 34 -32.07 30.48 -5.22
CA GLU A 34 -31.81 29.70 -4.01
C GLU A 34 -32.50 28.35 -4.11
N ILE A 35 -31.77 27.29 -3.78
CA ILE A 35 -32.27 25.93 -3.80
C ILE A 35 -32.28 25.41 -2.37
N LYS A 36 -33.45 24.98 -1.90
CA LYS A 36 -33.63 24.48 -0.55
C LYS A 36 -34.19 23.07 -0.59
N GLY A 37 -34.10 22.38 0.54
CA GLY A 37 -34.66 21.06 0.65
C GLY A 37 -34.03 20.29 1.80
N LYS A 38 -34.39 19.01 1.86
CA LYS A 38 -33.87 18.10 2.86
C LYS A 38 -33.34 16.86 2.16
N PHE A 39 -32.31 16.25 2.76
CA PHE A 39 -31.83 14.96 2.30
C PHE A 39 -31.65 14.04 3.51
N HIS A 40 -32.00 12.78 3.32
CA HIS A 40 -31.89 11.76 4.36
C HIS A 40 -30.86 10.74 3.93
N VAL A 41 -29.90 10.47 4.81
CA VAL A 41 -28.88 9.45 4.54
C VAL A 41 -29.45 8.09 4.88
N PHE A 42 -29.53 7.22 3.88
CA PHE A 42 -30.19 5.93 4.05
C PHE A 42 -29.41 5.05 5.01
N GLU A 43 -30.14 4.33 5.88
CA GLU A 43 -29.48 3.45 6.85
C GLU A 43 -28.76 2.29 6.16
N GLY A 44 -29.36 1.73 5.13
CA GLY A 44 -28.73 0.65 4.39
C GLY A 44 -27.73 1.14 3.36
N TRP A 45 -26.79 1.95 3.82
CA TRP A 45 -25.77 2.51 2.95
C TRP A 45 -24.96 1.38 2.31
N PRO A 46 -24.83 1.35 0.98
CA PRO A 46 -24.14 0.23 0.34
C PRO A 46 -22.68 0.15 0.79
N GLU A 47 -22.20 -1.09 0.98
CA GLU A 47 -20.83 -1.28 1.44
C GLU A 47 -19.80 -0.83 0.41
N THR A 48 -20.17 -0.81 -0.87
CA THR A 48 -19.25 -0.36 -1.90
C THR A 48 -19.01 1.14 -1.85
N VAL A 49 -19.92 1.89 -1.23
CA VAL A 49 -19.73 3.32 -1.02
C VAL A 49 -19.20 3.52 0.38
N ASP A 50 -18.10 4.26 0.48
CA ASP A 50 -17.57 4.60 1.79
C ASP A 50 -18.58 5.42 2.56
N GLU A 51 -18.57 5.25 3.88
CA GLU A 51 -19.50 5.98 4.73
C GLU A 51 -19.28 7.48 4.56
N PRO A 52 -20.34 8.28 4.62
CA PRO A 52 -20.20 9.71 4.35
C PRO A 52 -19.49 10.46 5.47
N ASP A 53 -18.33 9.93 5.89
CA ASP A 53 -17.52 10.63 6.88
C ASP A 53 -16.97 11.93 6.32
N VAL A 54 -16.67 11.97 5.04
CA VAL A 54 -16.20 13.18 4.36
C VAL A 54 -17.10 13.38 3.14
N ALA A 55 -17.96 14.38 3.20
CA ALA A 55 -18.91 14.65 2.13
C ALA A 55 -18.91 16.14 1.81
N PHE A 56 -19.19 16.46 0.56
CA PHE A 56 -19.22 17.85 0.09
C PHE A 56 -20.55 18.12 -0.60
N LEU A 57 -21.20 19.21 -0.20
CA LEU A 57 -22.44 19.64 -0.83
C LEU A 57 -22.08 20.39 -2.10
N ASN A 58 -22.32 19.77 -3.24
CA ASN A 58 -21.94 20.30 -4.53
C ASN A 58 -23.18 20.65 -5.35
N VAL A 59 -22.94 21.23 -6.53
CA VAL A 59 -24.01 21.58 -7.47
C VAL A 59 -23.70 20.91 -8.80
N GLY A 60 -24.67 20.18 -9.33
CA GLY A 60 -24.52 19.56 -10.63
C GLY A 60 -24.90 20.51 -11.74
N MET A 61 -23.92 20.90 -12.56
CA MET A 61 -24.15 21.94 -13.56
C MET A 61 -23.03 21.87 -14.58
N PRO A 62 -23.27 22.36 -15.80
CA PRO A 62 -22.23 22.31 -16.84
C PRO A 62 -21.23 23.44 -16.74
N GLY A 63 -20.31 23.36 -15.77
CA GLY A 63 -19.35 24.41 -15.56
C GLY A 63 -19.98 25.60 -14.86
N PRO A 64 -19.20 26.64 -14.62
CA PRO A 64 -19.69 27.77 -13.80
C PRO A 64 -20.70 28.65 -14.54
N VAL A 65 -21.80 28.04 -14.99
CA VAL A 65 -22.92 28.83 -15.49
C VAL A 65 -23.61 29.56 -14.35
N PHE A 66 -23.47 29.07 -13.12
CA PHE A 66 -23.80 29.79 -11.90
C PHE A 66 -22.54 29.77 -11.04
N ILE A 67 -22.42 30.72 -10.14
CA ILE A 67 -21.39 30.65 -9.10
C ILE A 67 -22.07 30.36 -7.77
N ARG A 68 -21.47 29.47 -6.99
CA ARG A 68 -22.01 29.12 -5.68
C ARG A 68 -21.67 30.24 -4.70
N LYS A 69 -22.63 31.12 -4.44
CA LYS A 69 -22.40 32.19 -3.48
C LYS A 69 -22.34 31.64 -2.06
N GLU A 70 -23.30 30.80 -1.70
CA GLU A 70 -23.36 30.23 -0.37
C GLU A 70 -23.93 28.81 -0.45
N SER A 71 -23.60 28.01 0.55
CA SER A 71 -24.17 26.67 0.71
C SER A 71 -24.23 26.37 2.20
N TYR A 72 -25.35 25.80 2.64
CA TYR A 72 -25.57 25.54 4.05
C TYR A 72 -26.05 24.11 4.25
N ILE A 73 -25.57 23.47 5.31
CA ILE A 73 -26.12 22.23 5.82
C ILE A 73 -26.56 22.50 7.25
N GLY A 74 -27.83 22.32 7.52
CA GLY A 74 -28.38 22.77 8.79
C GLY A 74 -28.75 24.23 8.71
N GLY A 75 -27.90 25.09 9.26
CA GLY A 75 -28.07 26.52 9.11
C GLY A 75 -26.75 27.24 8.98
N GLN A 76 -25.67 26.48 8.82
CA GLN A 76 -24.31 27.01 8.83
C GLN A 76 -23.62 26.78 7.50
N LEU A 77 -22.78 27.74 7.12
CA LEU A 77 -22.11 27.69 5.82
C LEU A 77 -21.13 26.54 5.75
N VAL A 78 -21.08 25.88 4.59
CA VAL A 78 -20.24 24.70 4.42
C VAL A 78 -19.36 24.84 3.18
N PRO A 79 -18.37 25.73 3.19
CA PRO A 79 -17.47 25.84 2.02
C PRO A 79 -16.48 24.69 1.92
N ARG A 80 -16.37 23.86 2.94
CA ARG A 80 -15.47 22.73 2.95
C ARG A 80 -16.26 21.43 3.02
N SER A 81 -15.54 20.31 3.00
CA SER A 81 -16.18 19.02 3.17
C SER A 81 -16.74 18.88 4.58
N VAL A 82 -17.79 18.07 4.71
CA VAL A 82 -18.49 17.92 5.98
C VAL A 82 -18.67 16.44 6.27
N ARG A 83 -18.94 16.14 7.54
CA ARG A 83 -19.21 14.79 7.99
C ARG A 83 -20.70 14.60 8.18
N LEU A 84 -21.25 13.56 7.55
CA LEU A 84 -22.65 13.23 7.67
C LEU A 84 -22.80 11.90 8.40
N GLU A 85 -23.91 11.73 9.11
CA GLU A 85 -24.18 10.52 9.86
C GLU A 85 -25.27 9.72 9.15
N ILE A 86 -25.04 8.42 9.03
CA ILE A 86 -25.99 7.53 8.37
C ILE A 86 -27.27 7.47 9.19
N GLY A 87 -28.41 7.61 8.52
CA GLY A 87 -29.71 7.59 9.16
C GLY A 87 -30.23 8.95 9.57
N LYS A 88 -29.42 10.00 9.45
CA LYS A 88 -29.82 11.34 9.83
C LYS A 88 -30.39 12.09 8.64
N THR A 89 -31.30 13.03 8.94
CA THR A 89 -31.88 13.91 7.94
C THR A 89 -31.33 15.31 8.15
N TYR A 90 -30.84 15.92 7.07
CA TYR A 90 -30.31 17.28 7.11
C TYR A 90 -31.08 18.15 6.14
N ASP A 91 -31.19 19.42 6.48
CA ASP A 91 -31.74 20.42 5.58
C ASP A 91 -30.59 21.23 4.98
N PHE A 92 -30.73 21.59 3.71
CA PHE A 92 -29.68 22.28 2.99
C PHE A 92 -30.24 23.49 2.26
N ARG A 93 -29.34 24.40 1.90
CA ARG A 93 -29.70 25.61 1.17
C ARG A 93 -28.48 26.05 0.37
N VAL A 94 -28.63 26.12 -0.95
CA VAL A 94 -27.57 26.56 -1.85
C VAL A 94 -28.02 27.83 -2.54
N VAL A 95 -27.18 28.86 -2.51
CA VAL A 95 -27.45 30.14 -3.16
C VAL A 95 -26.55 30.21 -4.39
N LEU A 96 -27.17 30.39 -5.56
CA LEU A 96 -26.46 30.47 -6.83
C LEU A 96 -26.68 31.83 -7.45
N LYS A 97 -25.64 32.37 -8.07
CA LYS A 97 -25.70 33.63 -8.81
C LYS A 97 -25.48 33.35 -10.28
N ALA A 98 -26.40 33.82 -11.13
CA ALA A 98 -26.33 33.52 -12.55
C ALA A 98 -25.13 34.20 -13.19
N ARG A 99 -24.43 33.47 -14.05
CA ARG A 99 -23.22 33.94 -14.67
C ARG A 99 -23.23 33.82 -16.20
N ARG A 100 -23.82 32.75 -16.74
CA ARG A 100 -23.78 32.48 -18.16
C ARG A 100 -25.20 32.29 -18.69
N PRO A 101 -25.58 32.99 -19.75
CA PRO A 101 -26.94 32.85 -20.28
C PRO A 101 -27.17 31.47 -20.89
N GLY A 102 -28.42 31.04 -20.83
CA GLY A 102 -28.80 29.77 -21.41
C GLY A 102 -29.80 29.00 -20.59
N ASP A 103 -30.07 27.75 -20.96
CA ASP A 103 -30.96 26.88 -20.22
C ASP A 103 -30.13 25.77 -19.60
N TRP A 104 -30.06 25.76 -18.26
CA TRP A 104 -29.16 24.87 -17.55
C TRP A 104 -29.94 23.94 -16.63
N HIS A 105 -29.52 22.69 -16.58
CA HIS A 105 -30.12 21.68 -15.71
C HIS A 105 -29.31 21.65 -14.43
N VAL A 106 -29.87 22.25 -13.38
CA VAL A 106 -29.14 22.42 -12.12
C VAL A 106 -29.54 21.32 -11.15
N HIS A 107 -28.55 20.53 -10.72
CA HIS A 107 -28.75 19.47 -9.76
C HIS A 107 -28.12 19.85 -8.43
N THR A 108 -28.76 19.42 -7.34
CA THR A 108 -28.14 19.46 -6.03
C THR A 108 -27.55 18.07 -5.81
N MET A 109 -26.27 18.01 -5.50
CA MET A 109 -25.60 16.73 -5.38
C MET A 109 -24.74 16.66 -4.12
N MET A 110 -24.47 15.44 -3.68
CA MET A 110 -23.59 15.20 -2.55
C MET A 110 -22.47 14.28 -3.01
N ASN A 111 -21.24 14.79 -2.95
CA ASN A 111 -20.06 14.00 -3.27
C ASN A 111 -19.54 13.37 -1.99
N VAL A 112 -19.34 12.06 -2.01
CA VAL A 112 -18.85 11.32 -0.85
C VAL A 112 -17.42 10.89 -1.13
N GLN A 113 -16.56 11.02 -0.11
CA GLN A 113 -15.11 10.83 -0.29
C GLN A 113 -14.76 9.53 -0.98
N GLY A 114 -15.37 8.43 -0.57
CA GLY A 114 -15.03 7.15 -1.16
C GLY A 114 -16.15 6.47 -1.93
N GLY A 115 -17.12 7.24 -2.40
CA GLY A 115 -18.19 6.63 -3.16
C GLY A 115 -18.58 7.34 -4.45
N GLY A 116 -18.11 8.57 -4.64
CA GLY A 116 -18.42 9.30 -5.84
C GLY A 116 -19.67 10.17 -5.71
N PRO A 117 -20.20 10.61 -6.85
CA PRO A 117 -21.29 11.59 -6.83
C PRO A 117 -22.67 10.99 -6.57
N ILE A 118 -23.44 11.64 -5.71
CA ILE A 118 -24.84 11.27 -5.46
C ILE A 118 -25.68 12.44 -5.95
N ILE A 119 -26.25 12.29 -7.15
CA ILE A 119 -26.93 13.40 -7.81
C ILE A 119 -28.40 13.40 -7.44
N GLY A 120 -28.88 14.54 -6.94
CA GLY A 120 -30.28 14.71 -6.64
C GLY A 120 -31.07 15.15 -7.85
N PRO A 121 -32.34 15.50 -7.64
CA PRO A 121 -33.18 15.96 -8.76
C PRO A 121 -32.61 17.22 -9.39
N GLY A 122 -32.73 17.29 -10.72
CA GLY A 122 -32.26 18.44 -11.48
C GLY A 122 -33.42 19.22 -12.06
N LYS A 123 -33.28 20.54 -12.06
CA LYS A 123 -34.32 21.44 -12.54
C LYS A 123 -33.75 22.37 -13.60
N TRP A 124 -34.51 22.56 -14.69
CA TRP A 124 -34.11 23.48 -15.73
C TRP A 124 -34.30 24.91 -15.25
N ILE A 125 -33.21 25.68 -15.26
CA ILE A 125 -33.23 27.09 -14.87
C ILE A 125 -32.71 27.91 -16.03
N THR A 126 -33.51 28.89 -16.48
CA THR A 126 -33.16 29.73 -17.61
C THR A 126 -32.40 30.96 -17.11
N VAL A 127 -31.30 31.27 -17.78
CA VAL A 127 -30.50 32.46 -17.49
C VAL A 127 -30.53 33.35 -18.72
N GLU A 128 -30.86 34.62 -18.54
CA GLU A 128 -30.90 35.59 -19.62
C GLU A 128 -29.99 36.77 -19.28
N GLY A 129 -29.45 37.39 -20.33
CA GLY A 129 -28.52 38.49 -20.19
C GLY A 129 -27.24 38.24 -20.96
N SER A 130 -26.17 38.88 -20.52
CA SER A 130 -24.87 38.72 -21.13
C SER A 130 -23.84 38.36 -20.06
N MET A 131 -22.92 37.47 -20.42
CA MET A 131 -21.85 37.10 -19.50
C MET A 131 -20.97 38.31 -19.16
N SER A 132 -20.86 39.28 -20.07
CA SER A 132 -20.05 40.45 -19.81
C SER A 132 -20.59 41.30 -18.67
N GLU A 133 -21.87 41.17 -18.34
CA GLU A 133 -22.45 41.92 -17.23
C GLU A 133 -22.19 41.27 -15.87
N PHE A 134 -21.69 40.04 -15.85
CA PHE A 134 -21.50 39.33 -14.59
C PHE A 134 -20.39 39.97 -13.78
N ARG A 135 -20.64 40.16 -12.49
CA ARG A 135 -19.64 40.65 -11.54
C ARG A 135 -19.62 39.73 -10.34
N ASN A 136 -18.43 39.51 -9.79
CA ASN A 136 -18.25 38.71 -8.57
C ASN A 136 -17.41 39.51 -7.59
N PRO A 137 -17.96 40.60 -7.05
CA PRO A 137 -17.19 41.41 -6.10
C PRO A 137 -17.00 40.70 -4.78
N VAL A 138 -15.90 41.02 -4.11
CA VAL A 138 -15.62 40.51 -2.78
C VAL A 138 -14.74 41.52 -2.06
N THR A 139 -14.97 41.66 -0.75
CA THR A 139 -14.20 42.60 0.06
C THR A 139 -13.29 41.82 1.00
N THR A 140 -12.00 42.13 0.96
CA THR A 140 -11.02 41.44 1.78
C THR A 140 -10.91 42.09 3.16
N LEU A 141 -10.25 41.38 4.08
CA LEU A 141 -10.00 41.93 5.40
C LEU A 141 -8.95 43.03 5.38
N THR A 142 -8.28 43.24 4.25
CA THR A 142 -7.35 44.36 4.10
C THR A 142 -8.02 45.61 3.58
N GLY A 143 -9.34 45.59 3.41
CA GLY A 143 -10.08 46.78 3.03
C GLY A 143 -10.09 47.13 1.56
N GLN A 144 -10.00 46.14 0.68
CA GLN A 144 -10.07 46.40 -0.75
C GLN A 144 -11.13 45.50 -1.38
N THR A 145 -11.86 46.03 -2.34
CA THR A 145 -12.89 45.30 -3.06
C THR A 145 -12.37 44.94 -4.45
N VAL A 146 -12.42 43.65 -4.78
CA VAL A 146 -11.92 43.17 -6.05
C VAL A 146 -13.00 42.35 -6.73
N ASP A 147 -12.92 42.25 -8.05
CA ASP A 147 -13.81 41.41 -8.82
C ASP A 147 -13.09 40.09 -9.14
N LEU A 148 -13.65 38.99 -8.65
CA LEU A 148 -13.03 37.69 -8.80
C LEU A 148 -12.96 37.22 -10.25
N GLU A 149 -13.69 37.86 -11.16
CA GLU A 149 -13.62 37.48 -12.56
C GLU A 149 -12.27 37.79 -13.19
N ASN A 150 -11.63 38.89 -12.78
CA ASN A 150 -10.40 39.32 -13.43
C ASN A 150 -9.30 39.71 -12.44
N TYR A 151 -9.53 39.60 -11.13
CA TYR A 151 -8.51 39.93 -10.16
C TYR A 151 -7.28 39.04 -10.35
N ASN A 152 -6.10 39.66 -10.34
CA ASN A 152 -4.79 39.02 -10.46
C ASN A 152 -4.52 38.47 -11.87
N GLU A 153 -5.46 38.62 -12.80
CA GLU A 153 -5.26 38.08 -14.15
C GLU A 153 -4.09 38.76 -14.84
N GLY A 154 -4.01 40.09 -14.74
CA GLY A 154 -2.92 40.80 -15.36
C GLY A 154 -1.57 40.41 -14.77
N ASN A 155 -1.50 40.29 -13.45
CA ASN A 155 -0.25 39.90 -12.80
C ASN A 155 0.16 38.49 -13.23
N THR A 156 -0.79 37.56 -13.28
CA THR A 156 -0.48 36.20 -13.71
C THR A 156 0.04 36.18 -15.14
N TYR A 157 -0.66 36.87 -16.05
CA TYR A 157 -0.22 36.94 -17.43
C TYR A 157 1.17 37.55 -17.54
N PHE A 158 1.42 38.63 -16.80
CA PHE A 158 2.71 39.31 -16.88
C PHE A 158 3.84 38.39 -16.44
N TRP A 159 3.68 37.74 -15.29
CA TRP A 159 4.77 36.90 -14.78
C TRP A 159 5.01 35.69 -15.68
N HIS A 160 3.93 35.06 -16.15
CA HIS A 160 4.11 33.91 -17.03
C HIS A 160 4.78 34.31 -18.34
N ALA A 161 4.35 35.44 -18.93
CA ALA A 161 4.98 35.92 -20.15
C ALA A 161 6.44 36.28 -19.92
N PHE A 162 6.76 36.88 -18.78
CA PHE A 162 8.13 37.25 -18.48
C PHE A 162 9.03 36.03 -18.41
N TRP A 163 8.59 35.01 -17.68
CA TRP A 163 9.44 33.82 -17.55
C TRP A 163 9.53 33.04 -18.86
N PHE A 164 8.43 32.98 -19.60
CA PHE A 164 8.47 32.36 -20.92
C PHE A 164 9.42 33.09 -21.84
N ALA A 165 9.43 34.42 -21.78
CA ALA A 165 10.35 35.22 -22.59
C ALA A 165 11.80 34.95 -22.19
N ILE A 166 12.06 34.81 -20.89
CA ILE A 166 13.42 34.50 -20.45
C ILE A 166 13.88 33.16 -21.03
N GLY A 167 13.02 32.14 -20.93
CA GLY A 167 13.37 30.84 -21.49
C GLY A 167 13.57 30.88 -22.99
N VAL A 168 12.68 31.59 -23.70
CA VAL A 168 12.80 31.72 -25.14
C VAL A 168 14.08 32.46 -25.52
N ALA A 169 14.46 33.46 -24.72
CA ALA A 169 15.70 34.19 -24.97
C ALA A 169 16.91 33.27 -24.82
N TRP A 170 16.91 32.44 -23.79
CA TRP A 170 17.99 31.46 -23.62
C TRP A 170 18.08 30.54 -24.83
N ILE A 171 16.95 29.96 -25.22
CA ILE A 171 16.94 29.02 -26.33
C ILE A 171 17.37 29.70 -27.63
N GLY A 172 16.88 30.92 -27.90
CA GLY A 172 17.25 31.61 -29.12
C GLY A 172 18.71 32.02 -29.14
N TYR A 173 19.24 32.43 -27.98
CA TYR A 173 20.65 32.72 -27.88
C TYR A 173 21.48 31.51 -28.31
N TRP A 174 21.10 30.33 -27.85
CA TRP A 174 21.82 29.15 -28.30
C TRP A 174 21.42 28.70 -29.71
N SER A 175 20.30 29.18 -30.22
CA SER A 175 19.80 28.75 -31.52
C SER A 175 20.23 29.66 -32.66
N ARG A 176 20.91 30.77 -32.39
CA ARG A 176 21.41 31.60 -33.50
C ARG A 176 22.42 30.84 -34.34
N ARG A 177 23.30 30.08 -33.70
CA ARG A 177 24.26 29.25 -34.41
C ARG A 177 23.58 27.97 -34.91
N PRO A 178 24.23 27.24 -35.82
CA PRO A 178 23.67 25.94 -36.24
C PRO A 178 23.46 25.00 -35.08
N ILE A 179 22.40 24.20 -35.16
CA ILE A 179 21.87 23.53 -33.96
C ILE A 179 22.24 22.05 -33.90
N PHE A 180 21.77 21.25 -34.85
CA PHE A 180 21.74 19.80 -34.64
C PHE A 180 22.87 19.04 -35.32
N ILE A 181 22.95 19.09 -36.65
CA ILE A 181 23.81 18.14 -37.35
C ILE A 181 25.27 18.55 -37.27
N PRO A 182 25.65 19.81 -37.55
CA PRO A 182 27.06 20.18 -37.36
C PRO A 182 27.55 20.02 -35.94
N ARG A 183 26.71 20.33 -34.94
CA ARG A 183 27.13 20.14 -33.56
C ARG A 183 27.28 18.67 -33.22
N LEU A 184 26.38 17.82 -33.73
CA LEU A 184 26.50 16.38 -33.53
C LEU A 184 27.79 15.86 -34.15
N LEU A 185 28.11 16.30 -35.37
CA LEU A 185 29.34 15.87 -36.03
C LEU A 185 30.58 16.35 -35.27
N MET A 186 30.54 17.59 -34.76
CA MET A 186 31.67 18.09 -33.98
C MET A 186 31.87 17.30 -32.71
N VAL A 187 30.77 16.96 -32.02
CA VAL A 187 30.90 16.19 -30.78
C VAL A 187 31.40 14.78 -31.07
N ASP A 188 30.89 14.15 -32.13
CA ASP A 188 31.29 12.78 -32.46
C ASP A 188 32.75 12.71 -32.92
N ALA A 189 33.06 13.44 -34.00
CA ALA A 189 34.41 13.40 -34.58
C ALA A 189 35.39 14.20 -33.72
N GLY A 190 36.06 13.51 -32.80
CA GLY A 190 37.01 14.15 -31.92
C GLY A 190 36.33 14.88 -30.77
N ARG A 191 37.15 15.43 -29.90
CA ARG A 191 36.65 16.22 -28.79
C ARG A 191 36.01 17.51 -29.32
N ALA A 192 34.91 17.91 -28.71
CA ALA A 192 34.22 19.08 -29.24
C ALA A 192 34.86 20.36 -28.73
N ASP A 193 34.66 20.67 -27.45
CA ASP A 193 35.39 21.71 -26.71
C ASP A 193 35.54 23.00 -27.52
N GLU A 194 34.62 23.22 -28.45
CA GLU A 194 34.72 24.38 -29.32
C GLU A 194 33.38 25.07 -29.49
N LEU A 195 32.29 24.33 -29.29
CA LEU A 195 30.96 24.89 -29.44
C LEU A 195 30.44 25.54 -28.16
N VAL A 196 31.12 25.33 -27.04
CA VAL A 196 30.80 26.03 -25.80
C VAL A 196 32.07 26.71 -25.30
N SER A 197 32.22 27.98 -25.64
CA SER A 197 33.38 28.77 -25.24
C SER A 197 32.93 30.18 -24.89
N ALA A 198 33.71 30.84 -24.03
CA ALA A 198 33.45 32.22 -23.66
C ALA A 198 33.21 33.06 -24.91
N THR A 199 32.20 33.93 -24.86
CA THR A 199 31.49 34.28 -23.64
C THR A 199 30.20 33.49 -23.39
N ASP A 200 30.11 32.27 -23.90
CA ASP A 200 28.92 31.45 -23.65
C ASP A 200 28.79 31.13 -22.16
N ARG A 201 29.91 30.81 -21.51
CA ARG A 201 29.87 30.55 -20.07
C ARG A 201 29.50 31.81 -19.29
N LYS A 202 29.97 32.97 -19.75
CA LYS A 202 29.59 34.22 -19.09
C LYS A 202 28.11 34.50 -19.26
N VAL A 203 27.55 34.21 -20.44
CA VAL A 203 26.12 34.42 -20.67
C VAL A 203 25.32 33.48 -19.77
N ALA A 204 25.76 32.22 -19.63
CA ALA A 204 25.05 31.29 -18.77
C ALA A 204 25.13 31.71 -17.31
N MET A 205 26.30 32.17 -16.86
CA MET A 205 26.42 32.68 -15.50
C MET A 205 25.49 33.87 -15.27
N GLY A 206 25.43 34.77 -16.25
CA GLY A 206 24.51 35.88 -16.15
C GLY A 206 23.06 35.43 -16.08
N PHE A 207 22.69 34.45 -16.88
CA PHE A 207 21.33 33.92 -16.85
C PHE A 207 21.00 33.33 -15.49
N LEU A 208 21.92 32.52 -14.94
CA LEU A 208 21.67 31.88 -13.66
C LEU A 208 21.56 32.92 -12.54
N ALA A 209 22.52 33.84 -12.48
CA ALA A 209 22.50 34.86 -11.44
C ALA A 209 21.26 35.75 -11.55
N ALA A 210 20.91 36.15 -12.78
CA ALA A 210 19.73 36.98 -12.98
C ALA A 210 18.47 36.23 -12.59
N THR A 211 18.38 34.95 -12.92
CA THR A 211 17.20 34.17 -12.54
C THR A 211 17.04 34.13 -11.02
N ILE A 212 18.11 33.80 -10.31
CA ILE A 212 18.03 33.71 -8.86
C ILE A 212 17.69 35.08 -8.26
N LEU A 213 18.37 36.13 -8.73
CA LEU A 213 18.17 37.47 -8.19
C LEU A 213 16.76 37.97 -8.47
N ILE A 214 16.24 37.70 -9.67
CA ILE A 214 14.89 38.14 -10.01
C ILE A 214 13.86 37.39 -9.20
N VAL A 215 14.07 36.08 -8.97
CA VAL A 215 13.13 35.34 -8.14
C VAL A 215 13.12 35.91 -6.72
N VAL A 216 14.30 36.18 -6.17
CA VAL A 216 14.37 36.72 -4.80
C VAL A 216 13.72 38.10 -4.73
N MET A 217 14.03 38.97 -5.69
CA MET A 217 13.47 40.32 -5.68
C MET A 217 11.96 40.30 -5.87
N ALA A 218 11.47 39.45 -6.77
CA ALA A 218 10.04 39.36 -6.99
C ALA A 218 9.32 38.83 -5.75
N MET A 219 9.91 37.84 -5.08
CA MET A 219 9.30 37.35 -3.84
C MET A 219 9.27 38.45 -2.78
N SER A 220 10.37 39.20 -2.64
CA SER A 220 10.40 40.28 -1.67
C SER A 220 9.37 41.36 -1.99
N SER A 221 9.25 41.71 -3.27
CA SER A 221 8.27 42.72 -3.67
C SER A 221 6.85 42.24 -3.44
N ALA A 222 6.57 40.96 -3.74
CA ALA A 222 5.26 40.38 -3.48
C ALA A 222 5.01 40.15 -2.00
N ASN A 223 6.05 40.26 -1.17
CA ASN A 223 5.86 40.25 0.29
C ASN A 223 5.62 41.65 0.84
N SER A 224 6.27 42.67 0.27
CA SER A 224 6.02 44.05 0.71
C SER A 224 4.61 44.47 0.33
N LYS A 225 4.24 44.30 -0.94
CA LYS A 225 2.84 44.34 -1.31
C LYS A 225 2.17 43.06 -0.83
N TYR A 226 0.89 43.14 -0.50
CA TYR A 226 0.18 42.05 0.14
C TYR A 226 0.95 41.53 1.36
N PRO A 227 1.23 42.38 2.35
CA PRO A 227 1.96 41.91 3.53
C PRO A 227 1.17 40.94 4.38
N ILE A 228 -0.14 40.88 4.20
CA ILE A 228 -1.02 40.01 4.98
C ILE A 228 -1.55 38.93 4.05
N THR A 229 -1.10 37.69 4.27
CA THR A 229 -1.58 36.55 3.52
C THR A 229 -1.87 35.40 4.48
N ILE A 230 -2.79 34.53 4.07
CA ILE A 230 -3.14 33.36 4.85
C ILE A 230 -3.06 32.13 3.94
N PRO A 231 -2.78 30.95 4.48
CA PRO A 231 -2.77 29.74 3.64
C PRO A 231 -4.19 29.38 3.22
N LEU A 232 -4.27 28.44 2.28
CA LEU A 232 -5.56 27.93 1.84
C LEU A 232 -6.29 27.29 3.02
N GLN A 233 -7.56 27.63 3.16
CA GLN A 233 -8.37 27.13 4.27
C GLN A 233 -9.04 25.83 3.86
N ALA A 234 -8.66 24.74 4.53
CA ALA A 234 -9.17 23.42 4.18
C ALA A 234 -9.41 22.63 5.46
N GLY A 235 -10.10 21.51 5.30
CA GLY A 235 -10.37 20.62 6.42
C GLY A 235 -11.83 20.27 6.56
N THR A 236 -12.12 18.97 6.71
CA THR A 236 -13.49 18.53 6.88
C THR A 236 -14.08 19.12 8.14
N MET A 237 -15.34 19.55 8.05
CA MET A 237 -16.03 20.23 9.14
C MET A 237 -16.98 19.24 9.81
N ARG A 238 -16.81 19.03 11.11
CA ARG A 238 -17.64 18.12 11.88
C ARG A 238 -18.79 18.88 12.51
N GLY A 239 -19.63 18.14 13.22
CA GLY A 239 -20.74 18.74 13.95
C GLY A 239 -21.80 19.38 13.08
N MET A 240 -22.16 18.73 11.97
CA MET A 240 -23.31 19.16 11.19
C MET A 240 -24.58 18.86 11.99
N LYS A 241 -25.46 19.85 12.10
CA LYS A 241 -26.64 19.70 12.92
C LYS A 241 -27.76 19.04 12.11
N PRO A 242 -28.16 17.82 12.44
CA PRO A 242 -29.25 17.17 11.72
C PRO A 242 -30.61 17.64 12.22
N LEU A 243 -31.61 17.43 11.38
CA LEU A 243 -32.98 17.77 11.75
C LEU A 243 -33.49 16.82 12.83
N GLU A 244 -34.17 17.37 13.82
CA GLU A 244 -34.78 16.57 14.89
C GLU A 244 -36.23 16.27 14.51
N LEU A 245 -36.38 15.27 13.65
CA LEU A 245 -37.71 14.91 13.17
C LEU A 245 -38.47 14.16 14.24
N PRO A 246 -39.79 14.36 14.35
CA PRO A 246 -40.57 13.55 15.28
C PRO A 246 -40.66 12.11 14.80
N ALA A 247 -40.81 11.20 15.75
CA ALA A 247 -40.92 9.79 15.40
C ALA A 247 -42.20 9.57 14.59
N PRO A 248 -42.12 8.88 13.45
CA PRO A 248 -43.33 8.68 12.63
C PRO A 248 -44.36 7.85 13.37
N THR A 249 -45.62 8.19 13.16
CA THR A 249 -46.74 7.43 13.70
C THR A 249 -47.24 6.36 12.76
N VAL A 250 -46.57 6.16 11.62
CA VAL A 250 -46.95 5.17 10.64
C VAL A 250 -45.81 4.16 10.52
N SER A 251 -46.14 2.88 10.62
CA SER A 251 -45.18 1.80 10.40
C SER A 251 -45.62 1.02 9.17
N VAL A 252 -44.68 0.78 8.25
CA VAL A 252 -44.95 0.09 7.01
C VAL A 252 -43.99 -1.09 6.90
N LYS A 253 -44.54 -2.26 6.61
CA LYS A 253 -43.76 -3.46 6.37
C LYS A 253 -43.96 -3.89 4.93
N VAL A 254 -42.87 -4.03 4.18
CA VAL A 254 -42.95 -4.39 2.78
C VAL A 254 -43.00 -5.90 2.69
N GLU A 255 -44.11 -6.43 2.18
CA GLU A 255 -44.27 -7.85 1.92
C GLU A 255 -44.13 -8.05 0.41
N ASP A 256 -42.89 -8.28 -0.01
CA ASP A 256 -42.49 -8.52 -1.40
C ASP A 256 -42.66 -7.26 -2.27
N ALA A 257 -41.79 -7.11 -3.25
CA ALA A 257 -41.85 -6.00 -4.20
C ALA A 257 -41.36 -6.51 -5.55
N THR A 258 -42.14 -6.28 -6.59
CA THR A 258 -41.84 -6.82 -7.91
C THR A 258 -41.95 -5.73 -8.97
N TYR A 259 -41.22 -5.92 -10.06
CA TYR A 259 -41.31 -5.07 -11.23
C TYR A 259 -41.24 -5.94 -12.47
N ARG A 260 -42.04 -5.60 -13.48
CA ARG A 260 -42.09 -6.37 -14.71
C ARG A 260 -40.89 -6.05 -15.60
N VAL A 261 -40.33 -7.09 -16.20
CA VAL A 261 -39.26 -6.95 -17.17
C VAL A 261 -39.73 -7.50 -18.52
N PRO A 262 -39.93 -6.64 -19.54
CA PRO A 262 -39.80 -5.18 -19.44
C PRO A 262 -41.07 -4.53 -18.92
N GLY A 263 -40.95 -3.29 -18.47
CA GLY A 263 -42.11 -2.57 -17.97
C GLY A 263 -41.70 -1.20 -17.46
N ARG A 264 -42.72 -0.41 -17.12
CA ARG A 264 -42.52 0.92 -16.57
C ARG A 264 -43.17 1.07 -15.20
N ALA A 265 -43.45 -0.04 -14.52
CA ALA A 265 -44.16 -0.03 -13.27
C ALA A 265 -43.44 -0.87 -12.24
N MET A 266 -43.59 -0.49 -10.97
CA MET A 266 -43.07 -1.24 -9.84
C MET A 266 -44.23 -1.51 -8.89
N ARG A 267 -44.35 -2.75 -8.44
CA ARG A 267 -45.45 -3.18 -7.59
C ARG A 267 -44.90 -3.71 -6.27
N MET A 268 -45.55 -3.31 -5.18
CA MET A 268 -45.15 -3.79 -3.86
C MET A 268 -46.39 -3.89 -2.97
N LYS A 269 -46.32 -4.82 -2.03
CA LYS A 269 -47.40 -5.06 -1.08
C LYS A 269 -46.95 -4.60 0.30
N LEU A 270 -47.68 -3.65 0.87
CA LEU A 270 -47.31 -3.01 2.12
C LEU A 270 -48.35 -3.30 3.20
N THR A 271 -47.88 -3.57 4.41
CA THR A 271 -48.72 -3.68 5.58
C THR A 271 -48.53 -2.39 6.38
N ILE A 272 -49.54 -1.53 6.37
CA ILE A 272 -49.47 -0.21 6.98
C ILE A 272 -50.24 -0.24 8.29
N THR A 273 -49.57 0.14 9.38
CA THR A 273 -50.18 0.25 10.70
C THR A 273 -50.21 1.72 11.10
N ASN A 274 -51.40 2.24 11.38
CA ASN A 274 -51.58 3.65 11.69
C ASN A 274 -51.62 3.82 13.20
N HIS A 275 -50.59 4.45 13.76
CA HIS A 275 -50.61 4.87 15.14
C HIS A 275 -50.99 6.35 15.20
N GLY A 276 -50.96 6.92 16.40
CA GLY A 276 -51.42 8.28 16.58
C GLY A 276 -52.93 8.35 16.57
N ASN A 277 -53.48 9.52 16.25
CA ASN A 277 -54.91 9.74 16.36
C ASN A 277 -55.50 10.48 15.16
N SER A 278 -55.12 10.09 13.94
CA SER A 278 -55.69 10.74 12.77
C SER A 278 -55.73 9.77 11.61
N PRO A 279 -56.79 9.79 10.78
CA PRO A 279 -56.82 8.91 9.60
C PRO A 279 -55.79 9.34 8.55
N ILE A 280 -54.94 8.42 8.13
CA ILE A 280 -53.86 8.72 7.20
C ILE A 280 -54.22 8.15 5.82
N ARG A 281 -53.55 8.67 4.80
CA ARG A 281 -53.71 8.17 3.44
C ARG A 281 -52.36 8.27 2.73
N LEU A 282 -52.03 7.26 1.95
CA LEU A 282 -50.77 7.24 1.23
C LEU A 282 -50.82 8.22 0.07
N GLY A 283 -49.90 9.18 0.06
CA GLY A 283 -49.93 10.25 -0.93
C GLY A 283 -48.78 10.25 -1.91
N GLU A 284 -47.64 9.68 -1.52
CA GLU A 284 -46.46 9.75 -2.37
C GLU A 284 -45.55 8.56 -2.12
N PHE A 285 -44.84 8.15 -3.17
CA PHE A 285 -43.74 7.19 -3.06
C PHE A 285 -42.56 7.77 -3.84
N TYR A 286 -41.49 8.08 -3.14
CA TYR A 286 -40.25 8.58 -3.74
C TYR A 286 -39.21 7.48 -3.64
N THR A 287 -38.63 7.09 -4.78
CA THR A 287 -37.66 6.00 -4.81
C THR A 287 -36.26 6.50 -5.16
N ALA A 288 -36.07 7.13 -6.31
CA ALA A 288 -34.78 7.72 -6.66
C ALA A 288 -35.06 8.93 -7.55
N SER A 289 -35.19 10.10 -6.91
CA SER A 289 -35.46 11.37 -7.58
C SER A 289 -36.81 11.38 -8.30
N VAL A 290 -37.54 10.26 -8.25
CA VAL A 290 -38.81 10.12 -8.92
C VAL A 290 -39.91 10.09 -7.87
N ARG A 291 -40.90 10.97 -8.01
CA ARG A 291 -42.01 11.09 -7.07
C ARG A 291 -43.26 10.54 -7.72
N PHE A 292 -43.73 9.40 -7.23
CA PHE A 292 -45.00 8.83 -7.66
C PHE A 292 -46.10 9.34 -6.72
N LEU A 293 -47.04 10.10 -7.27
CA LEU A 293 -48.06 10.76 -6.48
C LEU A 293 -49.42 10.10 -6.69
N ASP A 294 -50.19 10.01 -5.61
CA ASP A 294 -51.61 9.68 -5.69
C ASP A 294 -52.37 11.00 -5.74
N SER A 295 -52.82 11.38 -6.93
CA SER A 295 -53.38 12.71 -7.13
C SER A 295 -54.63 12.95 -6.28
N ASP A 296 -55.35 11.89 -5.95
CA ASP A 296 -56.52 12.02 -5.09
C ASP A 296 -56.17 12.36 -3.65
N VAL A 297 -54.91 12.19 -3.24
CA VAL A 297 -54.48 12.41 -1.86
C VAL A 297 -53.61 13.65 -1.74
N TYR A 298 -52.66 13.82 -2.66
CA TYR A 298 -51.71 14.93 -2.59
C TYR A 298 -51.37 15.43 -3.99
N LYS A 299 -51.13 16.73 -4.10
CA LYS A 299 -50.73 17.37 -5.34
C LYS A 299 -49.48 18.20 -5.09
N ASP A 300 -48.54 18.14 -6.04
CA ASP A 300 -47.29 18.88 -5.90
C ASP A 300 -47.48 20.32 -6.37
N THR A 301 -47.01 21.26 -5.54
CA THR A 301 -47.09 22.68 -5.86
C THR A 301 -45.73 23.37 -5.82
N THR A 302 -44.66 22.65 -5.51
CA THR A 302 -43.33 23.23 -5.36
C THR A 302 -42.58 23.33 -6.69
N GLY A 303 -43.26 23.07 -7.81
CA GLY A 303 -42.59 23.12 -9.11
C GLY A 303 -41.55 22.03 -9.30
N TYR A 304 -41.85 20.81 -8.87
CA TYR A 304 -40.95 19.70 -9.07
C TYR A 304 -40.77 19.43 -10.57
N PRO A 305 -39.58 19.00 -10.99
CA PRO A 305 -39.35 18.72 -12.40
C PRO A 305 -40.36 17.73 -12.95
N GLU A 306 -40.94 18.07 -14.11
CA GLU A 306 -42.05 17.29 -14.65
C GLU A 306 -41.61 15.87 -15.02
N ASP A 307 -40.43 15.73 -15.61
CA ASP A 307 -39.96 14.41 -16.02
C ASP A 307 -39.67 13.52 -14.82
N LEU A 308 -39.50 14.09 -13.63
CA LEU A 308 -39.32 13.33 -12.41
C LEU A 308 -40.59 13.22 -11.58
N LEU A 309 -41.69 13.81 -12.02
CA LEU A 309 -42.92 13.87 -11.25
C LEU A 309 -44.00 13.04 -11.93
N ALA A 310 -44.55 12.06 -11.21
CA ALA A 310 -45.66 11.24 -11.67
C ALA A 310 -46.89 11.70 -10.88
N GLU A 311 -47.71 12.54 -11.51
CA GLU A 311 -48.84 13.15 -10.82
C GLU A 311 -49.85 12.10 -10.35
N ASP A 312 -50.12 11.11 -11.20
CA ASP A 312 -51.01 10.01 -10.84
C ASP A 312 -50.32 8.66 -10.99
N GLY A 313 -49.00 8.66 -10.87
CA GLY A 313 -48.23 7.44 -11.03
C GLY A 313 -48.32 6.46 -9.89
N LEU A 314 -48.89 6.87 -8.76
CA LEU A 314 -49.02 6.00 -7.60
C LEU A 314 -50.47 5.54 -7.48
N SER A 315 -50.69 4.25 -7.66
CA SER A 315 -52.02 3.65 -7.52
C SER A 315 -52.01 2.70 -6.34
N VAL A 316 -52.91 2.95 -5.38
CA VAL A 316 -53.06 2.12 -4.19
C VAL A 316 -54.35 1.33 -4.33
N SER A 317 -54.28 0.03 -4.04
CA SER A 317 -55.45 -0.82 -4.20
C SER A 317 -56.60 -0.35 -3.32
N ASP A 318 -56.32 0.02 -2.08
CA ASP A 318 -57.31 0.56 -1.16
C ASP A 318 -56.66 1.74 -0.43
N ASN A 319 -56.83 2.94 -0.97
CA ASN A 319 -56.29 4.16 -0.36
C ASN A 319 -57.35 4.93 0.41
N SER A 320 -58.34 4.23 0.96
CA SER A 320 -59.28 4.86 1.86
C SER A 320 -58.55 5.27 3.14
N PRO A 321 -59.08 6.25 3.87
CA PRO A 321 -58.41 6.70 5.10
C PRO A 321 -58.20 5.54 6.07
N LEU A 322 -57.02 5.52 6.70
CA LEU A 322 -56.64 4.46 7.61
C LEU A 322 -56.86 4.95 9.03
N ALA A 323 -57.86 4.39 9.70
CA ALA A 323 -58.20 4.81 11.05
C ALA A 323 -57.05 4.48 12.01
N PRO A 324 -56.86 5.30 13.05
CA PRO A 324 -55.78 5.02 14.00
C PRO A 324 -55.94 3.66 14.66
N GLY A 325 -54.83 2.96 14.80
CA GLY A 325 -54.84 1.63 15.40
C GLY A 325 -55.13 0.53 14.40
N GLU A 326 -55.60 0.90 13.21
CA GLU A 326 -55.99 -0.09 12.22
C GLU A 326 -54.81 -0.48 11.34
N THR A 327 -54.73 -1.77 11.03
CA THR A 327 -53.67 -2.33 10.19
C THR A 327 -54.30 -2.96 8.96
N ARG A 328 -53.83 -2.60 7.78
CA ARG A 328 -54.33 -3.20 6.55
C ARG A 328 -53.17 -3.38 5.57
N THR A 329 -53.33 -4.35 4.68
CA THR A 329 -52.34 -4.67 3.66
C THR A 329 -52.89 -4.32 2.29
N VAL A 330 -52.15 -3.50 1.54
CA VAL A 330 -52.60 -3.02 0.23
C VAL A 330 -51.52 -3.32 -0.81
N ASP A 331 -51.94 -3.34 -2.06
CA ASP A 331 -51.05 -3.47 -3.20
C ASP A 331 -50.80 -2.08 -3.80
N VAL A 332 -49.54 -1.66 -3.80
CA VAL A 332 -49.15 -0.33 -4.26
C VAL A 332 -48.37 -0.48 -5.55
N THR A 333 -48.81 0.21 -6.59
CA THR A 333 -48.16 0.20 -7.89
C THR A 333 -47.67 1.60 -8.22
N ALA A 334 -46.37 1.73 -8.48
CA ALA A 334 -45.77 2.99 -8.92
C ALA A 334 -45.41 2.83 -10.40
N SER A 335 -46.15 3.53 -11.25
CA SER A 335 -46.01 3.39 -12.69
C SER A 335 -45.86 4.76 -13.33
N ASP A 336 -44.82 4.92 -14.15
CA ASP A 336 -44.61 6.14 -14.90
C ASP A 336 -43.53 5.90 -15.94
N ALA A 337 -43.55 6.72 -16.99
CA ALA A 337 -42.49 6.66 -18.00
C ALA A 337 -41.12 6.96 -17.43
N ALA A 338 -41.04 7.70 -16.32
CA ALA A 338 -39.77 7.97 -15.67
C ALA A 338 -39.06 6.70 -15.21
N TRP A 339 -39.79 5.67 -14.80
CA TRP A 339 -39.19 4.41 -14.37
C TRP A 339 -38.29 3.80 -15.44
N GLU A 340 -38.60 4.02 -16.71
CA GLU A 340 -37.74 3.58 -17.80
C GLU A 340 -36.85 4.68 -18.36
N VAL A 341 -37.29 5.94 -18.32
CA VAL A 341 -36.47 7.03 -18.82
C VAL A 341 -35.21 7.20 -17.96
N TYR A 342 -35.35 7.17 -16.64
CA TYR A 342 -34.21 7.28 -15.73
C TYR A 342 -33.59 5.92 -15.41
N ARG A 343 -33.93 4.92 -16.24
CA ARG A 343 -33.32 3.57 -16.12
C ARG A 343 -33.43 3.00 -14.70
N LEU A 344 -34.59 3.15 -14.05
CA LEU A 344 -34.79 2.50 -12.74
C LEU A 344 -35.16 1.03 -13.02
N SER A 345 -35.54 0.71 -14.26
CA SER A 345 -35.85 -0.69 -14.68
C SER A 345 -34.55 -1.48 -14.83
N ASP A 346 -33.40 -0.79 -14.95
CA ASP A 346 -32.10 -1.48 -15.19
C ASP A 346 -31.53 -2.03 -13.88
N ILE A 347 -32.34 -2.10 -12.82
CA ILE A 347 -31.87 -2.76 -11.56
C ILE A 347 -31.71 -4.25 -11.84
N ILE A 348 -32.24 -4.74 -12.98
CA ILE A 348 -32.01 -6.14 -13.34
C ILE A 348 -30.55 -6.38 -13.68
N TYR A 349 -29.83 -5.35 -14.12
CA TYR A 349 -28.41 -5.45 -14.38
C TYR A 349 -27.57 -5.32 -13.12
N ASP A 350 -28.15 -4.85 -12.03
CA ASP A 350 -27.38 -4.55 -10.82
C ASP A 350 -27.05 -5.83 -10.05
N PRO A 351 -25.91 -5.85 -9.37
CA PRO A 351 -25.55 -6.99 -8.51
C PRO A 351 -26.21 -6.98 -7.14
N ASP A 352 -27.13 -6.06 -6.88
CA ASP A 352 -27.83 -6.00 -5.60
C ASP A 352 -29.25 -5.49 -5.87
N SER A 353 -30.18 -6.42 -6.04
CA SER A 353 -31.56 -6.06 -6.40
C SER A 353 -32.37 -5.76 -5.14
N ARG A 354 -32.03 -4.64 -4.52
CA ARG A 354 -32.77 -4.12 -3.37
C ARG A 354 -33.08 -2.65 -3.62
N PHE A 355 -34.28 -2.25 -3.25
CA PHE A 355 -34.72 -0.88 -3.42
C PHE A 355 -34.94 -0.23 -2.06
N ALA A 356 -34.90 1.10 -2.06
CA ALA A 356 -35.28 1.88 -0.89
C ALA A 356 -36.02 3.12 -1.36
N GLY A 357 -36.83 3.67 -0.48
CA GLY A 357 -37.61 4.84 -0.85
C GLY A 357 -38.26 5.47 0.37
N LEU A 358 -39.06 6.49 0.09
CA LEU A 358 -39.80 7.21 1.12
C LEU A 358 -41.28 7.19 0.78
N LEU A 359 -42.11 6.85 1.77
CA LEU A 359 -43.55 6.93 1.64
C LEU A 359 -44.05 8.14 2.44
N PHE A 360 -44.86 8.96 1.80
CA PHE A 360 -45.43 10.15 2.43
C PHE A 360 -46.91 9.90 2.69
N PHE A 361 -47.31 9.94 3.96
CA PHE A 361 -48.67 9.69 4.37
C PHE A 361 -49.29 11.01 4.83
N PHE A 362 -50.49 11.30 4.32
CA PHE A 362 -51.18 12.55 4.61
C PHE A 362 -52.52 12.26 5.28
N ASP A 363 -52.85 13.05 6.29
CA ASP A 363 -54.13 12.98 6.96
C ASP A 363 -55.07 14.05 6.40
N ALA A 364 -56.27 14.12 6.98
CA ALA A 364 -57.28 15.06 6.48
C ALA A 364 -56.83 16.51 6.65
N THR A 365 -56.27 16.85 7.81
CA THR A 365 -55.85 18.22 8.07
C THR A 365 -54.69 18.67 7.19
N GLY A 366 -53.95 17.74 6.59
CA GLY A 366 -52.89 18.06 5.67
C GLY A 366 -51.48 17.80 6.17
N ASN A 367 -51.30 17.61 7.48
CA ASN A 367 -49.97 17.32 8.00
C ASN A 367 -49.53 15.94 7.55
N ARG A 368 -48.25 15.81 7.23
CA ARG A 368 -47.73 14.63 6.55
C ARG A 368 -46.74 13.88 7.42
N GLN A 369 -46.60 12.59 7.12
CA GLN A 369 -45.66 11.71 7.79
C GLN A 369 -44.75 11.06 6.75
N VAL A 370 -43.46 10.98 7.06
CA VAL A 370 -42.47 10.39 6.19
C VAL A 370 -42.01 9.08 6.81
N VAL A 371 -42.19 7.97 6.07
CA VAL A 371 -41.70 6.68 6.50
C VAL A 371 -40.83 6.11 5.40
N GLN A 372 -39.78 5.40 5.81
CA GLN A 372 -38.80 4.85 4.89
C GLN A 372 -39.01 3.35 4.74
N ILE A 373 -38.95 2.86 3.52
CA ILE A 373 -39.14 1.45 3.21
C ILE A 373 -37.96 0.96 2.39
N ASP A 374 -37.56 -0.28 2.62
CA ASP A 374 -36.52 -0.93 1.83
C ASP A 374 -36.75 -2.42 1.86
N ALA A 375 -36.60 -3.06 0.69
CA ALA A 375 -36.87 -4.49 0.55
C ALA A 375 -36.20 -4.98 -0.72
N PRO A 376 -36.01 -6.29 -0.86
CA PRO A 376 -35.56 -6.82 -2.15
C PRO A 376 -36.59 -6.54 -3.24
N LEU A 377 -36.11 -6.29 -4.44
CA LEU A 377 -36.95 -6.01 -5.60
C LEU A 377 -36.80 -7.17 -6.58
N ILE A 378 -37.85 -7.96 -6.73
CA ILE A 378 -37.80 -9.22 -7.46
C ILE A 378 -38.35 -8.97 -8.87
N PRO A 379 -37.56 -9.16 -9.92
CA PRO A 379 -38.11 -9.04 -11.28
C PRO A 379 -39.10 -10.15 -11.57
N SER A 380 -40.07 -9.83 -12.43
CA SER A 380 -41.03 -10.81 -12.92
C SER A 380 -41.00 -10.77 -14.44
N PHE A 381 -40.93 -11.94 -15.07
CA PHE A 381 -40.74 -12.04 -16.51
C PHE A 381 -41.95 -12.63 -17.22
N MET A 382 -42.64 -13.59 -16.62
CA MET A 382 -43.86 -14.12 -17.20
C MET A 382 -45.09 -13.61 -16.44
N ALA B 1 24.68 14.07 -53.86
CA ALA B 1 24.97 14.63 -52.54
C ALA B 1 24.50 16.08 -52.45
N VAL B 2 25.34 16.95 -51.93
CA VAL B 2 25.05 18.37 -51.87
C VAL B 2 25.95 19.07 -52.88
N ARG B 3 25.43 20.16 -53.46
CA ARG B 3 26.14 20.87 -54.52
C ARG B 3 27.41 21.54 -54.02
N SER B 4 27.31 22.33 -52.96
CA SER B 4 28.44 23.11 -52.48
C SER B 4 28.36 23.28 -50.97
N HIS B 5 29.32 24.06 -50.43
CA HIS B 5 29.34 24.38 -49.01
C HIS B 5 28.10 25.18 -48.60
N ALA B 6 27.70 26.15 -49.43
CA ALA B 6 26.55 26.99 -49.09
C ALA B 6 25.26 26.18 -49.04
N GLU B 7 25.04 25.33 -50.04
CA GLU B 7 23.83 24.51 -50.07
C GLU B 7 23.80 23.54 -48.90
N ALA B 8 24.96 23.03 -48.50
CA ALA B 8 25.04 22.18 -47.31
C ALA B 8 24.61 22.95 -46.07
N VAL B 9 25.04 24.22 -45.97
CA VAL B 9 24.67 25.04 -44.82
C VAL B 9 23.16 25.29 -44.81
N GLN B 10 22.60 25.60 -45.97
CA GLN B 10 21.15 25.83 -46.04
C GLN B 10 20.36 24.58 -45.68
N VAL B 11 20.81 23.43 -46.18
CA VAL B 11 20.16 22.16 -45.86
C VAL B 11 20.25 21.88 -44.37
N SER B 12 21.41 22.14 -43.78
CA SER B 12 21.58 21.94 -42.34
C SER B 12 20.66 22.86 -41.54
N ARG B 13 20.50 24.11 -41.98
CA ARG B 13 19.60 25.03 -41.29
C ARG B 13 18.15 24.56 -41.37
N THR B 14 17.73 24.12 -42.55
CA THR B 14 16.38 23.60 -42.71
C THR B 14 16.15 22.38 -41.83
N ILE B 15 17.13 21.46 -41.81
CA ILE B 15 17.06 20.31 -40.92
C ILE B 15 16.99 20.76 -39.47
N ASP B 16 17.74 21.79 -39.11
CA ASP B 16 17.72 22.31 -37.75
C ASP B 16 16.33 22.74 -37.35
N TRP B 17 15.67 23.54 -38.20
CA TRP B 17 14.34 24.02 -37.86
C TRP B 17 13.33 22.87 -37.80
N MET B 18 13.38 21.95 -38.77
CA MET B 18 12.42 20.85 -38.77
C MET B 18 12.61 19.93 -37.56
N ALA B 19 13.86 19.61 -37.23
CA ALA B 19 14.14 18.74 -36.10
C ALA B 19 13.84 19.43 -34.78
N LEU B 20 14.02 20.76 -34.72
CA LEU B 20 13.61 21.50 -33.54
C LEU B 20 12.10 21.42 -33.36
N PHE B 21 11.35 21.55 -34.46
CA PHE B 21 9.90 21.37 -34.38
C PHE B 21 9.55 19.98 -33.86
N VAL B 22 10.20 18.94 -34.41
CA VAL B 22 9.88 17.57 -34.02
C VAL B 22 10.18 17.34 -32.54
N VAL B 23 11.38 17.72 -32.11
CA VAL B 23 11.77 17.59 -30.71
C VAL B 23 10.80 18.34 -29.82
N PHE B 24 10.53 19.60 -30.15
CA PHE B 24 9.71 20.44 -29.29
C PHE B 24 8.32 19.86 -29.12
N PHE B 25 7.69 19.42 -30.20
CA PHE B 25 6.29 19.03 -30.07
C PHE B 25 6.12 17.58 -29.59
N VAL B 26 7.06 16.69 -29.91
CA VAL B 26 7.01 15.38 -29.28
C VAL B 26 7.22 15.53 -27.78
N ILE B 27 8.16 16.38 -27.36
CA ILE B 27 8.35 16.66 -25.95
C ILE B 27 7.10 17.29 -25.35
N VAL B 28 6.46 18.21 -26.07
CA VAL B 28 5.23 18.82 -25.56
C VAL B 28 4.20 17.75 -25.26
N GLY B 29 3.94 16.86 -26.23
CA GLY B 29 2.94 15.84 -26.02
C GLY B 29 3.27 14.92 -24.86
N SER B 30 4.47 14.34 -24.87
CA SER B 30 4.81 13.35 -23.85
C SER B 30 4.93 13.98 -22.47
N TYR B 31 5.64 15.10 -22.38
CA TYR B 31 5.82 15.79 -21.11
C TYR B 31 4.50 16.30 -20.55
N HIS B 32 3.61 16.80 -21.43
CA HIS B 32 2.31 17.27 -20.94
C HIS B 32 1.47 16.12 -20.42
N ILE B 33 1.47 14.98 -21.12
CA ILE B 33 0.78 13.81 -20.60
C ILE B 33 1.31 13.46 -19.22
N HIS B 34 2.63 13.37 -19.08
CA HIS B 34 3.23 12.97 -17.82
C HIS B 34 2.91 13.96 -16.72
N ALA B 35 3.03 15.27 -17.01
CA ALA B 35 2.80 16.30 -16.01
C ALA B 35 1.35 16.33 -15.58
N MET B 36 0.43 16.40 -16.55
CA MET B 36 -0.98 16.51 -16.22
C MET B 36 -1.51 15.27 -15.54
N LEU B 37 -0.88 14.10 -15.73
CA LEU B 37 -1.31 12.91 -15.01
C LEU B 37 -0.45 12.62 -13.79
N THR B 38 0.53 13.47 -13.49
CA THR B 38 1.28 13.35 -12.24
C THR B 38 1.21 14.60 -11.37
N MET B 39 0.93 15.77 -11.92
CA MET B 39 0.71 16.95 -11.12
C MET B 39 -0.45 17.81 -11.59
N GLY B 40 -1.31 17.31 -12.48
CA GLY B 40 -2.25 18.17 -13.17
C GLY B 40 -3.26 18.83 -12.24
N ASP B 41 -3.76 18.07 -11.26
CA ASP B 41 -4.83 18.59 -10.40
C ASP B 41 -4.37 19.82 -9.61
N TRP B 42 -3.16 19.77 -9.05
CA TRP B 42 -2.63 20.96 -8.41
C TRP B 42 -2.40 22.09 -9.41
N ASP B 43 -1.91 21.76 -10.61
CA ASP B 43 -1.66 22.76 -11.63
C ASP B 43 -2.95 23.38 -12.19
N PHE B 44 -4.08 22.69 -12.05
CA PHE B 44 -5.34 23.17 -12.59
C PHE B 44 -5.95 24.30 -11.76
N TRP B 45 -5.80 24.28 -10.44
CA TRP B 45 -6.64 25.10 -9.58
C TRP B 45 -5.80 25.92 -8.59
N SER B 46 -6.09 27.23 -8.55
CA SER B 46 -5.42 28.11 -7.59
C SER B 46 -5.73 27.70 -6.16
N ASP B 47 -6.92 27.16 -5.91
CA ASP B 47 -7.22 26.66 -4.56
C ASP B 47 -6.60 25.30 -4.30
N TRP B 48 -5.95 24.70 -5.29
CA TRP B 48 -5.09 23.55 -5.06
C TRP B 48 -3.63 23.94 -4.90
N LYS B 49 -3.24 25.13 -5.34
CA LYS B 49 -1.85 25.58 -5.20
C LYS B 49 -1.57 25.89 -3.73
N ASP B 50 -1.28 24.85 -2.96
CA ASP B 50 -1.04 24.97 -1.53
C ASP B 50 0.47 24.99 -1.24
N ARG B 51 0.82 25.00 0.04
CA ARG B 51 2.22 25.04 0.45
C ARG B 51 2.84 23.67 0.69
N ARG B 52 2.04 22.63 0.94
CA ARG B 52 2.59 21.31 1.20
C ARG B 52 2.63 20.42 -0.04
N LEU B 53 1.46 20.09 -0.59
CA LEU B 53 1.40 19.05 -1.62
C LEU B 53 1.84 19.59 -2.97
N TRP B 54 1.39 20.79 -3.34
CA TRP B 54 1.79 21.39 -4.60
C TRP B 54 3.30 21.58 -4.66
N VAL B 55 3.86 22.24 -3.64
CA VAL B 55 5.29 22.49 -3.55
C VAL B 55 6.07 21.19 -3.51
N THR B 56 5.56 20.18 -2.81
CA THR B 56 6.26 18.90 -2.76
C THR B 56 6.24 18.22 -4.12
N VAL B 57 5.06 17.92 -4.64
CA VAL B 57 4.92 17.04 -5.78
C VAL B 57 5.42 17.65 -7.09
N THR B 58 5.10 18.93 -7.37
CA THR B 58 5.31 19.44 -8.72
C THR B 58 6.76 19.35 -9.20
N PRO B 59 7.77 19.85 -8.48
CA PRO B 59 9.14 19.73 -9.00
C PRO B 59 9.60 18.29 -9.12
N ILE B 60 9.17 17.41 -8.20
CA ILE B 60 9.63 16.02 -8.22
C ILE B 60 9.22 15.34 -9.52
N VAL B 61 7.94 15.42 -9.87
CA VAL B 61 7.44 14.77 -11.08
C VAL B 61 7.76 15.57 -12.33
N LEU B 62 8.11 16.84 -12.22
CA LEU B 62 8.42 17.64 -13.39
C LEU B 62 9.89 17.64 -13.78
N VAL B 63 10.79 17.22 -12.88
CA VAL B 63 12.20 17.12 -13.25
C VAL B 63 12.49 15.94 -14.16
N THR B 64 11.52 15.06 -14.38
CA THR B 64 11.74 13.83 -15.14
C THR B 64 12.25 14.11 -16.55
N PHE B 65 11.42 14.73 -17.38
CA PHE B 65 11.77 14.97 -18.77
C PHE B 65 12.98 15.89 -18.93
N PRO B 66 13.14 16.97 -18.17
CA PRO B 66 14.38 17.75 -18.28
C PRO B 66 15.64 16.93 -18.10
N ALA B 67 15.66 15.99 -17.15
CA ALA B 67 16.85 15.18 -16.93
C ALA B 67 17.20 14.36 -18.16
N ALA B 68 16.21 13.67 -18.74
CA ALA B 68 16.46 12.82 -19.90
C ALA B 68 16.86 13.64 -21.11
N VAL B 69 16.12 14.72 -21.38
CA VAL B 69 16.42 15.53 -22.55
C VAL B 69 17.77 16.22 -22.40
N GLN B 70 18.14 16.59 -21.18
CA GLN B 70 19.47 17.12 -20.94
C GLN B 70 20.53 16.08 -21.22
N SER B 71 20.35 14.87 -20.67
CA SER B 71 21.32 13.79 -20.86
C SER B 71 21.51 13.47 -22.33
N TYR B 72 20.52 13.75 -23.15
CA TYR B 72 20.69 13.52 -24.58
C TYR B 72 21.30 14.74 -25.27
N LEU B 73 20.66 15.91 -25.12
CA LEU B 73 21.06 17.08 -25.88
C LEU B 73 22.45 17.54 -25.52
N TRP B 74 22.75 17.69 -24.23
CA TRP B 74 24.08 18.13 -23.83
C TRP B 74 25.13 17.13 -24.28
N GLU B 75 24.90 15.84 -24.04
CA GLU B 75 25.89 14.83 -24.37
C GLU B 75 26.17 14.76 -25.86
N ARG B 76 25.15 14.91 -26.71
CA ARG B 76 25.33 14.68 -28.14
C ARG B 76 25.57 15.95 -28.95
N TYR B 77 25.17 17.12 -28.46
CA TYR B 77 25.31 18.34 -29.24
C TYR B 77 25.89 19.51 -28.44
N ARG B 78 26.13 19.36 -27.15
CA ARG B 78 26.50 20.47 -26.28
C ARG B 78 25.48 21.60 -26.36
N LEU B 79 24.20 21.22 -26.40
CA LEU B 79 23.09 22.17 -26.38
C LEU B 79 22.52 22.23 -24.97
N PRO B 80 22.78 23.29 -24.21
CA PRO B 80 22.37 23.35 -22.80
C PRO B 80 20.98 23.95 -22.57
N TRP B 81 19.98 23.44 -23.30
CA TRP B 81 18.62 23.93 -23.06
C TRP B 81 17.59 22.81 -23.09
N GLY B 82 17.97 21.59 -22.68
CA GLY B 82 16.99 20.51 -22.61
C GLY B 82 15.91 20.80 -21.58
N ALA B 83 16.33 21.21 -20.38
CA ALA B 83 15.36 21.53 -19.34
C ALA B 83 14.48 22.71 -19.75
N THR B 84 15.09 23.74 -20.35
CA THR B 84 14.33 24.91 -20.75
C THR B 84 13.32 24.57 -21.83
N VAL B 85 13.71 23.76 -22.82
CA VAL B 85 12.78 23.42 -23.89
C VAL B 85 11.65 22.54 -23.35
N CYS B 86 11.97 21.61 -22.43
CA CYS B 86 10.91 20.80 -21.82
C CYS B 86 9.92 21.69 -21.08
N VAL B 87 10.42 22.61 -20.26
CA VAL B 87 9.55 23.44 -19.44
C VAL B 87 8.74 24.39 -20.32
N LEU B 88 9.37 24.96 -21.35
CA LEU B 88 8.65 25.85 -22.26
C LEU B 88 7.55 25.10 -23.01
N GLY B 89 7.83 23.87 -23.46
CA GLY B 89 6.80 23.10 -24.13
C GLY B 89 5.65 22.74 -23.22
N LEU B 90 5.96 22.33 -21.99
CA LEU B 90 4.91 22.05 -21.02
C LEU B 90 4.07 23.28 -20.75
N LEU B 91 4.71 24.44 -20.57
CA LEU B 91 3.97 25.67 -20.30
C LEU B 91 3.12 26.07 -21.50
N LEU B 92 3.63 25.89 -22.70
CA LEU B 92 2.86 26.23 -23.90
C LEU B 92 1.63 25.35 -24.02
N GLY B 93 1.79 24.03 -23.88
CA GLY B 93 0.64 23.15 -23.94
C GLY B 93 -0.37 23.45 -22.85
N GLU B 94 0.11 23.65 -21.62
CA GLU B 94 -0.77 23.93 -20.51
C GLU B 94 -1.54 25.23 -20.73
N TRP B 95 -0.85 26.29 -21.16
CA TRP B 95 -1.52 27.57 -21.38
C TRP B 95 -2.51 27.51 -22.54
N ILE B 96 -2.17 26.80 -23.61
CA ILE B 96 -3.10 26.64 -24.72
C ILE B 96 -4.38 25.96 -24.23
N ASN B 97 -4.24 24.87 -23.48
CA ASN B 97 -5.43 24.20 -22.97
C ASN B 97 -6.19 25.07 -21.97
N ARG B 98 -5.50 25.78 -21.08
CA ARG B 98 -6.18 26.65 -20.13
C ARG B 98 -7.00 27.71 -20.84
N TYR B 99 -6.43 28.35 -21.85
CA TYR B 99 -7.11 29.45 -22.52
C TYR B 99 -8.23 28.98 -23.43
N PHE B 100 -8.01 27.90 -24.19
CA PHE B 100 -8.99 27.53 -25.20
C PHE B 100 -10.00 26.51 -24.70
N ASN B 101 -9.70 25.80 -23.62
CA ASN B 101 -10.60 24.77 -23.11
C ASN B 101 -11.10 25.10 -21.70
N PHE B 102 -10.20 25.34 -20.75
CA PHE B 102 -10.62 25.70 -19.40
C PHE B 102 -11.41 27.00 -19.40
N TRP B 103 -10.91 28.01 -20.11
CA TRP B 103 -11.60 29.27 -20.26
C TRP B 103 -12.40 29.36 -21.56
N GLY B 104 -11.96 28.68 -22.61
CA GLY B 104 -12.69 28.68 -23.86
C GLY B 104 -13.90 27.78 -23.87
N TRP B 105 -13.68 26.47 -23.75
CA TRP B 105 -14.79 25.52 -23.73
C TRP B 105 -15.67 25.72 -22.51
N THR B 106 -15.14 25.41 -21.33
CA THR B 106 -15.77 25.82 -20.08
C THR B 106 -15.39 27.27 -19.83
N TYR B 107 -16.03 27.89 -18.85
CA TYR B 107 -15.77 29.31 -18.67
C TYR B 107 -15.18 29.62 -17.31
N PHE B 108 -14.22 28.80 -16.89
CA PHE B 108 -13.43 29.09 -15.69
C PHE B 108 -12.48 30.24 -15.95
N PRO B 109 -12.38 31.19 -15.02
CA PRO B 109 -11.48 32.33 -15.24
C PRO B 109 -10.02 31.90 -15.25
N ILE B 110 -9.22 32.66 -16.02
CA ILE B 110 -7.79 32.38 -16.15
C ILE B 110 -7.10 32.54 -14.80
N ASN B 111 -7.52 33.54 -14.02
CA ASN B 111 -6.94 33.73 -12.69
C ASN B 111 -7.27 32.58 -11.75
N PHE B 112 -8.20 31.71 -12.14
CA PHE B 112 -8.50 30.49 -11.40
C PHE B 112 -7.79 29.27 -11.96
N VAL B 113 -7.56 29.20 -13.27
CA VAL B 113 -7.02 27.99 -13.88
C VAL B 113 -5.63 28.20 -14.46
N PHE B 114 -4.90 29.21 -14.00
CA PHE B 114 -3.55 29.44 -14.51
C PHE B 114 -2.61 28.30 -14.09
N PRO B 115 -1.61 27.99 -14.91
CA PRO B 115 -0.60 26.99 -14.54
C PRO B 115 0.49 27.61 -13.69
N ALA B 116 1.35 26.73 -13.16
CA ALA B 116 2.49 27.15 -12.36
C ALA B 116 3.66 27.54 -13.25
N SER B 117 4.59 28.32 -12.68
CA SER B 117 5.78 28.76 -13.37
C SER B 117 6.95 27.83 -13.07
N LEU B 118 7.73 27.49 -14.09
CA LEU B 118 8.83 26.52 -13.97
C LEU B 118 10.11 26.98 -14.65
N VAL B 119 10.07 28.09 -15.38
CA VAL B 119 11.25 28.56 -16.11
C VAL B 119 12.45 28.82 -15.19
N PRO B 120 12.29 29.42 -14.00
CA PRO B 120 13.47 29.59 -13.14
C PRO B 120 14.17 28.28 -12.82
N GLY B 121 13.43 27.25 -12.45
CA GLY B 121 14.03 25.94 -12.20
C GLY B 121 14.70 25.38 -13.44
N ALA B 122 14.05 25.52 -14.59
CA ALA B 122 14.65 25.01 -15.83
C ALA B 122 15.96 25.72 -16.15
N ILE B 123 15.99 27.05 -15.97
CA ILE B 123 17.19 27.82 -16.24
C ILE B 123 18.31 27.41 -15.28
N ILE B 124 17.98 27.21 -14.01
CA ILE B 124 18.98 26.75 -13.06
C ILE B 124 19.53 25.39 -13.50
N LEU B 125 18.65 24.46 -13.86
CA LEU B 125 19.09 23.13 -14.26
C LEU B 125 19.99 23.19 -15.48
N ASP B 126 19.66 24.04 -16.44
CA ASP B 126 20.44 24.13 -17.68
C ASP B 126 21.80 24.79 -17.45
N THR B 127 21.82 25.89 -16.71
CA THR B 127 23.08 26.60 -16.49
C THR B 127 24.03 25.79 -15.61
N VAL B 128 23.50 25.16 -14.56
CA VAL B 128 24.31 24.30 -13.72
C VAL B 128 24.85 23.10 -14.48
N LEU B 129 24.15 22.64 -15.52
CA LEU B 129 24.71 21.59 -16.36
C LEU B 129 25.80 22.12 -17.29
N MET B 130 25.56 23.26 -17.95
CA MET B 130 26.53 23.74 -18.93
C MET B 130 27.83 24.10 -18.23
N LEU B 131 27.75 24.93 -17.19
CA LEU B 131 28.89 25.15 -16.31
C LEU B 131 29.13 23.87 -15.51
N SER B 132 30.39 23.47 -15.36
CA SER B 132 30.67 22.25 -14.60
C SER B 132 29.93 21.07 -15.21
N GLY B 133 30.33 20.66 -16.41
CA GLY B 133 29.52 19.75 -17.21
C GLY B 133 29.13 18.45 -16.53
N SER B 134 29.58 18.25 -15.30
CA SER B 134 29.29 17.03 -14.56
C SER B 134 27.79 16.81 -14.40
N TYR B 135 27.32 15.68 -14.91
CA TYR B 135 25.92 15.29 -14.70
C TYR B 135 25.63 15.00 -13.24
N LEU B 136 26.58 14.44 -12.50
CA LEU B 136 26.39 14.23 -11.07
C LEU B 136 26.24 15.56 -10.34
N PHE B 137 27.11 16.52 -10.67
CA PHE B 137 26.99 17.85 -10.06
C PHE B 137 25.65 18.48 -10.41
N THR B 138 25.20 18.30 -11.64
CA THR B 138 23.89 18.81 -12.01
C THR B 138 22.80 18.16 -11.15
N ALA B 139 22.79 16.82 -11.11
CA ALA B 139 21.76 16.10 -10.35
C ALA B 139 21.75 16.51 -8.89
N ILE B 140 22.91 16.87 -8.33
CA ILE B 140 22.94 17.22 -6.92
C ILE B 140 22.58 18.69 -6.69
N VAL B 141 23.22 19.62 -7.39
CA VAL B 141 23.07 21.04 -7.10
C VAL B 141 21.93 21.66 -7.91
N GLY B 142 21.91 21.41 -9.22
CA GLY B 142 20.89 22.01 -10.06
C GLY B 142 19.50 21.49 -9.74
N ALA B 143 19.38 20.19 -9.44
CA ALA B 143 18.08 19.65 -9.05
C ALA B 143 17.66 20.19 -7.68
N MET B 144 18.63 20.36 -6.76
CA MET B 144 18.35 21.05 -5.51
C MET B 144 17.74 22.41 -5.76
N GLY B 145 18.38 23.21 -6.63
CA GLY B 145 17.87 24.53 -6.93
C GLY B 145 16.51 24.50 -7.62
N TRP B 146 16.33 23.54 -8.52
CA TRP B 146 15.06 23.36 -9.21
C TRP B 146 13.94 23.10 -8.21
N GLY B 147 14.18 22.23 -7.23
CA GLY B 147 13.18 21.98 -6.21
C GLY B 147 12.96 23.18 -5.30
N LEU B 148 14.03 23.88 -4.95
CA LEU B 148 13.92 24.94 -3.95
C LEU B 148 13.29 26.22 -4.51
N ILE B 149 13.53 26.52 -5.79
CA ILE B 149 13.08 27.79 -6.35
C ILE B 149 11.64 27.75 -6.85
N PHE B 150 10.98 26.60 -6.79
CA PHE B 150 9.63 26.48 -7.35
C PHE B 150 8.66 27.41 -6.65
N TYR B 151 8.51 27.27 -5.33
CA TYR B 151 7.55 28.11 -4.61
C TYR B 151 7.90 29.58 -4.64
N PRO B 152 9.16 30.00 -4.38
CA PRO B 152 9.46 31.44 -4.52
C PRO B 152 9.23 31.96 -5.93
N GLY B 153 9.45 31.13 -6.95
CA GLY B 153 9.18 31.56 -8.31
C GLY B 153 7.72 31.82 -8.58
N ASN B 154 6.82 31.04 -7.96
CA ASN B 154 5.40 31.20 -8.15
C ASN B 154 4.74 32.13 -7.14
N TRP B 155 5.48 32.54 -6.10
CA TRP B 155 4.88 33.42 -5.09
C TRP B 155 4.35 34.74 -5.64
N PRO B 156 5.03 35.45 -6.55
CA PRO B 156 4.45 36.68 -7.08
C PRO B 156 3.11 36.49 -7.75
N ILE B 157 2.85 35.29 -8.30
CA ILE B 157 1.58 35.05 -8.98
C ILE B 157 0.47 34.74 -7.97
N ILE B 158 0.75 33.87 -6.99
CA ILE B 158 -0.30 33.37 -6.11
C ILE B 158 -0.46 34.19 -4.84
N ALA B 159 0.49 35.05 -4.50
CA ALA B 159 0.42 35.87 -3.30
C ALA B 159 -0.85 36.73 -3.26
N PRO B 160 -1.24 37.42 -4.34
CA PRO B 160 -2.50 38.18 -4.30
C PRO B 160 -3.72 37.32 -4.04
N LEU B 161 -3.68 36.04 -4.37
CA LEU B 161 -4.80 35.13 -4.15
C LEU B 161 -4.87 34.63 -2.71
N HIS B 162 -3.87 34.97 -1.89
CA HIS B 162 -3.83 34.52 -0.50
C HIS B 162 -4.22 35.62 0.48
N VAL B 163 -4.74 36.73 -0.02
CA VAL B 163 -5.24 37.80 0.85
C VAL B 163 -6.45 37.27 1.62
N PRO B 164 -6.48 37.41 2.94
CA PRO B 164 -7.60 36.86 3.71
C PRO B 164 -8.89 37.63 3.45
N VAL B 165 -9.99 36.91 3.44
CA VAL B 165 -11.32 37.48 3.22
C VAL B 165 -12.27 36.90 4.26
N GLU B 166 -13.11 37.77 4.83
CA GLU B 166 -14.17 37.34 5.75
C GLU B 166 -15.38 37.02 4.90
N TYR B 167 -15.62 35.73 4.65
CA TYR B 167 -16.64 35.28 3.70
C TYR B 167 -17.75 34.56 4.46
N ASN B 168 -18.87 35.26 4.68
CA ASN B 168 -20.07 34.69 5.27
C ASN B 168 -19.77 34.00 6.60
N GLY B 169 -19.00 34.66 7.46
CA GLY B 169 -18.71 34.16 8.78
C GLY B 169 -17.48 33.29 8.89
N MET B 170 -16.89 32.87 7.77
CA MET B 170 -15.74 31.99 7.77
C MET B 170 -14.56 32.69 7.10
N LEU B 171 -13.35 32.42 7.60
CA LEU B 171 -12.15 32.97 7.00
C LEU B 171 -11.79 32.15 5.77
N MET B 172 -11.57 32.83 4.64
CA MET B 172 -11.22 32.18 3.39
C MET B 172 -10.23 33.05 2.63
N SER B 173 -9.28 32.40 1.96
CA SER B 173 -8.43 33.12 1.04
C SER B 173 -9.17 33.36 -0.27
N ILE B 174 -8.60 34.24 -1.10
CA ILE B 174 -9.23 34.54 -2.39
C ILE B 174 -9.28 33.30 -3.26
N ALA B 175 -8.22 32.49 -3.24
CA ALA B 175 -8.23 31.23 -3.98
C ALA B 175 -9.30 30.29 -3.44
N ASP B 176 -9.48 30.26 -2.12
CA ASP B 176 -10.55 29.45 -1.53
C ASP B 176 -11.91 29.89 -2.05
N ILE B 177 -12.14 31.21 -2.11
CA ILE B 177 -13.41 31.71 -2.61
C ILE B 177 -13.58 31.40 -4.09
N GLN B 178 -12.49 31.44 -4.86
CA GLN B 178 -12.55 31.07 -6.27
C GLN B 178 -13.01 29.62 -6.42
N GLY B 179 -12.37 28.71 -5.67
CA GLY B 179 -12.77 27.32 -5.72
C GLY B 179 -14.19 27.09 -5.25
N TYR B 180 -14.63 27.86 -4.25
CA TYR B 180 -15.99 27.74 -3.76
C TYR B 180 -17.01 28.22 -4.79
N ASN B 181 -16.78 29.40 -5.37
CA ASN B 181 -17.73 30.03 -6.27
C ASN B 181 -17.81 29.31 -7.61
N TYR B 182 -16.66 29.10 -8.26
CA TYR B 182 -16.66 28.52 -9.59
C TYR B 182 -16.79 27.01 -9.50
N VAL B 183 -18.02 26.53 -9.61
CA VAL B 183 -18.35 25.15 -9.26
C VAL B 183 -17.65 24.19 -10.21
N ARG B 184 -16.93 23.23 -9.64
CA ARG B 184 -16.37 22.11 -10.38
C ARG B 184 -17.19 20.89 -10.00
N THR B 185 -18.13 20.52 -10.87
CA THR B 185 -19.04 19.42 -10.55
C THR B 185 -18.29 18.12 -10.32
N GLY B 186 -17.29 17.85 -11.15
CA GLY B 186 -16.48 16.66 -11.00
C GLY B 186 -15.40 16.71 -9.95
N THR B 187 -15.15 17.88 -9.35
CA THR B 187 -14.04 18.06 -8.41
C THR B 187 -14.57 18.61 -7.09
N PRO B 188 -15.09 17.75 -6.22
CA PRO B 188 -15.49 18.20 -4.89
C PRO B 188 -14.30 18.63 -4.06
N GLU B 189 -14.61 19.36 -2.97
CA GLU B 189 -13.57 19.98 -2.16
C GLU B 189 -12.67 18.95 -1.50
N TYR B 190 -13.22 17.80 -1.09
CA TYR B 190 -12.42 16.84 -0.35
C TYR B 190 -11.31 16.22 -1.20
N ILE B 191 -11.48 16.20 -2.52
CA ILE B 191 -10.43 15.68 -3.40
C ILE B 191 -9.16 16.52 -3.27
N ARG B 192 -9.29 17.78 -2.89
CA ARG B 192 -8.17 18.70 -2.74
C ARG B 192 -7.13 18.15 -1.78
N MET B 193 -5.96 17.79 -2.31
CA MET B 193 -4.84 17.36 -1.47
C MET B 193 -3.99 18.59 -1.20
N VAL B 194 -4.31 19.28 -0.12
CA VAL B 194 -3.62 20.51 0.27
C VAL B 194 -3.24 20.40 1.74
N GLU B 195 -2.42 21.34 2.19
CA GLU B 195 -2.02 21.40 3.58
C GLU B 195 -3.25 21.59 4.46
N LYS B 196 -3.41 20.70 5.43
CA LYS B 196 -4.53 20.76 6.36
C LYS B 196 -4.10 20.87 7.81
N GLY B 197 -2.80 20.94 8.09
CA GLY B 197 -2.32 21.03 9.45
C GLY B 197 -2.15 19.68 10.09
N THR B 198 -1.12 19.51 10.92
CA THR B 198 -0.90 18.31 11.71
C THR B 198 -0.45 18.73 13.10
N LEU B 199 -0.52 17.80 14.04
CA LEU B 199 -0.02 18.02 15.39
C LEU B 199 1.50 18.02 15.46
N ARG B 200 2.17 17.65 14.37
CA ARG B 200 3.61 17.64 14.29
C ARG B 200 4.12 18.69 13.31
N THR B 201 3.28 19.68 13.01
CA THR B 201 3.65 20.82 12.18
C THR B 201 4.17 21.91 13.13
N PHE B 202 5.49 22.02 13.22
CA PHE B 202 6.11 22.93 14.19
C PHE B 202 6.35 24.30 13.56
N GLY B 203 5.75 25.33 14.15
CA GLY B 203 5.98 26.70 13.72
C GLY B 203 5.63 26.97 12.28
N LYS B 204 6.34 27.92 11.67
CA LYS B 204 6.11 28.31 10.28
C LYS B 204 7.14 27.62 9.41
N ASP B 205 6.90 26.34 9.14
CA ASP B 205 7.86 25.52 8.41
C ASP B 205 7.26 24.77 7.22
N VAL B 206 5.97 24.95 6.92
CA VAL B 206 5.31 24.08 5.95
C VAL B 206 5.94 24.25 4.56
N ALA B 207 6.07 25.49 4.09
CA ALA B 207 6.62 25.70 2.75
C ALA B 207 8.09 25.31 2.66
N PRO B 208 8.99 25.76 3.54
CA PRO B 208 10.41 25.38 3.38
C PRO B 208 10.65 23.88 3.49
N VAL B 209 9.95 23.19 4.40
CA VAL B 209 10.14 21.76 4.55
C VAL B 209 9.72 21.03 3.28
N SER B 210 8.57 21.40 2.72
CA SER B 210 8.13 20.81 1.47
C SER B 210 9.10 21.10 0.34
N ALA B 211 9.63 22.33 0.30
CA ALA B 211 10.58 22.68 -0.75
C ALA B 211 11.85 21.85 -0.66
N PHE B 212 12.38 21.64 0.55
CA PHE B 212 13.59 20.85 0.70
C PHE B 212 13.35 19.37 0.39
N PHE B 213 12.20 18.84 0.82
CA PHE B 213 11.86 17.47 0.46
C PHE B 213 11.75 17.31 -1.06
N SER B 214 11.10 18.27 -1.72
CA SER B 214 10.99 18.25 -3.17
C SER B 214 12.36 18.34 -3.83
N ALA B 215 13.27 19.13 -3.27
CA ALA B 215 14.61 19.24 -3.84
C ALA B 215 15.37 17.91 -3.74
N PHE B 216 15.29 17.25 -2.58
CA PHE B 216 15.97 15.96 -2.42
C PHE B 216 15.38 14.91 -3.37
N MET B 217 14.06 14.81 -3.42
CA MET B 217 13.44 13.85 -4.32
C MET B 217 13.71 14.22 -5.77
N SER B 218 13.86 15.52 -6.07
CA SER B 218 14.24 15.94 -7.41
C SER B 218 15.65 15.48 -7.77
N ILE B 219 16.57 15.53 -6.81
CA ILE B 219 17.89 14.95 -7.03
C ILE B 219 17.76 13.49 -7.42
N LEU B 220 16.97 12.74 -6.65
CA LEU B 220 16.84 11.31 -6.93
C LEU B 220 16.22 11.05 -8.30
N ILE B 221 15.14 11.78 -8.62
CA ILE B 221 14.44 11.55 -9.88
C ILE B 221 15.30 11.98 -11.06
N TYR B 222 16.05 13.07 -10.91
CA TYR B 222 16.97 13.48 -11.96
C TYR B 222 18.03 12.41 -12.19
N PHE B 223 18.57 11.85 -11.11
CA PHE B 223 19.56 10.79 -11.28
C PHE B 223 18.98 9.61 -12.03
N MET B 224 17.77 9.19 -11.68
CA MET B 224 17.13 8.08 -12.39
C MET B 224 16.87 8.42 -13.86
N TRP B 225 16.35 9.61 -14.13
CA TRP B 225 15.90 9.94 -15.47
C TRP B 225 17.04 10.32 -16.40
N HIS B 226 18.21 10.69 -15.86
CA HIS B 226 19.39 10.83 -16.70
C HIS B 226 19.70 9.52 -17.41
N PHE B 227 19.69 8.41 -16.65
CA PHE B 227 19.95 7.11 -17.25
C PHE B 227 18.77 6.62 -18.08
N ILE B 228 17.55 6.98 -17.69
CA ILE B 228 16.39 6.66 -18.54
C ILE B 228 16.54 7.30 -19.91
N GLY B 229 16.90 8.59 -19.95
CA GLY B 229 17.15 9.26 -21.20
C GLY B 229 18.35 8.70 -21.95
N ARG B 230 19.37 8.26 -21.21
CA ARG B 230 20.49 7.57 -21.85
C ARG B 230 20.02 6.35 -22.62
N TRP B 231 19.16 5.54 -22.00
CA TRP B 231 18.61 4.40 -22.71
C TRP B 231 17.77 4.83 -23.90
N PHE B 232 16.89 5.81 -23.70
CA PHE B 232 15.96 6.24 -24.79
C PHE B 232 16.71 6.79 -26.01
N SER B 233 17.98 7.13 -25.83
CA SER B 233 18.81 7.67 -26.95
C SER B 233 19.38 6.53 -27.80
N ASN B 234 19.34 5.28 -27.30
CA ASN B 234 19.93 4.11 -28.01
C ASN B 234 19.68 4.17 -29.53
N GLU B 235 20.73 3.94 -30.33
CA GLU B 235 20.59 3.89 -31.78
C GLU B 235 20.66 2.47 -32.29
N ARG B 236 20.19 1.51 -31.50
CA ARG B 236 20.31 0.11 -31.85
C ARG B 236 19.30 -0.26 -32.95
N PHE B 237 19.62 -1.34 -33.67
CA PHE B 237 18.68 -1.84 -34.70
C PHE B 237 18.17 -3.21 -34.26
N LEU B 238 17.13 -3.25 -33.41
CA LEU B 238 16.49 -4.53 -32.99
C LEU B 238 16.12 -5.31 -34.26
N GLN B 239 16.94 -6.27 -34.70
CA GLN B 239 16.74 -6.97 -36.01
C GLN B 239 15.31 -7.41 -36.30
N SER B 240 14.56 -7.87 -35.30
CA SER B 240 13.18 -8.37 -35.50
C SER B 240 12.32 -8.09 -34.26
N THR B 241 11.02 -7.87 -34.45
CA THR B 241 10.13 -7.51 -33.32
C THR B 241 9.29 -8.73 -32.93
N LEU C 1 15.34 20.72 -55.82
CA LEU C 1 14.02 20.79 -55.18
C LEU C 1 14.15 20.51 -53.68
N LEU C 2 14.52 19.27 -53.34
CA LEU C 2 14.73 18.84 -51.94
C LEU C 2 13.44 19.07 -51.17
N ASP C 3 13.47 19.76 -50.03
CA ASP C 3 12.29 19.96 -49.21
C ASP C 3 11.19 20.71 -49.96
N LYS C 4 10.05 20.07 -50.17
CA LYS C 4 8.95 20.65 -50.93
C LYS C 4 7.82 21.06 -49.98
N LYS C 5 6.68 21.48 -50.54
CA LYS C 5 5.58 22.07 -49.78
C LYS C 5 4.67 21.01 -49.15
N TRP C 6 5.11 19.75 -49.11
CA TRP C 6 4.35 18.74 -48.39
C TRP C 6 4.33 19.02 -46.89
N LEU C 7 5.34 19.73 -46.38
CA LEU C 7 5.38 20.09 -44.97
C LEU C 7 4.23 21.05 -44.62
N THR C 8 3.95 22.00 -45.51
CA THR C 8 2.85 22.93 -45.29
C THR C 8 1.53 22.19 -45.19
N PHE C 9 1.30 21.24 -46.10
CA PHE C 9 0.09 20.42 -46.03
C PHE C 9 0.07 19.59 -44.75
N ALA C 10 1.22 19.04 -44.36
CA ALA C 10 1.28 18.21 -43.16
C ALA C 10 0.85 19.00 -41.93
N LEU C 11 1.33 20.23 -41.81
CA LEU C 11 0.86 21.06 -40.69
C LEU C 11 -0.61 21.44 -40.85
N ALA C 12 -1.00 21.87 -42.05
CA ALA C 12 -2.30 22.50 -42.25
C ALA C 12 -3.44 21.51 -42.09
N ILE C 13 -3.26 20.27 -42.55
CA ILE C 13 -4.36 19.31 -42.49
C ILE C 13 -4.72 19.01 -41.04
N TYR C 14 -3.72 18.77 -40.20
CA TYR C 14 -3.99 18.53 -38.79
C TYR C 14 -4.57 19.78 -38.13
N THR C 15 -3.99 20.95 -38.42
CA THR C 15 -4.48 22.18 -37.80
C THR C 15 -5.95 22.41 -38.13
N VAL C 16 -6.30 22.31 -39.42
CA VAL C 16 -7.67 22.60 -39.85
C VAL C 16 -8.64 21.56 -39.32
N PHE C 17 -8.28 20.27 -39.44
CA PHE C 17 -9.19 19.22 -38.98
C PHE C 17 -9.44 19.33 -37.48
N TYR C 18 -8.38 19.59 -36.70
CA TYR C 18 -8.57 19.66 -35.25
C TYR C 18 -9.24 20.97 -34.83
N LEU C 19 -9.05 22.06 -35.57
CA LEU C 19 -9.83 23.27 -35.29
C LEU C 19 -11.31 23.02 -35.54
N TRP C 20 -11.64 22.32 -36.63
CA TRP C 20 -13.04 21.97 -36.87
C TRP C 20 -13.58 21.03 -35.81
N VAL C 21 -12.76 20.08 -35.35
CA VAL C 21 -13.19 19.18 -34.28
C VAL C 21 -13.46 19.97 -33.01
N ARG C 22 -12.58 20.92 -32.68
CA ARG C 22 -12.79 21.76 -31.51
C ARG C 22 -14.06 22.60 -31.65
N TRP C 23 -14.33 23.12 -32.84
CA TRP C 23 -15.58 23.85 -33.07
C TRP C 23 -16.78 22.94 -32.86
N TYR C 24 -16.71 21.72 -33.38
CA TYR C 24 -17.78 20.74 -33.26
C TYR C 24 -18.07 20.42 -31.80
N GLU C 25 -17.01 20.20 -31.02
CA GLU C 25 -17.22 19.85 -29.61
C GLU C 25 -17.61 21.07 -28.79
N GLY C 26 -17.22 22.27 -29.22
CA GLY C 26 -17.74 23.47 -28.57
C GLY C 26 -19.21 23.67 -28.82
N VAL C 27 -19.69 23.33 -30.02
CA VAL C 27 -21.10 23.45 -30.35
C VAL C 27 -21.95 22.34 -29.73
N TYR C 28 -21.46 21.10 -29.70
CA TYR C 28 -22.26 19.95 -29.27
C TYR C 28 -21.75 19.34 -27.96
N GLY C 29 -20.96 20.08 -27.18
CA GLY C 29 -20.51 19.57 -25.91
C GLY C 29 -21.66 19.48 -24.93
N TRP C 30 -22.17 20.64 -24.53
CA TRP C 30 -23.50 20.72 -23.96
C TRP C 30 -24.50 20.57 -25.10
N SER C 31 -25.77 20.39 -24.76
CA SER C 31 -26.80 20.41 -25.79
C SER C 31 -26.56 19.31 -26.82
N ALA C 32 -26.93 18.06 -26.50
CA ALA C 32 -26.56 16.87 -27.27
C ALA C 32 -25.09 16.48 -27.07
N GLY C 33 -24.81 15.93 -25.88
CA GLY C 33 -23.46 15.56 -25.48
C GLY C 33 -23.25 15.57 -23.98
N LEU C 34 -24.25 16.03 -23.22
CA LEU C 34 -24.19 15.92 -21.77
C LEU C 34 -24.85 14.64 -21.28
N ASP C 35 -26.00 14.29 -21.85
CA ASP C 35 -26.74 13.10 -21.43
C ASP C 35 -26.45 11.97 -22.42
N SER C 36 -25.78 10.93 -21.94
CA SER C 36 -25.36 9.83 -22.80
C SER C 36 -26.50 8.90 -23.19
N PHE C 37 -27.67 9.03 -22.58
CA PHE C 37 -28.83 8.22 -22.93
C PHE C 37 -29.89 9.00 -23.70
N ALA C 38 -29.63 10.27 -24.00
CA ALA C 38 -30.54 11.05 -24.83
C ALA C 38 -30.41 10.65 -26.29
N PRO C 39 -31.50 10.71 -27.05
CA PRO C 39 -31.41 10.33 -28.48
C PRO C 39 -30.46 11.20 -29.28
N GLU C 40 -30.37 12.50 -28.96
CA GLU C 40 -29.47 13.39 -29.68
C GLU C 40 -28.00 13.05 -29.44
N PHE C 41 -27.67 12.48 -28.28
CA PHE C 41 -26.31 12.00 -28.06
C PHE C 41 -25.92 10.93 -29.06
N GLU C 42 -26.84 10.00 -29.36
CA GLU C 42 -26.57 9.00 -30.38
C GLU C 42 -26.31 9.59 -31.76
N THR C 43 -27.06 10.62 -32.16
CA THR C 43 -26.88 11.21 -33.47
C THR C 43 -25.69 12.15 -33.57
N TYR C 44 -25.21 12.70 -32.46
CA TYR C 44 -24.12 13.66 -32.52
C TYR C 44 -22.78 13.17 -32.01
N TRP C 45 -22.74 12.13 -31.19
CA TRP C 45 -21.47 11.64 -30.67
C TRP C 45 -21.26 10.15 -30.86
N MET C 46 -22.29 9.32 -30.72
CA MET C 46 -22.13 7.90 -31.04
C MET C 46 -21.91 7.69 -32.54
N ASN C 47 -22.65 8.44 -33.36
CA ASN C 47 -22.43 8.40 -34.80
C ASN C 47 -21.04 8.91 -35.14
N PHE C 48 -20.59 9.96 -34.44
CA PHE C 48 -19.23 10.45 -34.61
C PHE C 48 -18.21 9.37 -34.30
N LEU C 49 -18.41 8.65 -33.20
CA LEU C 49 -17.51 7.58 -32.81
C LEU C 49 -17.46 6.48 -33.87
N TYR C 50 -18.63 6.04 -34.34
CA TYR C 50 -18.68 4.98 -35.34
C TYR C 50 -17.98 5.42 -36.63
N THR C 51 -18.34 6.61 -37.12
CA THR C 51 -17.77 7.10 -38.37
C THR C 51 -16.26 7.27 -38.26
N GLU C 52 -15.79 7.84 -37.14
CA GLU C 52 -14.36 8.06 -36.97
C GLU C 52 -13.60 6.74 -36.85
N ILE C 53 -14.17 5.74 -36.16
CA ILE C 53 -13.49 4.46 -36.06
C ILE C 53 -13.39 3.80 -37.43
N VAL C 54 -14.49 3.80 -38.19
CA VAL C 54 -14.46 3.18 -39.52
C VAL C 54 -13.47 3.92 -40.42
N LEU C 55 -13.49 5.25 -40.42
CA LEU C 55 -12.60 6.02 -41.27
C LEU C 55 -11.15 5.84 -40.86
N GLU C 56 -10.87 5.74 -39.55
CA GLU C 56 -9.50 5.53 -39.10
C GLU C 56 -9.00 4.17 -39.53
N ILE C 57 -9.84 3.13 -39.40
CA ILE C 57 -9.41 1.80 -39.84
C ILE C 57 -9.13 1.79 -41.34
N VAL C 58 -10.03 2.39 -42.12
CA VAL C 58 -9.86 2.41 -43.58
C VAL C 58 -8.61 3.20 -43.96
N THR C 59 -8.42 4.38 -43.36
CA THR C 59 -7.28 5.22 -43.70
C THR C 59 -5.97 4.55 -43.30
N ALA C 60 -5.93 3.94 -42.12
CA ALA C 60 -4.72 3.23 -41.70
C ALA C 60 -4.39 2.11 -42.66
N SER C 61 -5.40 1.30 -43.00
CA SER C 61 -5.15 0.18 -43.91
C SER C 61 -4.64 0.68 -45.25
N ILE C 62 -5.31 1.68 -45.83
CA ILE C 62 -4.95 2.17 -47.15
C ILE C 62 -3.55 2.78 -47.14
N LEU C 63 -3.28 3.65 -46.17
CA LEU C 63 -1.99 4.34 -46.12
C LEU C 63 -0.85 3.37 -45.89
N TRP C 64 -0.97 2.50 -44.88
CA TRP C 64 0.10 1.56 -44.59
C TRP C 64 0.30 0.58 -45.75
N GLY C 65 -0.80 0.11 -46.35
CA GLY C 65 -0.66 -0.81 -47.47
C GLY C 65 0.00 -0.17 -48.67
N TYR C 66 -0.37 1.08 -48.96
CA TYR C 66 0.26 1.78 -50.09
C TYR C 66 1.74 2.01 -49.83
N LEU C 67 2.09 2.43 -48.61
CA LEU C 67 3.49 2.68 -48.28
C LEU C 67 4.31 1.39 -48.38
N TRP C 68 3.74 0.26 -47.92
CA TRP C 68 4.44 -1.01 -48.00
C TRP C 68 4.51 -1.56 -49.42
N LYS C 69 3.48 -1.35 -50.23
CA LYS C 69 3.47 -1.88 -51.59
C LYS C 69 4.39 -1.08 -52.50
N THR C 70 4.47 0.24 -52.30
CA THR C 70 5.37 1.08 -53.07
C THR C 70 6.77 1.14 -52.48
N ARG C 71 7.15 0.14 -51.67
CA ARG C 71 8.47 0.12 -51.08
C ARG C 71 9.54 -0.04 -52.15
N ASP C 72 10.68 0.61 -51.93
CA ASP C 72 11.75 0.60 -52.92
C ASP C 72 12.51 -0.72 -52.84
N ARG C 73 12.39 -1.53 -53.88
CA ARG C 73 13.09 -2.81 -53.94
C ARG C 73 14.58 -2.66 -54.16
N ASN C 74 14.99 -1.76 -55.05
CA ASN C 74 16.39 -1.54 -55.37
C ASN C 74 16.91 -0.34 -54.58
N LEU C 75 17.07 -0.53 -53.27
CA LEU C 75 17.60 0.54 -52.44
C LEU C 75 19.09 0.77 -52.69
N ALA C 76 19.79 -0.23 -53.21
CA ALA C 76 21.23 -0.10 -53.44
C ALA C 76 21.52 0.97 -54.49
N ALA C 77 20.74 1.00 -55.56
CA ALA C 77 20.98 1.93 -56.67
C ALA C 77 20.20 3.23 -56.45
N LEU C 78 20.40 3.83 -55.28
CA LEU C 78 19.76 5.09 -54.92
C LEU C 78 20.84 6.16 -54.84
N THR C 79 20.68 7.23 -55.62
CA THR C 79 21.69 8.27 -55.67
C THR C 79 21.66 9.08 -54.38
N PRO C 80 22.79 9.72 -54.01
CA PRO C 80 22.79 10.54 -52.79
C PRO C 80 21.79 11.70 -52.82
N ARG C 81 21.56 12.30 -53.99
CA ARG C 81 20.59 13.39 -54.08
C ARG C 81 19.18 12.89 -53.80
N GLU C 82 18.81 11.75 -54.40
CA GLU C 82 17.52 11.15 -54.13
C GLU C 82 17.40 10.71 -52.68
N GLU C 83 18.49 10.22 -52.10
CA GLU C 83 18.50 9.86 -50.68
C GLU C 83 18.25 11.08 -49.81
N LEU C 84 18.86 12.22 -50.16
CA LEU C 84 18.64 13.46 -49.42
C LEU C 84 17.18 13.89 -49.53
N ARG C 85 16.60 13.79 -50.73
CA ARG C 85 15.19 14.14 -50.90
C ARG C 85 14.29 13.23 -50.06
N ARG C 86 14.58 11.93 -50.05
CA ARG C 86 13.78 11.00 -49.27
C ARG C 86 13.97 11.24 -47.78
N ASN C 87 15.17 11.65 -47.36
CA ASN C 87 15.40 12.00 -45.97
C ASN C 87 14.57 13.21 -45.57
N PHE C 88 14.49 14.21 -46.47
CA PHE C 88 13.63 15.36 -46.19
C PHE C 88 12.16 14.97 -46.11
N THR C 89 11.72 14.07 -46.99
CA THR C 89 10.33 13.61 -46.94
C THR C 89 10.07 12.86 -45.63
N HIS C 90 11.02 12.03 -45.19
CA HIS C 90 10.88 11.35 -43.91
C HIS C 90 10.85 12.35 -42.75
N LEU C 91 11.63 13.42 -42.85
CA LEU C 91 11.58 14.47 -41.83
C LEU C 91 10.22 15.16 -41.83
N VAL C 92 9.61 15.33 -42.99
CA VAL C 92 8.25 15.86 -43.05
C VAL C 92 7.28 14.90 -42.37
N TRP C 93 7.45 13.60 -42.59
CA TRP C 93 6.63 12.61 -41.90
C TRP C 93 6.80 12.71 -40.38
N LEU C 94 8.05 12.89 -39.93
CA LEU C 94 8.31 13.04 -38.50
C LEU C 94 7.69 14.32 -37.95
N VAL C 95 7.70 15.39 -38.74
CA VAL C 95 7.05 16.63 -38.33
C VAL C 95 5.55 16.42 -38.17
N ALA C 96 4.92 15.72 -39.13
CA ALA C 96 3.51 15.41 -39.02
C ALA C 96 3.23 14.55 -37.79
N TYR C 97 4.12 13.58 -37.51
CA TYR C 97 3.96 12.76 -36.32
C TYR C 97 4.05 13.60 -35.05
N ALA C 98 5.00 14.53 -35.00
CA ALA C 98 5.14 15.39 -33.83
C ALA C 98 3.91 16.26 -33.63
N TRP C 99 3.39 16.82 -34.73
CA TRP C 99 2.18 17.65 -34.65
C TRP C 99 0.99 16.84 -34.15
N ALA C 100 0.81 15.63 -34.70
CA ALA C 100 -0.29 14.77 -34.27
C ALA C 100 -0.11 14.35 -32.82
N ILE C 101 1.13 14.06 -32.41
CA ILE C 101 1.40 13.69 -31.03
C ILE C 101 1.04 14.85 -30.09
N TYR C 102 1.41 16.07 -30.48
CA TYR C 102 1.00 17.23 -29.70
C TYR C 102 -0.52 17.28 -29.55
N TRP C 103 -1.22 17.23 -30.68
CA TRP C 103 -2.68 17.39 -30.66
C TRP C 103 -3.34 16.30 -29.82
N GLY C 104 -2.82 15.08 -29.91
CA GLY C 104 -3.41 13.98 -29.17
C GLY C 104 -3.08 13.99 -27.69
N ALA C 105 -1.79 14.05 -27.36
CA ALA C 105 -1.33 13.82 -25.99
C ALA C 105 -1.26 15.08 -25.14
N SER C 106 -1.41 16.26 -25.71
CA SER C 106 -1.45 17.47 -24.89
C SER C 106 -2.81 18.14 -24.95
N TYR C 107 -3.23 18.58 -26.12
CA TYR C 107 -4.45 19.37 -26.28
C TYR C 107 -5.67 18.59 -25.81
N PHE C 108 -5.98 17.48 -26.49
CA PHE C 108 -7.23 16.79 -26.21
C PHE C 108 -7.14 16.00 -24.92
N THR C 109 -5.95 15.66 -24.46
CA THR C 109 -5.82 14.98 -23.18
C THR C 109 -6.14 15.92 -22.02
N GLU C 110 -5.54 17.12 -22.01
CA GLU C 110 -5.93 18.05 -20.97
C GLU C 110 -7.33 18.61 -21.19
N GLN C 111 -7.91 18.29 -22.35
CA GLN C 111 -9.33 18.68 -22.53
C GLN C 111 -10.15 17.58 -21.86
N ASP C 112 -9.57 16.40 -21.68
CA ASP C 112 -10.27 15.34 -20.91
C ASP C 112 -10.38 15.86 -19.47
N GLY C 113 -9.30 16.46 -18.97
CA GLY C 113 -9.32 17.05 -17.62
C GLY C 113 -10.42 18.07 -17.50
N THR C 114 -10.31 19.16 -18.26
CA THR C 114 -11.33 20.24 -18.19
C THR C 114 -12.71 19.60 -18.31
N TRP C 115 -12.80 18.46 -19.00
CA TRP C 115 -14.17 17.94 -19.22
C TRP C 115 -14.58 17.08 -18.01
N HIS C 116 -13.82 16.01 -17.72
CA HIS C 116 -14.20 15.09 -16.61
C HIS C 116 -14.25 15.84 -15.28
N GLN C 117 -13.48 16.92 -15.11
CA GLN C 117 -13.41 17.57 -13.77
C GLN C 117 -14.48 18.66 -13.62
N THR C 118 -15.41 18.77 -14.59
CA THR C 118 -16.44 19.85 -14.52
C THR C 118 -17.81 19.27 -14.87
N ILE C 119 -17.83 18.21 -15.68
CA ILE C 119 -19.10 17.53 -16.09
C ILE C 119 -19.43 16.45 -15.05
N VAL C 120 -20.69 16.00 -15.00
CA VAL C 120 -21.11 15.03 -13.96
C VAL C 120 -20.75 13.61 -14.40
N ARG C 121 -20.08 13.46 -15.55
CA ARG C 121 -19.57 12.12 -15.99
C ARG C 121 -20.76 11.19 -16.31
N ASP C 122 -20.59 10.13 -17.13
CA ASP C 122 -21.79 9.33 -17.50
C ASP C 122 -21.51 8.01 -18.23
N THR C 123 -20.54 7.93 -19.15
CA THR C 123 -20.29 6.74 -19.95
C THR C 123 -18.79 6.66 -20.22
N ASP C 124 -18.39 5.56 -20.83
CA ASP C 124 -17.03 5.41 -21.32
C ASP C 124 -16.81 6.14 -22.63
N PHE C 125 -17.87 6.72 -23.21
CA PHE C 125 -17.80 7.38 -24.51
C PHE C 125 -18.33 8.80 -24.42
N THR C 126 -17.87 9.57 -23.44
CA THR C 126 -18.17 10.99 -23.40
C THR C 126 -17.59 11.66 -24.65
N PRO C 127 -18.14 12.81 -25.08
CA PRO C 127 -17.62 13.48 -26.26
C PRO C 127 -16.12 13.70 -26.19
N SER C 128 -15.62 13.94 -24.98
CA SER C 128 -14.15 14.04 -24.81
C SER C 128 -13.55 12.65 -25.04
N HIS C 129 -14.31 11.59 -24.73
CA HIS C 129 -13.82 10.20 -24.91
C HIS C 129 -13.87 9.82 -26.39
N ILE C 130 -14.74 10.47 -27.16
CA ILE C 130 -14.82 10.22 -28.62
C ILE C 130 -13.69 11.00 -29.32
N ILE C 131 -13.39 12.22 -28.85
CA ILE C 131 -12.42 13.03 -29.56
C ILE C 131 -10.99 12.62 -29.24
N GLU C 132 -10.67 12.36 -27.97
CA GLU C 132 -9.29 12.14 -27.55
C GLU C 132 -8.83 10.70 -27.73
N PHE C 133 -9.52 9.76 -27.10
CA PHE C 133 -9.09 8.36 -27.17
C PHE C 133 -9.25 7.78 -28.56
N TYR C 134 -10.36 8.08 -29.24
CA TYR C 134 -10.71 7.37 -30.45
C TYR C 134 -10.58 8.20 -31.72
N LEU C 135 -10.15 9.46 -31.62
CA LEU C 135 -9.82 10.20 -32.83
C LEU C 135 -8.36 10.62 -32.88
N SER C 136 -7.92 11.38 -31.87
CA SER C 136 -6.57 11.95 -31.91
C SER C 136 -5.52 10.88 -31.69
N TYR C 137 -5.78 9.98 -30.74
CA TYR C 137 -4.84 8.86 -30.48
C TYR C 137 -4.66 8.07 -31.78
N PRO C 138 -5.74 7.55 -32.39
CA PRO C 138 -5.63 6.77 -33.62
C PRO C 138 -4.91 7.58 -34.70
N ILE C 139 -5.22 8.86 -34.82
CA ILE C 139 -4.61 9.68 -35.88
C ILE C 139 -3.10 9.73 -35.71
N TYR C 140 -2.64 9.98 -34.47
CA TYR C 140 -1.19 10.04 -34.31
C TYR C 140 -0.56 8.66 -34.42
N ILE C 141 -1.29 7.60 -34.06
CA ILE C 141 -0.78 6.24 -34.26
C ILE C 141 -0.59 5.96 -35.74
N ILE C 142 -1.59 6.34 -36.55
CA ILE C 142 -1.50 6.15 -38.00
C ILE C 142 -0.31 6.93 -38.56
N THR C 143 -0.15 8.18 -38.13
CA THR C 143 0.95 8.99 -38.62
C THR C 143 2.30 8.39 -38.24
N GLY C 144 2.43 7.92 -36.99
CA GLY C 144 3.68 7.33 -36.56
C GLY C 144 4.01 6.06 -37.30
N PHE C 145 3.02 5.20 -37.49
CA PHE C 145 3.24 3.98 -38.26
C PHE C 145 3.63 4.30 -39.69
N ALA C 146 2.98 5.30 -40.29
CA ALA C 146 3.31 5.68 -41.66
C ALA C 146 4.72 6.21 -41.75
N ALA C 147 5.15 7.04 -40.79
CA ALA C 147 6.51 7.56 -40.80
C ALA C 147 7.52 6.43 -40.64
N PHE C 148 7.25 5.49 -39.74
CA PHE C 148 8.17 4.36 -39.55
C PHE C 148 8.27 3.53 -40.83
N ILE C 149 7.13 3.25 -41.47
CA ILE C 149 7.13 2.45 -42.69
C ILE C 149 7.86 3.18 -43.80
N TYR C 150 7.65 4.50 -43.92
CA TYR C 150 8.35 5.27 -44.94
C TYR C 150 9.86 5.21 -44.72
N ALA C 151 10.30 5.38 -43.46
CA ALA C 151 11.73 5.28 -43.19
C ALA C 151 12.26 3.91 -43.59
N LYS C 152 11.59 2.84 -43.16
CA LYS C 152 12.03 1.49 -43.44
C LYS C 152 12.05 1.17 -44.94
N THR C 153 11.12 1.75 -45.71
CA THR C 153 10.97 1.37 -47.11
C THR C 153 11.63 2.32 -48.09
N ARG C 154 12.08 3.50 -47.66
CA ARG C 154 12.76 4.41 -48.57
C ARG C 154 14.18 4.76 -48.14
N LEU C 155 14.49 4.69 -46.85
CA LEU C 155 15.81 5.10 -46.38
C LEU C 155 16.69 3.88 -46.16
N PRO C 156 17.81 3.75 -46.88
CA PRO C 156 18.69 2.60 -46.65
C PRO C 156 19.22 2.52 -45.23
N PHE C 157 19.38 3.66 -44.55
CA PHE C 157 19.83 3.64 -43.16
C PHE C 157 18.82 2.93 -42.27
N PHE C 158 17.53 3.20 -42.47
CA PHE C 158 16.48 2.58 -41.67
C PHE C 158 16.01 1.25 -42.23
N ALA C 159 16.52 0.83 -43.39
CA ALA C 159 16.28 -0.50 -43.91
C ALA C 159 17.20 -1.48 -43.19
N LYS C 160 17.31 -2.70 -43.73
CA LYS C 160 18.14 -3.78 -43.20
C LYS C 160 18.07 -3.89 -41.67
N GLY C 161 16.88 -3.77 -41.11
CA GLY C 161 16.70 -3.90 -39.68
C GLY C 161 15.64 -2.98 -39.11
N ILE C 162 15.08 -3.37 -37.97
CA ILE C 162 14.10 -2.53 -37.29
C ILE C 162 14.82 -1.69 -36.25
N SER C 163 14.76 -0.38 -36.40
CA SER C 163 15.41 0.52 -35.44
C SER C 163 14.68 0.46 -34.11
N LEU C 164 15.43 0.14 -33.05
CA LEU C 164 14.83 0.07 -31.72
C LEU C 164 14.25 1.40 -31.25
N PRO C 165 14.96 2.54 -31.34
CA PRO C 165 14.34 3.80 -30.90
C PRO C 165 13.12 4.18 -31.71
N TYR C 166 13.14 3.95 -33.02
CA TYR C 166 11.97 4.25 -33.84
C TYR C 166 10.80 3.35 -33.46
N LEU C 167 11.07 2.06 -33.26
CA LEU C 167 10.02 1.14 -32.85
C LEU C 167 9.40 1.55 -31.51
N VAL C 168 10.24 1.95 -30.56
CA VAL C 168 9.71 2.41 -29.28
C VAL C 168 8.88 3.68 -29.46
N LEU C 169 9.42 4.66 -30.18
CA LEU C 169 8.70 5.92 -30.41
C LEU C 169 7.37 5.70 -31.10
N VAL C 170 7.26 4.63 -31.90
CA VAL C 170 6.07 4.40 -32.70
C VAL C 170 5.07 3.55 -31.94
N VAL C 171 5.55 2.61 -31.12
CA VAL C 171 4.66 1.64 -30.49
C VAL C 171 4.25 2.06 -29.08
N GLY C 172 5.14 2.70 -28.32
CA GLY C 172 4.83 3.12 -26.98
C GLY C 172 3.64 4.07 -26.89
N PRO C 173 3.69 5.17 -27.64
CA PRO C 173 2.51 6.04 -27.72
C PRO C 173 1.28 5.31 -28.26
N PHE C 174 1.46 4.29 -29.08
CA PHE C 174 0.31 3.47 -29.48
C PHE C 174 -0.28 2.73 -28.29
N MET C 175 0.56 2.26 -27.37
CA MET C 175 0.09 1.50 -26.23
C MET C 175 -0.82 2.32 -25.32
N ILE C 176 -0.83 3.64 -25.47
CA ILE C 176 -1.76 4.47 -24.73
C ILE C 176 -3.20 4.13 -25.11
N LEU C 177 -3.44 3.79 -26.39
CA LEU C 177 -4.79 3.47 -26.82
C LEU C 177 -5.36 2.23 -26.14
N PRO C 178 -4.68 1.08 -26.13
CA PRO C 178 -5.21 -0.04 -25.32
C PRO C 178 -5.21 0.25 -23.83
N ASN C 179 -4.37 1.18 -23.37
CA ASN C 179 -4.37 1.57 -21.96
C ASN C 179 -5.68 2.20 -21.53
N VAL C 180 -6.50 2.66 -22.48
CA VAL C 180 -7.82 3.20 -22.16
C VAL C 180 -8.65 2.18 -21.37
N GLY C 181 -8.40 0.89 -21.59
CA GLY C 181 -9.07 -0.12 -20.79
C GLY C 181 -8.78 0.05 -19.30
N LEU C 182 -7.53 0.36 -18.98
CA LEU C 182 -7.17 0.63 -17.56
C LEU C 182 -7.95 1.87 -17.12
N ASN C 183 -8.04 2.88 -17.99
CA ASN C 183 -8.82 4.11 -17.67
C ASN C 183 -10.23 3.70 -17.23
N GLU C 184 -10.99 3.07 -18.14
CA GLU C 184 -12.38 2.66 -17.84
C GLU C 184 -12.39 1.82 -16.54
N TRP C 185 -11.59 0.75 -16.48
CA TRP C 185 -11.50 -0.03 -15.22
C TRP C 185 -11.00 0.88 -14.08
N GLY C 186 -10.35 2.00 -14.42
CA GLY C 186 -9.73 2.86 -13.40
C GLY C 186 -10.62 3.99 -12.90
N HIS C 187 -11.84 4.11 -13.41
CA HIS C 187 -12.78 5.10 -12.82
C HIS C 187 -14.05 4.38 -12.35
N THR C 188 -14.71 3.66 -13.26
CA THR C 188 -15.92 2.89 -12.91
C THR C 188 -15.69 2.16 -11.59
N PHE C 189 -14.79 1.17 -11.58
CA PHE C 189 -14.45 0.46 -10.32
C PHE C 189 -13.44 1.33 -9.54
N TRP C 190 -12.19 0.87 -9.42
CA TRP C 190 -11.14 1.58 -8.62
C TRP C 190 -11.13 3.09 -8.85
N PHE C 191 -11.32 3.89 -7.79
CA PHE C 191 -11.22 5.39 -7.88
C PHE C 191 -12.44 6.03 -8.53
N MET C 192 -13.37 6.56 -7.71
CA MET C 192 -14.53 7.33 -8.25
C MET C 192 -14.18 8.82 -8.18
N GLU C 193 -13.04 9.15 -7.57
CA GLU C 193 -12.58 10.56 -7.54
C GLU C 193 -12.07 10.94 -8.93
N GLU C 194 -12.49 12.06 -9.48
CA GLU C 194 -12.06 12.34 -10.88
C GLU C 194 -10.60 12.82 -10.83
N LEU C 195 -9.74 12.18 -10.05
CA LEU C 195 -8.30 12.57 -10.10
C LEU C 195 -7.65 12.14 -11.42
N PHE C 196 -6.87 13.03 -12.05
CA PHE C 196 -6.17 12.72 -13.33
C PHE C 196 -4.75 12.19 -13.03
N VAL C 197 -4.32 12.27 -11.78
CA VAL C 197 -2.95 11.84 -11.41
C VAL C 197 -3.05 10.52 -10.65
N ALA C 198 -4.17 9.81 -10.80
CA ALA C 198 -4.37 8.51 -10.14
C ALA C 198 -3.53 7.44 -10.84
N PRO C 199 -3.07 6.38 -10.13
CA PRO C 199 -2.28 5.30 -10.74
C PRO C 199 -2.95 4.63 -11.96
N LEU C 200 -4.28 4.72 -12.07
CA LEU C 200 -4.97 4.21 -13.29
C LEU C 200 -4.53 5.04 -14.49
N HIS C 201 -3.84 6.16 -14.26
CA HIS C 201 -3.40 7.10 -15.32
C HIS C 201 -1.95 6.74 -15.66
N TYR C 202 -1.37 5.76 -14.96
CA TYR C 202 0.07 5.41 -15.09
C TYR C 202 0.30 4.73 -16.45
N GLY C 203 -0.62 3.88 -16.91
CA GLY C 203 -0.37 3.17 -18.17
C GLY C 203 -0.14 4.17 -19.29
N PHE C 204 -1.01 5.19 -19.40
CA PHE C 204 -0.80 6.25 -20.40
C PHE C 204 0.57 6.88 -20.17
N VAL C 205 0.84 7.32 -18.94
CA VAL C 205 2.10 8.05 -18.63
C VAL C 205 3.28 7.18 -18.98
N ILE C 206 3.38 6.03 -18.32
CA ILE C 206 4.48 5.12 -18.63
C ILE C 206 4.74 5.07 -20.13
N PHE C 207 3.66 4.92 -20.91
CA PHE C 207 3.79 4.86 -22.36
C PHE C 207 3.95 6.22 -23.00
N GLY C 208 3.58 7.30 -22.30
CA GLY C 208 4.01 8.61 -22.74
C GLY C 208 5.51 8.81 -22.65
N TRP C 209 6.16 8.14 -21.70
CA TRP C 209 7.61 8.21 -21.59
C TRP C 209 8.29 7.65 -22.83
N LEU C 210 7.71 6.63 -23.46
CA LEU C 210 8.35 5.98 -24.60
C LEU C 210 8.49 6.92 -25.79
N ALA C 211 7.74 8.03 -25.80
CA ALA C 211 7.95 9.06 -26.83
C ALA C 211 9.33 9.71 -26.73
N LEU C 212 10.01 9.58 -25.59
CA LEU C 212 11.38 10.05 -25.47
C LEU C 212 12.34 9.33 -26.39
N ALA C 213 11.95 8.18 -26.94
CA ALA C 213 12.75 7.50 -27.95
C ALA C 213 12.89 8.32 -29.23
N VAL C 214 12.17 9.43 -29.35
CA VAL C 214 12.35 10.34 -30.47
C VAL C 214 13.77 10.87 -30.50
N MET C 215 14.47 10.88 -29.36
CA MET C 215 15.84 11.37 -29.32
C MET C 215 16.76 10.43 -30.10
N GLY C 216 16.69 9.14 -29.82
CA GLY C 216 17.44 8.16 -30.60
C GLY C 216 16.98 8.10 -32.03
N THR C 217 15.67 8.21 -32.25
CA THR C 217 15.15 8.23 -33.61
C THR C 217 15.74 9.41 -34.40
N LEU C 218 15.82 10.58 -33.78
CA LEU C 218 16.28 11.77 -34.48
C LEU C 218 17.78 11.75 -34.72
N THR C 219 18.56 11.20 -33.78
CA THR C 219 19.98 11.06 -34.11
C THR C 219 20.18 10.03 -35.21
N GLN C 220 19.34 9.00 -35.27
CA GLN C 220 19.38 8.07 -36.40
C GLN C 220 19.04 8.77 -37.71
N THR C 221 18.01 9.63 -37.71
CA THR C 221 17.69 10.37 -38.93
C THR C 221 18.78 11.36 -39.29
N PHE C 222 19.46 11.94 -38.31
CA PHE C 222 20.59 12.82 -38.60
C PHE C 222 21.70 12.05 -39.29
N TYR C 223 22.01 10.85 -38.79
CA TYR C 223 23.01 10.02 -39.45
C TYR C 223 22.57 9.62 -40.86
N SER C 224 21.28 9.32 -41.03
CA SER C 224 20.76 8.99 -42.35
C SER C 224 20.86 10.17 -43.30
N PHE C 225 20.58 11.38 -42.80
CA PHE C 225 20.77 12.59 -43.60
C PHE C 225 22.22 12.75 -44.00
N ALA C 226 23.13 12.54 -43.06
CA ALA C 226 24.57 12.71 -43.28
C ALA C 226 25.24 11.42 -43.71
N GLN C 227 24.71 10.77 -44.75
CA GLN C 227 25.30 9.53 -45.25
C GLN C 227 26.24 9.80 -46.42
N GLY C 228 25.70 10.28 -47.53
CA GLY C 228 26.52 10.67 -48.67
C GLY C 228 26.60 12.16 -48.83
N GLY C 229 25.48 12.85 -48.64
CA GLY C 229 25.43 14.28 -48.75
C GLY C 229 25.59 14.98 -47.41
N LEU C 230 26.44 14.42 -46.56
CA LEU C 230 26.73 15.05 -45.27
C LEU C 230 27.35 16.43 -45.43
N GLY C 231 27.96 16.70 -46.58
CA GLY C 231 28.53 17.99 -46.87
C GLY C 231 29.11 18.03 -48.26
N GLN C 232 30.26 18.67 -48.38
CA GLN C 232 30.97 19.16 -47.21
C GLN C 232 30.69 20.64 -46.95
N SER C 233 31.31 21.13 -45.87
CA SER C 233 30.93 22.31 -45.08
C SER C 233 30.95 21.89 -43.63
N LEU C 234 29.92 21.15 -43.24
CA LEU C 234 29.88 20.49 -41.93
C LEU C 234 31.14 19.65 -41.74
N CYS C 235 31.87 19.94 -40.65
CA CYS C 235 33.15 19.30 -40.36
C CYS C 235 34.14 19.53 -41.51
N GLU C 236 34.06 20.71 -42.11
CA GLU C 236 35.03 21.13 -43.12
C GLU C 236 34.96 22.64 -43.31
N HIS D 1 -14.37 -27.64 15.46
CA HIS D 1 -13.28 -28.61 15.51
C HIS D 1 -12.07 -27.71 15.29
N GLY D 2 -12.34 -26.47 14.84
CA GLY D 2 -11.28 -25.48 14.60
C GLY D 2 -11.05 -24.60 15.81
N GLU D 3 -11.76 -24.80 16.92
CA GLU D 3 -11.43 -24.02 18.14
C GLU D 3 -10.53 -24.90 19.02
N LYS D 4 -10.31 -24.54 20.29
CA LYS D 4 -9.33 -25.26 21.17
C LYS D 4 -7.92 -24.95 20.68
N SER D 5 -7.77 -24.21 19.58
CA SER D 5 -6.45 -23.81 19.02
C SER D 5 -6.37 -22.29 19.00
N GLN D 6 -7.50 -21.60 18.89
CA GLN D 6 -7.47 -20.15 18.96
C GLN D 6 -7.14 -19.69 20.39
N ALA D 7 -6.68 -18.45 20.48
CA ALA D 7 -6.31 -17.89 21.77
C ALA D 7 -7.49 -17.89 22.72
N ALA D 8 -7.23 -18.28 23.98
CA ALA D 8 -8.30 -18.39 24.97
C ALA D 8 -8.98 -17.06 25.21
N PHE D 9 -8.20 -15.98 25.33
CA PHE D 9 -8.81 -14.68 25.60
C PHE D 9 -9.60 -14.18 24.41
N MET D 10 -9.17 -14.54 23.19
CA MET D 10 -9.92 -14.13 22.01
C MET D 10 -11.23 -14.91 21.89
N ARG D 11 -11.21 -16.19 22.27
CA ARG D 11 -12.46 -16.95 22.32
C ARG D 11 -13.36 -16.43 23.43
N MET D 12 -12.79 -15.95 24.53
CA MET D 12 -13.60 -15.43 25.62
C MET D 12 -14.24 -14.10 25.27
N ARG D 13 -13.49 -13.19 24.65
CA ARG D 13 -14.01 -11.87 24.33
C ARG D 13 -14.04 -11.65 22.83
N THR D 14 -14.98 -12.32 22.15
CA THR D 14 -15.44 -11.87 20.85
C THR D 14 -16.95 -11.84 20.78
N ILE D 15 -17.56 -13.01 20.99
CA ILE D 15 -18.98 -13.23 20.77
C ILE D 15 -19.42 -14.33 21.74
N HIS D 16 -20.48 -14.05 22.50
CA HIS D 16 -20.99 -15.02 23.47
C HIS D 16 -22.29 -15.62 22.94
N TRP D 17 -22.28 -16.93 22.73
CA TRP D 17 -23.44 -17.66 22.23
C TRP D 17 -24.21 -18.23 23.42
N TYR D 18 -25.51 -17.99 23.45
CA TYR D 18 -26.35 -18.55 24.49
C TYR D 18 -27.77 -18.72 23.95
N ASP D 19 -28.60 -19.41 24.75
CA ASP D 19 -29.93 -19.83 24.33
C ASP D 19 -29.88 -20.68 23.07
N LEU D 20 -28.79 -21.41 22.88
CA LEU D 20 -28.66 -22.26 21.71
C LEU D 20 -29.60 -23.45 21.79
N SER D 21 -30.20 -23.81 20.66
CA SER D 21 -31.09 -24.96 20.60
C SER D 21 -30.91 -25.65 19.26
N TRP D 22 -31.16 -26.95 19.24
CA TRP D 22 -31.12 -27.75 18.02
C TRP D 22 -32.43 -28.49 17.88
N SER D 23 -33.04 -28.39 16.70
CA SER D 23 -34.35 -29.00 16.49
C SER D 23 -34.28 -30.51 16.59
N LYS D 24 -33.22 -31.11 16.05
CA LYS D 24 -33.05 -32.55 16.04
C LYS D 24 -31.59 -32.90 16.27
N GLU D 25 -31.37 -34.10 16.80
CA GLU D 25 -30.02 -34.61 17.01
C GLU D 25 -29.63 -35.67 16.00
N LYS D 26 -30.60 -36.30 15.36
CA LYS D 26 -30.37 -37.35 14.37
C LYS D 26 -31.36 -37.17 13.24
N VAL D 27 -30.87 -37.14 11.99
CA VAL D 27 -31.68 -36.80 10.84
C VAL D 27 -31.47 -37.81 9.73
N LYS D 28 -32.43 -37.85 8.80
CA LYS D 28 -32.30 -38.62 7.58
C LYS D 28 -31.79 -37.71 6.46
N ILE D 29 -31.37 -38.34 5.35
CA ILE D 29 -31.03 -37.58 4.16
C ILE D 29 -32.27 -36.81 3.69
N ASN D 30 -32.05 -35.56 3.28
CA ASN D 30 -33.06 -34.60 2.85
C ASN D 30 -33.89 -34.05 4.00
N GLU D 31 -33.67 -34.51 5.23
CA GLU D 31 -34.39 -33.98 6.38
C GLU D 31 -33.72 -32.69 6.86
N THR D 32 -34.51 -31.82 7.45
CA THR D 32 -34.07 -30.50 7.87
C THR D 32 -33.83 -30.47 9.37
N VAL D 33 -32.73 -29.84 9.78
CA VAL D 33 -32.42 -29.60 11.18
C VAL D 33 -32.18 -28.10 11.34
N GLU D 34 -32.78 -27.51 12.38
CA GLU D 34 -32.73 -26.07 12.59
C GLU D 34 -31.95 -25.77 13.86
N ILE D 35 -31.04 -24.79 13.76
CA ILE D 35 -30.23 -24.36 14.89
C ILE D 35 -30.62 -22.92 15.21
N LYS D 36 -31.00 -22.68 16.45
CA LYS D 36 -31.43 -21.37 16.92
C LYS D 36 -30.58 -20.95 18.11
N GLY D 37 -30.62 -19.66 18.42
CA GLY D 37 -29.93 -19.14 19.56
C GLY D 37 -29.72 -17.64 19.45
N LYS D 38 -28.94 -17.13 20.41
CA LYS D 38 -28.59 -15.72 20.46
C LYS D 38 -27.08 -15.60 20.57
N PHE D 39 -26.53 -14.52 20.02
CA PHE D 39 -25.13 -14.18 20.22
C PHE D 39 -25.02 -12.72 20.57
N HIS D 40 -24.12 -12.41 21.50
CA HIS D 40 -23.87 -11.05 21.95
C HIS D 40 -22.47 -10.64 21.55
N VAL D 41 -22.35 -9.50 20.90
CA VAL D 41 -21.04 -8.98 20.50
C VAL D 41 -20.44 -8.25 21.69
N PHE D 42 -19.29 -8.74 22.15
CA PHE D 42 -18.69 -8.21 23.38
C PHE D 42 -18.22 -6.77 23.18
N GLU D 43 -18.45 -5.94 24.20
CA GLU D 43 -18.05 -4.53 24.12
C GLU D 43 -16.53 -4.38 24.03
N GLY D 44 -15.79 -5.19 24.79
CA GLY D 44 -14.35 -5.13 24.76
C GLY D 44 -13.76 -5.92 23.60
N TRP D 45 -14.24 -5.62 22.39
CA TRP D 45 -13.78 -6.30 21.19
C TRP D 45 -12.27 -6.10 21.03
N PRO D 46 -11.49 -7.17 20.88
CA PRO D 46 -10.03 -7.00 20.81
C PRO D 46 -9.63 -6.15 19.60
N GLU D 47 -8.63 -5.30 19.80
CA GLU D 47 -8.17 -4.42 18.74
C GLU D 47 -7.55 -5.18 17.58
N THR D 48 -7.03 -6.38 17.84
CA THR D 48 -6.44 -7.17 16.77
C THR D 48 -7.49 -7.73 15.82
N VAL D 49 -8.74 -7.81 16.25
CA VAL D 49 -9.84 -8.22 15.39
C VAL D 49 -10.53 -6.96 14.89
N ASP D 50 -10.69 -6.88 13.58
CA ASP D 50 -11.43 -5.77 13.00
C ASP D 50 -12.86 -5.79 13.51
N GLU D 51 -13.43 -4.59 13.64
CA GLU D 51 -14.80 -4.47 14.12
C GLU D 51 -15.73 -5.21 13.17
N PRO D 52 -16.79 -5.85 13.70
CA PRO D 52 -17.66 -6.66 12.84
C PRO D 52 -18.52 -5.84 11.91
N ASP D 53 -17.89 -4.90 11.19
CA ASP D 53 -18.61 -4.13 10.18
C ASP D 53 -19.06 -5.02 9.03
N VAL D 54 -18.29 -6.04 8.69
CA VAL D 54 -18.64 -7.00 7.65
C VAL D 54 -18.49 -8.38 8.28
N ALA D 55 -19.62 -9.05 8.54
CA ALA D 55 -19.63 -10.36 9.17
C ALA D 55 -20.57 -11.28 8.42
N PHE D 56 -20.25 -12.57 8.45
CA PHE D 56 -21.04 -13.59 7.77
C PHE D 56 -21.42 -14.68 8.75
N LEU D 57 -22.70 -15.03 8.79
CA LEU D 57 -23.19 -16.12 9.62
C LEU D 57 -22.92 -17.42 8.88
N ASN D 58 -21.94 -18.18 9.36
CA ASN D 58 -21.50 -19.39 8.70
C ASN D 58 -21.82 -20.61 9.55
N VAL D 59 -21.52 -21.79 9.02
CA VAL D 59 -21.71 -23.05 9.72
C VAL D 59 -20.38 -23.80 9.73
N GLY D 60 -19.94 -24.21 10.92
CA GLY D 60 -18.73 -24.98 11.05
C GLY D 60 -18.99 -26.46 10.85
N MET D 61 -18.46 -27.03 9.78
CA MET D 61 -18.79 -28.40 9.41
C MET D 61 -17.75 -28.90 8.42
N PRO D 62 -17.55 -30.23 8.33
CA PRO D 62 -16.54 -30.77 7.42
C PRO D 62 -17.03 -30.88 5.99
N GLY D 63 -17.12 -29.75 5.28
CA GLY D 63 -17.63 -29.76 3.94
C GLY D 63 -19.14 -29.88 3.92
N PRO D 64 -19.74 -29.92 2.74
CA PRO D 64 -21.21 -29.88 2.63
C PRO D 64 -21.88 -31.20 3.04
N VAL D 65 -21.62 -31.63 4.27
CA VAL D 65 -22.40 -32.73 4.82
C VAL D 65 -23.83 -32.30 5.11
N PHE D 66 -24.05 -31.00 5.29
CA PHE D 66 -25.37 -30.39 5.26
C PHE D 66 -25.31 -29.29 4.22
N ILE D 67 -26.45 -28.91 3.67
CA ILE D 67 -26.55 -27.70 2.87
C ILE D 67 -27.31 -26.64 3.66
N ARG D 68 -26.83 -25.41 3.62
CA ARG D 68 -27.48 -24.31 4.32
C ARG D 68 -28.69 -23.88 3.51
N LYS D 69 -29.88 -24.32 3.92
CA LYS D 69 -31.09 -23.93 3.23
C LYS D 69 -31.43 -22.47 3.51
N GLU D 70 -31.36 -22.07 4.78
CA GLU D 70 -31.68 -20.70 5.18
C GLU D 70 -30.82 -20.32 6.36
N SER D 71 -30.61 -19.02 6.52
CA SER D 71 -29.93 -18.47 7.68
C SER D 71 -30.53 -17.09 7.95
N TYR D 72 -30.78 -16.79 9.22
CA TYR D 72 -31.42 -15.55 9.61
C TYR D 72 -30.66 -14.89 10.75
N ILE D 73 -30.56 -13.57 10.69
CA ILE D 73 -30.13 -12.75 11.81
C ILE D 73 -31.28 -11.79 12.11
N GLY D 74 -31.80 -11.87 13.32
CA GLY D 74 -33.02 -11.16 13.63
C GLY D 74 -34.22 -11.99 13.21
N GLY D 75 -34.81 -11.65 12.08
CA GLY D 75 -35.87 -12.46 11.51
C GLY D 75 -35.80 -12.50 9.99
N GLN D 76 -34.73 -11.97 9.43
CA GLN D 76 -34.58 -11.79 8.00
C GLN D 76 -33.42 -12.61 7.46
N LEU D 77 -33.59 -13.11 6.23
CA LEU D 77 -32.60 -13.99 5.62
C LEU D 77 -31.31 -13.24 5.34
N VAL D 78 -30.18 -13.91 5.56
CA VAL D 78 -28.87 -13.28 5.42
C VAL D 78 -27.96 -14.13 4.54
N PRO D 79 -28.23 -14.23 3.23
CA PRO D 79 -27.33 -14.98 2.36
C PRO D 79 -26.02 -14.27 2.07
N ARG D 80 -25.89 -13.01 2.43
CA ARG D 80 -24.70 -12.22 2.21
C ARG D 80 -24.09 -11.81 3.54
N SER D 81 -22.96 -11.13 3.47
CA SER D 81 -22.34 -10.60 4.68
C SER D 81 -23.22 -9.52 5.30
N VAL D 82 -23.11 -9.36 6.62
CA VAL D 82 -23.95 -8.43 7.35
C VAL D 82 -23.07 -7.57 8.25
N ARG D 83 -23.64 -6.46 8.69
CA ARG D 83 -22.98 -5.55 9.62
C ARG D 83 -23.54 -5.76 11.01
N LEU D 84 -22.66 -5.98 11.97
CA LEU D 84 -23.03 -6.15 13.37
C LEU D 84 -22.49 -5.00 14.18
N GLU D 85 -23.19 -4.65 15.26
CA GLU D 85 -22.80 -3.56 16.13
C GLU D 85 -22.25 -4.12 17.44
N ILE D 86 -21.13 -3.57 17.89
CA ILE D 86 -20.50 -4.03 19.12
C ILE D 86 -21.41 -3.68 20.30
N GLY D 87 -21.61 -4.65 21.19
CA GLY D 87 -22.46 -4.49 22.35
C GLY D 87 -23.90 -4.91 22.14
N LYS D 88 -24.28 -5.23 20.92
CA LYS D 88 -25.65 -5.63 20.62
C LYS D 88 -25.81 -7.14 20.68
N THR D 89 -27.02 -7.56 21.01
CA THR D 89 -27.38 -8.98 21.03
C THR D 89 -28.32 -9.27 19.86
N TYR D 90 -28.00 -10.30 19.09
CA TYR D 90 -28.81 -10.70 17.96
C TYR D 90 -29.26 -12.15 18.15
N ASP D 91 -30.44 -12.46 17.62
CA ASP D 91 -30.91 -13.83 17.56
C ASP D 91 -30.73 -14.35 16.15
N PHE D 92 -30.38 -15.63 16.03
CA PHE D 92 -30.08 -16.23 14.75
C PHE D 92 -30.83 -17.54 14.59
N ARG D 93 -30.95 -17.98 13.34
CA ARG D 93 -31.60 -19.25 13.03
C ARG D 93 -31.01 -19.76 11.72
N VAL D 94 -30.43 -20.95 11.75
CA VAL D 94 -29.85 -21.58 10.57
C VAL D 94 -30.60 -22.88 10.30
N VAL D 95 -31.06 -23.05 9.07
CA VAL D 95 -31.76 -24.25 8.64
C VAL D 95 -30.81 -25.05 7.77
N LEU D 96 -30.57 -26.30 8.16
CA LEU D 96 -29.66 -27.19 7.45
C LEU D 96 -30.43 -28.41 6.94
N LYS D 97 -30.07 -28.86 5.74
CA LYS D 97 -30.65 -30.05 5.15
C LYS D 97 -29.56 -31.11 5.02
N ALA D 98 -29.83 -32.30 5.55
CA ALA D 98 -28.83 -33.35 5.57
C ALA D 98 -28.51 -33.84 4.16
N ARG D 99 -27.23 -34.03 3.90
CA ARG D 99 -26.75 -34.41 2.57
C ARG D 99 -25.86 -35.64 2.59
N ARG D 100 -25.02 -35.79 3.60
CA ARG D 100 -24.04 -36.87 3.64
C ARG D 100 -24.18 -37.66 4.94
N PRO D 101 -24.29 -38.98 4.87
CA PRO D 101 -24.44 -39.77 6.09
C PRO D 101 -23.19 -39.73 6.95
N GLY D 102 -23.39 -39.87 8.26
CA GLY D 102 -22.29 -39.91 9.19
C GLY D 102 -22.57 -39.16 10.49
N ASP D 103 -21.54 -39.01 11.32
CA ASP D 103 -21.64 -38.25 12.56
C ASP D 103 -20.81 -36.98 12.42
N TRP D 104 -21.48 -35.84 12.42
CA TRP D 104 -20.85 -34.57 12.12
C TRP D 104 -20.96 -33.62 13.29
N HIS D 105 -19.88 -32.89 13.56
CA HIS D 105 -19.83 -31.89 14.62
C HIS D 105 -20.18 -30.55 13.98
N VAL D 106 -21.40 -30.09 14.21
CA VAL D 106 -21.91 -28.89 13.55
C VAL D 106 -21.77 -27.70 14.49
N HIS D 107 -21.03 -26.70 14.05
CA HIS D 107 -20.82 -25.46 14.79
C HIS D 107 -21.56 -24.32 14.11
N THR D 108 -22.08 -23.41 14.92
CA THR D 108 -22.56 -22.13 14.42
C THR D 108 -21.41 -21.14 14.62
N MET D 109 -21.02 -20.47 13.55
CA MET D 109 -19.86 -19.61 13.61
C MET D 109 -20.14 -18.26 12.95
N MET D 110 -19.35 -17.26 13.35
CA MET D 110 -19.42 -15.94 12.75
C MET D 110 -18.05 -15.59 12.22
N ASN D 111 -17.95 -15.39 10.91
CA ASN D 111 -16.72 -14.96 10.26
C ASN D 111 -16.73 -13.44 10.18
N VAL D 112 -15.67 -12.82 10.65
CA VAL D 112 -15.53 -11.37 10.65
C VAL D 112 -14.48 -10.99 9.60
N GLN D 113 -14.78 -9.92 8.85
CA GLN D 113 -13.97 -9.56 7.68
C GLN D 113 -12.49 -9.46 8.00
N GLY D 114 -12.13 -8.81 9.10
CA GLY D 114 -10.73 -8.64 9.41
C GLY D 114 -10.27 -9.31 10.68
N GLY D 115 -10.98 -10.34 11.12
CA GLY D 115 -10.55 -11.04 12.32
C GLY D 115 -10.54 -12.55 12.24
N GLY D 116 -11.17 -13.12 11.21
CA GLY D 116 -11.20 -14.56 11.07
C GLY D 116 -12.41 -15.20 11.73
N PRO D 117 -12.34 -16.52 11.92
CA PRO D 117 -13.53 -17.27 12.37
C PRO D 117 -13.77 -17.19 13.88
N ILE D 118 -15.02 -16.98 14.26
CA ILE D 118 -15.44 -17.02 15.66
C ILE D 118 -16.38 -18.21 15.79
N ILE D 119 -15.86 -19.32 16.30
CA ILE D 119 -16.62 -20.58 16.31
C ILE D 119 -17.40 -20.70 17.60
N GLY D 120 -18.70 -20.93 17.47
CA GLY D 120 -19.56 -21.16 18.62
C GLY D 120 -19.55 -22.62 19.03
N PRO D 121 -20.44 -22.98 19.96
CA PRO D 121 -20.52 -24.38 20.41
C PRO D 121 -20.89 -25.30 19.27
N GLY D 122 -20.29 -26.49 19.28
CA GLY D 122 -20.54 -27.50 18.26
C GLY D 122 -21.29 -28.68 18.86
N LYS D 123 -22.21 -29.24 18.08
CA LYS D 123 -23.04 -30.35 18.52
C LYS D 123 -22.94 -31.50 17.51
N TRP D 124 -22.81 -32.71 18.02
CA TRP D 124 -22.77 -33.89 17.17
C TRP D 124 -24.17 -34.19 16.64
N ILE D 125 -24.30 -34.21 15.32
CA ILE D 125 -25.56 -34.51 14.65
C ILE D 125 -25.34 -35.70 13.74
N THR D 126 -26.15 -36.74 13.92
CA THR D 126 -26.04 -37.97 13.15
C THR D 126 -26.91 -37.88 11.91
N VAL D 127 -26.35 -38.25 10.76
CA VAL D 127 -27.07 -38.31 9.50
C VAL D 127 -27.08 -39.74 9.03
N GLU D 128 -28.27 -40.25 8.70
CA GLU D 128 -28.42 -41.61 8.19
C GLU D 128 -29.11 -41.58 6.84
N GLY D 129 -28.81 -42.58 6.01
CA GLY D 129 -29.32 -42.67 4.67
C GLY D 129 -28.21 -42.83 3.65
N SER D 130 -28.50 -42.42 2.42
CA SER D 130 -27.53 -42.48 1.34
C SER D 130 -27.42 -41.11 0.68
N MET D 131 -26.20 -40.74 0.32
CA MET D 131 -25.99 -39.48 -0.39
C MET D 131 -26.70 -39.47 -1.73
N SER D 132 -26.90 -40.64 -2.35
CA SER D 132 -27.58 -40.70 -3.64
C SER D 132 -29.05 -40.27 -3.54
N GLU D 133 -29.64 -40.32 -2.34
CA GLU D 133 -31.02 -39.89 -2.17
C GLU D 133 -31.15 -38.38 -2.01
N PHE D 134 -30.05 -37.66 -1.83
CA PHE D 134 -30.12 -36.23 -1.60
C PHE D 134 -30.58 -35.50 -2.85
N ARG D 135 -31.51 -34.57 -2.66
CA ARG D 135 -31.98 -33.68 -3.73
C ARG D 135 -31.93 -32.25 -3.23
N ASN D 136 -31.59 -31.33 -4.13
CA ASN D 136 -31.57 -29.90 -3.84
C ASN D 136 -32.35 -29.17 -4.92
N PRO D 137 -33.66 -29.36 -4.97
CA PRO D 137 -34.47 -28.70 -6.00
C PRO D 137 -34.57 -27.20 -5.75
N VAL D 138 -34.71 -26.45 -6.83
CA VAL D 138 -34.94 -25.01 -6.76
C VAL D 138 -35.73 -24.59 -7.98
N THR D 139 -36.63 -23.63 -7.82
CA THR D 139 -37.44 -23.12 -8.92
C THR D 139 -37.01 -21.72 -9.27
N THR D 140 -36.70 -21.50 -10.54
CA THR D 140 -36.23 -20.20 -11.01
C THR D 140 -37.40 -19.30 -11.36
N LEU D 141 -37.10 -18.02 -11.54
CA LEU D 141 -38.10 -17.07 -11.98
C LEU D 141 -38.50 -17.27 -13.44
N THR D 142 -37.78 -18.11 -14.17
CA THR D 142 -38.15 -18.46 -15.54
C THR D 142 -39.09 -19.65 -15.60
N GLY D 143 -39.51 -20.19 -14.45
CA GLY D 143 -40.50 -21.25 -14.43
C GLY D 143 -39.97 -22.65 -14.66
N GLN D 144 -38.73 -22.93 -14.27
CA GLN D 144 -38.18 -24.27 -14.40
C GLN D 144 -37.60 -24.71 -13.07
N THR D 145 -37.78 -25.99 -12.75
CA THR D 145 -37.27 -26.58 -11.51
C THR D 145 -36.05 -27.43 -11.85
N VAL D 146 -34.94 -27.15 -11.19
CA VAL D 146 -33.69 -27.85 -11.43
C VAL D 146 -33.16 -28.39 -10.11
N ASP D 147 -32.34 -29.44 -10.20
CA ASP D 147 -31.65 -29.99 -9.04
C ASP D 147 -30.23 -29.45 -9.02
N LEU D 148 -29.90 -28.72 -7.96
CA LEU D 148 -28.59 -28.08 -7.87
C LEU D 148 -27.44 -29.06 -7.76
N GLU D 149 -27.72 -30.34 -7.47
CA GLU D 149 -26.67 -31.34 -7.40
C GLU D 149 -26.02 -31.60 -8.76
N ASN D 150 -26.81 -31.56 -9.84
CA ASN D 150 -26.28 -31.93 -11.16
C ASN D 150 -26.66 -30.94 -12.25
N TYR D 151 -27.36 -29.86 -11.94
CA TYR D 151 -27.72 -28.87 -12.95
C TYR D 151 -26.47 -28.28 -13.58
N ASN D 152 -26.46 -28.18 -14.91
CA ASN D 152 -25.39 -27.62 -15.73
C ASN D 152 -24.13 -28.47 -15.75
N GLU D 153 -24.11 -29.61 -15.05
CA GLU D 153 -22.92 -30.45 -15.02
C GLU D 153 -22.58 -30.99 -16.40
N GLY D 154 -23.59 -31.47 -17.13
CA GLY D 154 -23.35 -31.99 -18.46
C GLY D 154 -22.83 -30.93 -19.41
N ASN D 155 -23.42 -29.73 -19.35
CA ASN D 155 -22.96 -28.63 -20.20
C ASN D 155 -21.53 -28.24 -19.88
N THR D 156 -21.19 -28.15 -18.60
CA THR D 156 -19.83 -27.83 -18.19
C THR D 156 -18.84 -28.87 -18.71
N TYR D 157 -19.15 -30.15 -18.49
CA TYR D 157 -18.29 -31.23 -18.96
C TYR D 157 -18.13 -31.16 -20.47
N PHE D 158 -19.23 -30.95 -21.19
CA PHE D 158 -19.18 -30.92 -22.65
C PHE D 158 -18.28 -29.81 -23.15
N TRP D 159 -18.47 -28.60 -22.64
CA TRP D 159 -17.68 -27.48 -23.14
C TRP D 159 -16.20 -27.63 -22.79
N HIS D 160 -15.91 -28.07 -21.56
CA HIS D 160 -14.51 -28.24 -21.18
C HIS D 160 -13.84 -29.33 -22.02
N ALA D 161 -14.54 -30.45 -22.24
CA ALA D 161 -13.99 -31.52 -23.07
C ALA D 161 -13.80 -31.05 -24.50
N PHE D 162 -14.74 -30.25 -25.03
CA PHE D 162 -14.61 -29.75 -26.40
C PHE D 162 -13.38 -28.88 -26.56
N TRP D 163 -13.18 -27.93 -25.64
CA TRP D 163 -12.02 -27.04 -25.79
C TRP D 163 -10.72 -27.79 -25.53
N PHE D 164 -10.72 -28.71 -24.57
CA PHE D 164 -9.53 -29.54 -24.35
C PHE D 164 -9.21 -30.36 -25.59
N ALA D 165 -10.23 -30.89 -26.25
CA ALA D 165 -10.02 -31.66 -27.48
C ALA D 165 -9.46 -30.78 -28.59
N ILE D 166 -9.94 -29.53 -28.69
CA ILE D 166 -9.39 -28.62 -29.69
C ILE D 166 -7.90 -28.37 -29.44
N GLY D 167 -7.53 -28.09 -28.19
CA GLY D 167 -6.13 -27.88 -27.88
C GLY D 167 -5.28 -29.12 -28.13
N VAL D 168 -5.78 -30.28 -27.75
CA VAL D 168 -5.06 -31.53 -27.97
C VAL D 168 -4.90 -31.80 -29.46
N ALA D 169 -5.92 -31.45 -30.26
CA ALA D 169 -5.83 -31.62 -31.70
C ALA D 169 -4.74 -30.73 -32.28
N TRP D 170 -4.67 -29.48 -31.83
CA TRP D 170 -3.61 -28.57 -32.27
C TRP D 170 -2.23 -29.16 -31.95
N ILE D 171 -2.06 -29.59 -30.70
CA ILE D 171 -0.76 -30.11 -30.27
C ILE D 171 -0.40 -31.37 -31.04
N GLY D 172 -1.36 -32.28 -31.22
CA GLY D 172 -1.08 -33.51 -31.94
C GLY D 172 -0.79 -33.28 -33.42
N TYR D 173 -1.50 -32.33 -34.02
CA TYR D 173 -1.20 -31.95 -35.40
C TYR D 173 0.25 -31.53 -35.52
N TRP D 174 0.73 -30.72 -34.58
CA TRP D 174 2.15 -30.37 -34.64
C TRP D 174 3.07 -31.47 -34.14
N SER D 175 2.54 -32.46 -33.43
CA SER D 175 3.35 -33.51 -32.84
C SER D 175 3.47 -34.75 -33.71
N ARG D 176 2.76 -34.81 -34.84
CA ARG D 176 2.93 -35.96 -35.73
C ARG D 176 4.36 -36.04 -36.26
N ARG D 177 4.94 -34.90 -36.63
CA ARG D 177 6.31 -34.85 -37.07
C ARG D 177 7.26 -34.91 -35.87
N PRO D 178 8.56 -35.15 -36.10
CA PRO D 178 9.52 -35.10 -35.00
C PRO D 178 9.51 -33.75 -34.30
N ILE D 179 9.73 -33.77 -32.98
CA ILE D 179 9.38 -32.63 -32.14
C ILE D 179 10.59 -31.81 -31.71
N PHE D 180 11.51 -32.40 -30.95
CA PHE D 180 12.45 -31.58 -30.19
C PHE D 180 13.84 -31.49 -30.83
N ILE D 181 14.55 -32.60 -30.98
CA ILE D 181 15.97 -32.52 -31.28
C ILE D 181 16.22 -32.19 -32.75
N PRO D 182 15.57 -32.88 -33.71
CA PRO D 182 15.77 -32.46 -35.12
C PRO D 182 15.33 -31.05 -35.39
N ARG D 183 14.23 -30.60 -34.78
CA ARG D 183 13.79 -29.21 -34.98
C ARG D 183 14.78 -28.23 -34.37
N LEU D 184 15.31 -28.55 -33.19
CA LEU D 184 16.33 -27.71 -32.57
C LEU D 184 17.56 -27.61 -33.46
N LEU D 185 18.00 -28.74 -34.01
CA LEU D 185 19.17 -28.74 -34.88
C LEU D 185 18.90 -27.94 -36.16
N MET D 186 17.71 -28.07 -36.73
CA MET D 186 17.37 -27.31 -37.92
C MET D 186 17.35 -25.82 -37.64
N VAL D 187 16.80 -25.41 -36.50
CA VAL D 187 16.76 -23.99 -36.15
C VAL D 187 18.17 -23.46 -35.91
N ASP D 188 19.01 -24.22 -35.20
CA ASP D 188 20.36 -23.77 -34.89
C ASP D 188 21.24 -23.71 -36.13
N ALA D 189 21.40 -24.84 -36.81
CA ALA D 189 22.27 -24.91 -37.97
C ALA D 189 21.62 -24.25 -39.18
N GLY D 190 21.90 -22.96 -39.38
CA GLY D 190 21.33 -22.23 -40.49
C GLY D 190 19.92 -21.77 -40.21
N ARG D 191 19.37 -21.04 -41.17
CA ARG D 191 17.98 -20.61 -41.08
C ARG D 191 17.06 -21.82 -41.19
N ALA D 192 15.98 -21.81 -40.40
CA ALA D 192 15.12 -22.98 -40.42
C ALA D 192 14.16 -22.93 -41.59
N ASP D 193 13.17 -22.04 -41.51
CA ASP D 193 12.28 -21.67 -42.62
C ASP D 193 11.81 -22.88 -43.43
N GLU D 194 11.77 -24.04 -42.78
CA GLU D 194 11.42 -25.27 -43.49
C GLU D 194 10.46 -26.12 -42.68
N LEU D 195 10.46 -25.93 -41.36
CA LEU D 195 9.60 -26.71 -40.49
C LEU D 195 8.22 -26.08 -40.31
N VAL D 196 8.05 -24.84 -40.75
CA VAL D 196 6.75 -24.19 -40.77
C VAL D 196 6.47 -23.69 -42.17
N SER D 197 5.77 -24.51 -42.96
CA SER D 197 5.44 -24.17 -44.34
C SER D 197 4.02 -24.63 -44.63
N ALA D 198 3.39 -23.97 -45.60
CA ALA D 198 2.05 -24.35 -46.04
C ALA D 198 1.99 -25.85 -46.31
N THR D 199 0.92 -26.49 -45.88
CA THR D 199 -0.28 -25.82 -45.37
C THR D 199 -0.34 -25.66 -43.85
N ASP D 200 0.81 -25.57 -43.18
CA ASP D 200 0.80 -25.34 -41.75
C ASP D 200 0.19 -23.98 -41.40
N ARG D 201 0.54 -22.95 -42.18
CA ARG D 201 -0.05 -21.64 -41.97
C ARG D 201 -1.55 -21.66 -42.23
N LYS D 202 -1.99 -22.41 -43.23
CA LYS D 202 -3.42 -22.53 -43.50
C LYS D 202 -4.14 -23.23 -42.36
N VAL D 203 -3.52 -24.27 -41.79
CA VAL D 203 -4.12 -24.97 -40.66
C VAL D 203 -4.23 -24.05 -39.46
N ALA D 204 -3.18 -23.24 -39.21
CA ALA D 204 -3.24 -22.31 -38.10
C ALA D 204 -4.29 -21.23 -38.31
N MET D 205 -4.41 -20.71 -39.53
CA MET D 205 -5.47 -19.75 -39.83
C MET D 205 -6.84 -20.37 -39.61
N GLY D 206 -7.02 -21.62 -40.05
CA GLY D 206 -8.27 -22.30 -39.80
C GLY D 206 -8.56 -22.46 -38.31
N PHE D 207 -7.54 -22.82 -37.54
CA PHE D 207 -7.71 -22.97 -36.10
C PHE D 207 -8.12 -21.65 -35.46
N LEU D 208 -7.45 -20.56 -35.82
CA LEU D 208 -7.76 -19.25 -35.24
C LEU D 208 -9.17 -18.81 -35.60
N ALA D 209 -9.51 -18.89 -36.89
CA ALA D 209 -10.83 -18.46 -37.34
C ALA D 209 -11.92 -19.32 -36.72
N ALA D 210 -11.70 -20.64 -36.67
CA ALA D 210 -12.69 -21.53 -36.07
C ALA D 210 -12.85 -21.25 -34.58
N THR D 211 -11.75 -20.97 -33.89
CA THR D 211 -11.85 -20.66 -32.46
C THR D 211 -12.69 -19.41 -32.23
N ILE D 212 -12.40 -18.34 -32.97
CA ILE D 212 -13.15 -17.10 -32.79
C ILE D 212 -14.62 -17.31 -33.16
N LEU D 213 -14.87 -17.97 -34.29
CA LEU D 213 -16.24 -18.16 -34.75
C LEU D 213 -17.03 -19.04 -33.78
N ILE D 214 -16.40 -20.09 -33.26
CA ILE D 214 -17.08 -20.98 -32.32
C ILE D 214 -17.38 -20.27 -31.02
N VAL D 215 -16.44 -19.44 -30.54
CA VAL D 215 -16.70 -18.67 -29.33
C VAL D 215 -17.90 -17.74 -29.53
N VAL D 216 -17.92 -17.04 -30.66
CA VAL D 216 -19.01 -16.11 -30.93
C VAL D 216 -20.34 -16.85 -31.05
N MET D 217 -20.35 -17.96 -31.80
CA MET D 217 -21.58 -18.72 -31.99
C MET D 217 -22.08 -19.32 -30.69
N ALA D 218 -21.16 -19.85 -29.87
CA ALA D 218 -21.55 -20.42 -28.59
C ALA D 218 -22.10 -19.36 -27.65
N MET D 219 -21.50 -18.17 -27.64
CA MET D 219 -22.03 -17.08 -26.83
C MET D 219 -23.43 -16.68 -27.29
N SER D 220 -23.62 -16.59 -28.62
CA SER D 220 -24.93 -16.22 -29.13
C SER D 220 -25.97 -17.28 -28.79
N SER D 221 -25.60 -18.56 -28.92
CA SER D 221 -26.53 -19.64 -28.58
C SER D 221 -26.87 -19.65 -27.10
N ALA D 222 -25.87 -19.43 -26.24
CA ALA D 222 -26.11 -19.34 -24.81
C ALA D 222 -26.81 -18.05 -24.42
N ASN D 223 -26.93 -17.08 -25.33
CA ASN D 223 -27.77 -15.92 -25.11
C ASN D 223 -29.21 -16.14 -25.57
N SER D 224 -29.40 -16.88 -26.67
CA SER D 224 -30.75 -17.20 -27.12
C SER D 224 -31.44 -18.13 -26.13
N LYS D 225 -30.78 -19.24 -25.78
CA LYS D 225 -31.16 -19.98 -24.59
C LYS D 225 -30.74 -19.20 -23.35
N TYR D 226 -31.49 -19.35 -22.27
CA TYR D 226 -31.31 -18.53 -21.08
C TYR D 226 -31.28 -17.04 -21.44
N PRO D 227 -32.33 -16.50 -22.06
CA PRO D 227 -32.31 -15.08 -22.41
C PRO D 227 -32.36 -14.17 -21.20
N ILE D 228 -32.75 -14.68 -20.05
CA ILE D 228 -32.85 -13.89 -18.82
C ILE D 228 -31.76 -14.35 -17.87
N THR D 229 -30.79 -13.50 -17.63
CA THR D 229 -29.72 -13.76 -16.67
C THR D 229 -29.49 -12.53 -15.81
N ILE D 230 -29.01 -12.75 -14.60
CA ILE D 230 -28.68 -11.67 -13.68
C ILE D 230 -27.26 -11.87 -13.19
N PRO D 231 -26.54 -10.81 -12.81
CA PRO D 231 -25.20 -10.98 -12.24
C PRO D 231 -25.28 -11.60 -10.86
N LEU D 232 -24.10 -11.99 -10.37
CA LEU D 232 -24.00 -12.51 -9.01
C LEU D 232 -24.45 -11.46 -8.02
N GLN D 233 -25.30 -11.86 -7.07
CA GLN D 233 -25.84 -10.95 -6.07
C GLN D 233 -24.92 -10.92 -4.86
N ALA D 234 -24.31 -9.76 -4.61
CA ALA D 234 -23.35 -9.62 -3.53
C ALA D 234 -23.53 -8.26 -2.88
N GLY D 235 -22.90 -8.09 -1.73
CA GLY D 235 -22.94 -6.84 -1.01
C GLY D 235 -23.33 -7.00 0.44
N THR D 236 -22.56 -6.39 1.34
CA THR D 236 -22.88 -6.45 2.76
C THR D 236 -24.24 -5.82 3.04
N MET D 237 -25.01 -6.47 3.90
CA MET D 237 -26.37 -6.04 4.20
C MET D 237 -26.38 -5.33 5.56
N ARG D 238 -26.84 -4.09 5.56
CA ARG D 238 -26.90 -3.28 6.77
C ARG D 238 -28.27 -3.43 7.42
N GLY D 239 -28.44 -2.76 8.56
CA GLY D 239 -29.71 -2.73 9.25
C GLY D 239 -30.15 -4.07 9.80
N MET D 240 -29.22 -4.82 10.38
CA MET D 240 -29.59 -6.02 11.14
C MET D 240 -30.30 -5.58 12.41
N LYS D 241 -31.45 -6.19 12.69
CA LYS D 241 -32.24 -5.79 13.83
C LYS D 241 -31.77 -6.51 15.09
N PRO D 242 -31.20 -5.81 16.06
CA PRO D 242 -30.78 -6.46 17.30
C PRO D 242 -31.94 -6.65 18.26
N LEU D 243 -31.73 -7.57 19.20
CA LEU D 243 -32.73 -7.80 20.23
C LEU D 243 -32.80 -6.62 21.19
N GLU D 244 -34.01 -6.24 21.55
CA GLU D 244 -34.23 -5.15 22.52
C GLU D 244 -34.39 -5.77 23.91
N LEU D 245 -33.25 -6.10 24.50
CA LEU D 245 -33.26 -6.74 25.81
C LEU D 245 -33.57 -5.73 26.89
N PRO D 246 -34.32 -6.12 27.93
CA PRO D 246 -34.52 -5.21 29.06
C PRO D 246 -33.23 -5.00 29.83
N ALA D 247 -33.11 -3.84 30.46
CA ALA D 247 -31.92 -3.54 31.24
C ALA D 247 -31.84 -4.51 32.42
N PRO D 248 -30.69 -5.14 32.64
CA PRO D 248 -30.58 -6.10 33.76
C PRO D 248 -30.76 -5.42 35.11
N THR D 249 -31.41 -6.12 36.01
CA THR D 249 -31.60 -5.66 37.38
C THR D 249 -30.48 -6.13 38.30
N VAL D 250 -29.47 -6.80 37.77
CA VAL D 250 -28.35 -7.29 38.56
C VAL D 250 -27.09 -6.62 38.06
N SER D 251 -26.32 -6.05 38.99
CA SER D 251 -25.02 -5.48 38.69
C SER D 251 -23.94 -6.30 39.40
N VAL D 252 -22.91 -6.69 38.67
CA VAL D 252 -21.83 -7.51 39.19
C VAL D 252 -20.52 -6.80 38.94
N LYS D 253 -19.71 -6.67 39.99
CA LYS D 253 -18.37 -6.11 39.90
C LYS D 253 -17.37 -7.20 40.23
N VAL D 254 -16.43 -7.45 39.32
CA VAL D 254 -15.44 -8.51 39.50
C VAL D 254 -14.28 -7.92 40.30
N GLU D 255 -14.07 -8.44 41.50
CA GLU D 255 -12.93 -8.07 42.34
C GLU D 255 -11.93 -9.21 42.25
N ASP D 256 -11.03 -9.12 41.27
CA ASP D 256 -9.95 -10.06 40.98
C ASP D 256 -10.50 -11.39 40.47
N ALA D 257 -9.73 -12.04 39.59
CA ALA D 257 -10.07 -13.34 39.05
C ALA D 257 -8.78 -14.10 38.82
N THR D 258 -8.70 -15.32 39.33
CA THR D 258 -7.48 -16.11 39.28
C THR D 258 -7.77 -17.52 38.80
N TYR D 259 -6.76 -18.14 38.21
CA TYR D 259 -6.81 -19.53 37.81
C TYR D 259 -5.46 -20.18 38.13
N ARG D 260 -5.51 -21.41 38.61
CA ARG D 260 -4.30 -22.13 38.99
C ARG D 260 -3.58 -22.66 37.76
N VAL D 261 -2.25 -22.54 37.77
CA VAL D 261 -1.41 -23.11 36.71
C VAL D 261 -0.48 -24.14 37.33
N PRO D 262 -0.65 -25.44 37.05
CA PRO D 262 -1.73 -25.97 36.21
C PRO D 262 -3.01 -26.19 37.00
N GLY D 263 -4.12 -26.34 36.30
CA GLY D 263 -5.39 -26.59 36.96
C GLY D 263 -6.51 -26.63 35.95
N ARG D 264 -7.69 -26.99 36.46
CA ARG D 264 -8.90 -27.07 35.64
C ARG D 264 -10.00 -26.18 36.20
N ALA D 265 -9.64 -25.19 37.01
CA ALA D 265 -10.61 -24.35 37.69
C ALA D 265 -10.25 -22.88 37.53
N MET D 266 -11.27 -22.03 37.52
CA MET D 266 -11.10 -20.59 37.50
C MET D 266 -11.87 -20.02 38.67
N ARG D 267 -11.23 -19.12 39.41
CA ARG D 267 -11.80 -18.54 40.62
C ARG D 267 -11.91 -17.02 40.46
N MET D 268 -13.04 -16.47 40.88
CA MET D 268 -13.24 -15.03 40.83
C MET D 268 -14.11 -14.60 41.99
N LYS D 269 -13.92 -13.36 42.43
CA LYS D 269 -14.67 -12.78 43.52
C LYS D 269 -15.57 -11.69 42.97
N LEU D 270 -16.88 -11.84 43.15
CA LEU D 270 -17.86 -10.95 42.57
C LEU D 270 -18.64 -10.24 43.65
N THR D 271 -18.89 -8.95 43.43
CA THR D 271 -19.79 -8.16 44.27
C THR D 271 -21.09 -8.01 43.50
N ILE D 272 -22.13 -8.70 43.95
CA ILE D 272 -23.41 -8.74 43.26
C ILE D 272 -24.40 -7.86 44.00
N THR D 273 -25.00 -6.90 43.28
CA THR D 273 -26.02 -6.02 43.81
C THR D 273 -27.34 -6.35 43.12
N ASN D 274 -28.35 -6.70 43.90
CA ASN D 274 -29.65 -7.11 43.37
C ASN D 274 -30.59 -5.92 43.38
N HIS D 275 -30.95 -5.43 42.20
CA HIS D 275 -32.01 -4.45 42.07
C HIS D 275 -33.30 -5.18 41.67
N GLY D 276 -34.35 -4.41 41.40
CA GLY D 276 -35.65 -5.00 41.13
C GLY D 276 -36.29 -5.48 42.41
N ASN D 277 -37.21 -6.45 42.29
CA ASN D 277 -38.01 -6.88 43.43
C ASN D 277 -38.15 -8.39 43.52
N SER D 278 -37.07 -9.13 43.33
CA SER D 278 -37.16 -10.58 43.44
C SER D 278 -35.82 -11.15 43.91
N PRO D 279 -35.81 -12.16 44.78
CA PRO D 279 -34.55 -12.78 45.19
C PRO D 279 -33.90 -13.55 44.05
N ILE D 280 -32.65 -13.24 43.75
CA ILE D 280 -31.94 -13.84 42.63
C ILE D 280 -30.92 -14.86 43.16
N ARG D 281 -30.49 -15.75 42.28
CA ARG D 281 -29.46 -16.73 42.60
C ARG D 281 -28.62 -16.97 41.35
N LEU D 282 -27.31 -17.09 41.55
CA LEU D 282 -26.41 -17.31 40.42
C LEU D 282 -26.54 -18.74 39.92
N GLY D 283 -26.89 -18.90 38.65
CA GLY D 283 -27.16 -20.22 38.11
C GLY D 283 -26.17 -20.70 37.07
N GLU D 284 -25.50 -19.79 36.38
CA GLU D 284 -24.63 -20.18 35.29
C GLU D 284 -23.52 -19.16 35.10
N PHE D 285 -22.37 -19.67 34.63
CA PHE D 285 -21.26 -18.82 34.17
C PHE D 285 -20.81 -19.39 32.83
N TYR D 286 -20.98 -18.60 31.78
CA TYR D 286 -20.54 -18.96 30.43
C TYR D 286 -19.35 -18.08 30.08
N THR D 287 -18.23 -18.70 29.71
CA THR D 287 -17.01 -17.95 29.42
C THR D 287 -16.63 -18.04 27.95
N ALA D 288 -16.41 -19.25 27.42
CA ALA D 288 -16.14 -19.42 25.99
C ALA D 288 -16.69 -20.79 25.59
N SER D 289 -17.95 -20.81 25.16
CA SER D 289 -18.64 -22.02 24.73
C SER D 289 -18.80 -23.03 25.85
N VAL D 290 -18.29 -22.71 27.04
CA VAL D 290 -18.34 -23.60 28.20
C VAL D 290 -19.32 -23.02 29.20
N ARG D 291 -20.30 -23.83 29.62
CA ARG D 291 -21.34 -23.41 30.56
C ARG D 291 -21.08 -24.10 31.89
N PHE D 292 -20.68 -23.32 32.89
CA PHE D 292 -20.54 -23.81 34.25
C PHE D 292 -21.86 -23.57 34.99
N LEU D 293 -22.51 -24.65 35.41
CA LEU D 293 -23.83 -24.58 36.00
C LEU D 293 -23.77 -24.87 37.49
N ASP D 294 -24.58 -24.15 38.24
CA ASP D 294 -24.88 -24.48 39.63
C ASP D 294 -26.13 -25.34 39.63
N SER D 295 -25.96 -26.65 39.79
CA SER D 295 -27.07 -27.59 39.60
C SER D 295 -28.19 -27.34 40.59
N ASP D 296 -27.88 -26.79 41.77
CA ASP D 296 -28.91 -26.48 42.75
C ASP D 296 -29.79 -25.32 42.33
N VAL D 297 -29.37 -24.52 41.35
CA VAL D 297 -30.09 -23.32 40.93
C VAL D 297 -30.73 -23.52 39.56
N TYR D 298 -29.99 -24.08 38.61
CA TYR D 298 -30.48 -24.24 37.24
C TYR D 298 -29.96 -25.54 36.65
N LYS D 299 -30.77 -26.13 35.78
CA LYS D 299 -30.43 -27.35 35.06
C LYS D 299 -30.68 -27.13 33.57
N ASP D 300 -29.76 -27.63 32.75
CA ASP D 300 -29.87 -27.47 31.31
C ASP D 300 -30.78 -28.56 30.74
N THR D 301 -31.73 -28.15 29.90
CA THR D 301 -32.65 -29.07 29.24
C THR D 301 -32.64 -28.93 27.73
N THR D 302 -31.84 -28.03 27.16
CA THR D 302 -31.81 -27.78 25.74
C THR D 302 -30.87 -28.71 24.98
N GLY D 303 -30.36 -29.74 25.65
CA GLY D 303 -29.43 -30.65 24.99
C GLY D 303 -28.11 -30.03 24.62
N TYR D 304 -27.55 -29.21 25.51
CA TYR D 304 -26.24 -28.62 25.27
C TYR D 304 -25.18 -29.72 25.18
N PRO D 305 -24.16 -29.52 24.34
CA PRO D 305 -23.10 -30.52 24.23
C PRO D 305 -22.48 -30.84 25.58
N GLU D 306 -22.34 -32.14 25.85
CA GLU D 306 -21.92 -32.59 27.18
C GLU D 306 -20.50 -32.15 27.50
N ASP D 307 -19.59 -32.23 26.51
CA ASP D 307 -18.21 -31.85 26.74
C ASP D 307 -18.06 -30.34 26.98
N LEU D 308 -19.06 -29.55 26.61
CA LEU D 308 -19.07 -28.12 26.88
C LEU D 308 -19.94 -27.75 28.07
N LEU D 309 -20.59 -28.72 28.72
CA LEU D 309 -21.54 -28.46 29.79
C LEU D 309 -20.99 -28.98 31.10
N ALA D 310 -20.87 -28.10 32.09
CA ALA D 310 -20.46 -28.46 33.44
C ALA D 310 -21.70 -28.36 34.32
N GLU D 311 -22.33 -29.52 34.58
CA GLU D 311 -23.61 -29.53 35.29
C GLU D 311 -23.47 -28.98 36.69
N ASP D 312 -22.40 -29.33 37.39
CA ASP D 312 -22.13 -28.80 38.73
C ASP D 312 -20.77 -28.13 38.79
N GLY D 313 -20.30 -27.63 37.65
CA GLY D 313 -18.99 -26.99 37.58
C GLY D 313 -18.91 -25.62 38.19
N LEU D 314 -20.04 -25.02 38.55
CA LEU D 314 -20.08 -23.69 39.14
C LEU D 314 -20.39 -23.81 40.63
N SER D 315 -19.41 -23.47 41.46
CA SER D 315 -19.57 -23.47 42.91
C SER D 315 -19.49 -22.05 43.43
N VAL D 316 -20.54 -21.62 44.13
CA VAL D 316 -20.62 -20.29 44.71
C VAL D 316 -20.49 -20.44 46.22
N SER D 317 -19.64 -19.59 46.83
CA SER D 317 -19.39 -19.70 48.26
C SER D 317 -20.67 -19.52 49.06
N ASP D 318 -21.50 -18.54 48.68
CA ASP D 318 -22.79 -18.30 49.31
C ASP D 318 -23.79 -18.02 48.19
N ASN D 319 -24.46 -19.06 47.71
CA ASN D 319 -25.48 -18.92 46.67
C ASN D 319 -26.89 -18.93 47.24
N SER D 320 -27.06 -18.45 48.47
CA SER D 320 -28.38 -18.25 49.01
C SER D 320 -29.09 -17.13 48.23
N PRO D 321 -30.42 -17.11 48.24
CA PRO D 321 -31.14 -16.07 47.48
C PRO D 321 -30.71 -14.67 47.91
N LEU D 322 -30.56 -13.79 46.93
CA LEU D 322 -30.10 -12.42 47.17
C LEU D 322 -31.31 -11.50 47.18
N ALA D 323 -31.65 -10.99 48.36
CA ALA D 323 -32.82 -10.14 48.49
C ALA D 323 -32.63 -8.85 47.70
N PRO D 324 -33.71 -8.27 47.17
CA PRO D 324 -33.59 -7.03 46.42
C PRO D 324 -32.99 -5.91 47.27
N GLY D 325 -32.10 -5.15 46.66
CA GLY D 325 -31.43 -4.06 47.35
C GLY D 325 -30.18 -4.50 48.11
N GLU D 326 -30.02 -5.81 48.29
CA GLU D 326 -28.91 -6.31 49.07
C GLU D 326 -27.68 -6.54 48.21
N THR D 327 -26.51 -6.19 48.75
CA THR D 327 -25.24 -6.35 48.09
C THR D 327 -24.35 -7.28 48.90
N ARG D 328 -23.80 -8.31 48.25
CA ARG D 328 -22.90 -9.23 48.93
C ARG D 328 -21.78 -9.63 47.98
N THR D 329 -20.65 -10.01 48.57
CA THR D 329 -19.47 -10.42 47.81
C THR D 329 -19.22 -11.90 48.07
N VAL D 330 -19.13 -12.68 46.98
CA VAL D 330 -18.96 -14.12 47.07
C VAL D 330 -17.76 -14.55 46.24
N ASP D 331 -17.25 -15.73 46.56
CA ASP D 331 -16.18 -16.37 45.80
C ASP D 331 -16.80 -17.41 44.87
N VAL D 332 -16.61 -17.22 43.57
CA VAL D 332 -17.19 -18.08 42.55
C VAL D 332 -16.08 -18.88 41.90
N THR D 333 -16.22 -20.20 41.88
CA THR D 333 -15.26 -21.10 41.27
C THR D 333 -15.93 -21.85 40.13
N ALA D 334 -15.36 -21.74 38.94
CA ALA D 334 -15.82 -22.49 37.77
C ALA D 334 -14.78 -23.56 37.47
N SER D 335 -15.14 -24.82 37.73
CA SER D 335 -14.20 -25.94 37.61
C SER D 335 -14.83 -27.03 36.77
N ASP D 336 -14.09 -27.49 35.76
CA ASP D 336 -14.52 -28.61 34.93
C ASP D 336 -13.35 -29.05 34.07
N ALA D 337 -13.41 -30.32 33.63
CA ALA D 337 -12.40 -30.83 32.71
C ALA D 337 -12.38 -30.06 31.39
N ALA D 338 -13.49 -29.44 31.01
CA ALA D 338 -13.53 -28.63 29.80
C ALA D 338 -12.55 -27.46 29.83
N TRP D 339 -12.29 -26.87 30.99
CA TRP D 339 -11.34 -25.77 31.13
C TRP D 339 -9.95 -26.14 30.60
N GLU D 340 -9.55 -27.39 30.70
CA GLU D 340 -8.30 -27.87 30.13
C GLU D 340 -8.47 -28.55 28.78
N VAL D 341 -9.60 -29.22 28.55
CA VAL D 341 -9.82 -29.88 27.26
C VAL D 341 -9.90 -28.86 26.13
N TYR D 342 -10.64 -27.78 26.32
CA TYR D 342 -10.74 -26.72 25.32
C TYR D 342 -9.66 -25.66 25.48
N ARG D 343 -8.60 -26.01 26.24
CA ARG D 343 -7.42 -25.12 26.38
C ARG D 343 -7.80 -23.71 26.82
N LEU D 344 -8.72 -23.58 27.78
CA LEU D 344 -9.01 -22.23 28.34
C LEU D 344 -7.93 -21.93 29.38
N SER D 345 -7.18 -22.95 29.80
CA SER D 345 -6.04 -22.77 30.75
C SER D 345 -4.84 -22.16 30.02
N ASP D 346 -4.83 -22.23 28.68
CA ASP D 346 -3.67 -21.74 27.89
C ASP D 346 -3.73 -20.21 27.72
N ILE D 347 -4.57 -19.52 28.50
CA ILE D 347 -4.57 -18.03 28.47
C ILE D 347 -3.23 -17.56 29.07
N ILE D 348 -2.48 -18.47 29.71
CA ILE D 348 -1.16 -18.06 30.20
C ILE D 348 -0.21 -17.82 29.04
N TYR D 349 -0.45 -18.43 27.89
CA TYR D 349 0.34 -18.19 26.68
C TYR D 349 -0.10 -16.92 25.95
N ASP D 350 -1.27 -16.39 26.27
CA ASP D 350 -1.82 -15.28 25.52
C ASP D 350 -1.14 -13.95 25.89
N PRO D 351 -1.04 -13.03 24.94
CA PRO D 351 -0.51 -11.70 25.24
C PRO D 351 -1.51 -10.73 25.85
N ASP D 352 -2.70 -11.20 26.22
CA ASP D 352 -3.70 -10.34 26.85
C ASP D 352 -4.50 -11.23 27.80
N SER D 353 -4.11 -11.24 29.08
CA SER D 353 -4.74 -12.10 30.07
C SER D 353 -5.95 -11.42 30.68
N ARG D 354 -6.98 -11.30 29.86
CA ARG D 354 -8.27 -10.78 30.28
C ARG D 354 -9.36 -11.73 29.81
N PHE D 355 -10.34 -11.95 30.67
CA PHE D 355 -11.45 -12.84 30.36
C PHE D 355 -12.74 -12.04 30.28
N ALA D 356 -13.73 -12.62 29.59
CA ALA D 356 -15.08 -12.09 29.58
C ALA D 356 -16.04 -13.27 29.59
N GLY D 357 -17.25 -13.01 30.06
CA GLY D 357 -18.24 -14.07 30.13
C GLY D 357 -19.61 -13.52 30.42
N LEU D 358 -20.55 -14.45 30.60
CA LEU D 358 -21.93 -14.11 30.93
C LEU D 358 -22.32 -14.83 32.22
N LEU D 359 -22.94 -14.09 33.13
CA LEU D 359 -23.51 -14.67 34.34
C LEU D 359 -25.02 -14.68 34.21
N PHE D 360 -25.63 -15.83 34.48
CA PHE D 360 -27.08 -15.99 34.40
C PHE D 360 -27.62 -16.11 35.82
N PHE D 361 -28.48 -15.17 36.20
CA PHE D 361 -29.07 -15.12 37.52
C PHE D 361 -30.54 -15.50 37.43
N PHE D 362 -30.97 -16.41 38.30
CA PHE D 362 -32.33 -16.93 38.29
C PHE D 362 -33.01 -16.64 39.61
N ASP D 363 -34.28 -16.23 39.54
CA ASP D 363 -35.09 -16.03 40.73
C ASP D 363 -35.97 -17.25 40.99
N ALA D 364 -36.81 -17.15 42.01
CA ALA D 364 -37.64 -18.29 42.40
C ALA D 364 -38.63 -18.66 41.30
N THR D 365 -39.28 -17.66 40.69
CA THR D 365 -40.28 -17.94 39.66
C THR D 365 -39.67 -18.53 38.38
N GLY D 366 -38.36 -18.39 38.18
CA GLY D 366 -37.68 -19.01 37.06
C GLY D 366 -37.20 -18.04 36.00
N ASN D 367 -37.68 -16.80 35.99
CA ASN D 367 -37.21 -15.83 35.01
C ASN D 367 -35.76 -15.46 35.30
N ARG D 368 -34.98 -15.29 34.24
CA ARG D 368 -33.53 -15.19 34.35
C ARG D 368 -33.04 -13.83 33.90
N GLN D 369 -31.87 -13.47 34.40
CA GLN D 369 -31.19 -12.23 34.06
C GLN D 369 -29.79 -12.54 33.55
N VAL D 370 -29.38 -11.86 32.48
CA VAL D 370 -28.07 -12.05 31.89
C VAL D 370 -27.24 -10.80 32.17
N VAL D 371 -26.10 -10.98 32.83
CA VAL D 371 -25.17 -9.90 33.08
C VAL D 371 -23.80 -10.32 32.54
N GLN D 372 -23.08 -9.35 32.02
CA GLN D 372 -21.78 -9.59 31.41
C GLN D 372 -20.67 -9.09 32.33
N ILE D 373 -19.63 -9.91 32.47
CA ILE D 373 -18.49 -9.59 33.32
C ILE D 373 -17.22 -9.72 32.51
N ASP D 374 -16.25 -8.85 32.79
CA ASP D 374 -14.94 -8.92 32.17
C ASP D 374 -13.92 -8.30 33.11
N ALA D 375 -12.77 -8.96 33.25
CA ALA D 375 -11.75 -8.51 34.18
C ALA D 375 -10.43 -9.17 33.80
N PRO D 376 -9.30 -8.65 34.28
CA PRO D 376 -8.04 -9.37 34.10
C PRO D 376 -8.08 -10.72 34.81
N LEU D 377 -7.42 -11.71 34.21
CA LEU D 377 -7.36 -13.06 34.76
C LEU D 377 -5.92 -13.32 35.15
N ILE D 378 -5.67 -13.41 36.45
CA ILE D 378 -4.31 -13.46 37.00
C ILE D 378 -3.98 -14.92 37.29
N PRO D 379 -2.96 -15.49 36.66
CA PRO D 379 -2.54 -16.86 37.02
C PRO D 379 -1.95 -16.91 38.41
N SER D 380 -2.12 -18.06 39.06
CA SER D 380 -1.51 -18.34 40.35
C SER D 380 -0.71 -19.62 40.25
N PHE D 381 0.53 -19.60 40.73
CA PHE D 381 1.43 -20.73 40.56
C PHE D 381 1.76 -21.43 41.87
N MET D 382 1.88 -20.69 42.97
CA MET D 382 2.09 -21.32 44.27
C MET D 382 0.82 -21.26 45.12
N ALA E 1 28.15 -44.40 -30.75
CA ALA E 1 27.15 -43.45 -31.22
C ALA E 1 25.83 -44.16 -31.52
N VAL E 2 25.24 -43.85 -32.67
CA VAL E 2 24.04 -44.52 -33.13
C VAL E 2 24.42 -45.43 -34.30
N ARG E 3 23.70 -46.54 -34.41
CA ARG E 3 24.03 -47.54 -35.42
C ARG E 3 23.78 -47.04 -36.84
N SER E 4 22.59 -46.53 -37.10
CA SER E 4 22.20 -46.13 -38.45
C SER E 4 21.22 -44.95 -38.40
N HIS E 5 20.75 -44.56 -39.58
CA HIS E 5 19.77 -43.50 -39.69
C HIS E 5 18.46 -43.88 -39.01
N ALA E 6 18.01 -45.13 -39.17
CA ALA E 6 16.74 -45.55 -38.59
C ALA E 6 16.79 -45.54 -37.07
N GLU E 7 17.88 -46.07 -36.49
CA GLU E 7 18.01 -46.09 -35.04
C GLU E 7 18.10 -44.68 -34.48
N ALA E 8 18.74 -43.77 -35.21
CA ALA E 8 18.77 -42.37 -34.80
C ALA E 8 17.36 -41.79 -34.76
N VAL E 9 16.54 -42.13 -35.76
CA VAL E 9 15.16 -41.64 -35.79
C VAL E 9 14.37 -42.19 -34.62
N GLN E 10 14.53 -43.48 -34.33
CA GLN E 10 13.81 -44.08 -33.20
C GLN E 10 14.24 -43.46 -31.88
N VAL E 11 15.55 -43.23 -31.72
CA VAL E 11 16.07 -42.59 -30.51
C VAL E 11 15.51 -41.18 -30.38
N SER E 12 15.46 -40.45 -31.49
CA SER E 12 14.91 -39.10 -31.48
C SER E 12 13.43 -39.11 -31.10
N ARG E 13 12.67 -40.07 -31.59
CA ARG E 13 11.26 -40.16 -31.25
C ARG E 13 11.07 -40.47 -29.76
N THR E 14 11.86 -41.39 -29.23
CA THR E 14 11.78 -41.70 -27.80
C THR E 14 12.13 -40.47 -26.96
N ILE E 15 13.19 -39.76 -27.35
CA ILE E 15 13.56 -38.52 -26.68
C ILE E 15 12.42 -37.51 -26.78
N ASP E 16 11.76 -37.45 -27.93
CA ASP E 16 10.64 -36.52 -28.11
C ASP E 16 9.54 -36.80 -27.09
N TRP E 17 9.15 -38.07 -26.97
CA TRP E 17 8.07 -38.39 -26.03
C TRP E 17 8.49 -38.13 -24.59
N MET E 18 9.70 -38.52 -24.22
CA MET E 18 10.15 -38.32 -22.83
C MET E 18 10.27 -36.84 -22.50
N ALA E 19 10.83 -36.05 -23.41
CA ALA E 19 10.99 -34.61 -23.16
C ALA E 19 9.64 -33.91 -23.17
N LEU E 20 8.70 -34.39 -24.00
CA LEU E 20 7.35 -33.84 -23.95
C LEU E 20 6.70 -34.10 -22.61
N PHE E 21 6.89 -35.30 -22.06
CA PHE E 21 6.41 -35.59 -20.72
C PHE E 21 7.02 -34.64 -19.70
N VAL E 22 8.34 -34.45 -19.77
CA VAL E 22 9.04 -33.61 -18.80
C VAL E 22 8.53 -32.18 -18.88
N VAL E 23 8.51 -31.62 -20.09
CA VAL E 23 8.02 -30.26 -20.30
C VAL E 23 6.59 -30.13 -19.78
N PHE E 24 5.72 -31.06 -20.19
CA PHE E 24 4.31 -30.94 -19.87
C PHE E 24 4.09 -30.95 -18.37
N PHE E 25 4.75 -31.86 -17.65
CA PHE E 25 4.40 -32.00 -16.24
C PHE E 25 5.16 -31.00 -15.36
N VAL E 26 6.37 -30.60 -15.73
CA VAL E 26 6.99 -29.50 -15.01
C VAL E 26 6.16 -28.22 -15.19
N ILE E 27 5.68 -27.97 -16.41
CA ILE E 27 4.80 -26.85 -16.66
C ILE E 27 3.51 -26.99 -15.86
N VAL E 28 2.95 -28.20 -15.80
CA VAL E 28 1.73 -28.41 -15.02
C VAL E 28 1.96 -27.98 -13.58
N GLY E 29 3.02 -28.50 -12.96
CA GLY E 29 3.28 -28.16 -11.57
C GLY E 29 3.47 -26.67 -11.35
N SER E 30 4.40 -26.07 -12.09
CA SER E 30 4.73 -24.66 -11.85
C SER E 30 3.56 -23.74 -12.21
N TYR E 31 2.97 -23.95 -13.38
CA TYR E 31 1.85 -23.13 -13.83
C TYR E 31 0.65 -23.28 -12.91
N HIS E 32 0.37 -24.50 -12.43
CA HIS E 32 -0.75 -24.68 -11.52
C HIS E 32 -0.50 -23.99 -10.19
N ILE E 33 0.72 -24.07 -9.66
CA ILE E 33 1.02 -23.32 -8.44
C ILE E 33 0.77 -21.83 -8.67
N HIS E 34 1.29 -21.29 -9.77
CA HIS E 34 1.16 -19.87 -10.03
C HIS E 34 -0.30 -19.47 -10.21
N ALA E 35 -1.06 -20.25 -10.97
CA ALA E 35 -2.45 -19.94 -11.23
C ALA E 35 -3.29 -20.03 -9.97
N MET E 36 -3.20 -21.16 -9.26
CA MET E 36 -4.02 -21.35 -8.08
C MET E 36 -3.67 -20.38 -6.96
N LEU E 37 -2.45 -19.83 -6.95
CA LEU E 37 -2.12 -18.83 -5.94
C LEU E 37 -2.20 -17.41 -6.48
N THR E 38 -2.60 -17.23 -7.75
CA THR E 38 -2.88 -15.90 -8.29
C THR E 38 -4.30 -15.73 -8.81
N MET E 39 -4.99 -16.82 -9.17
CA MET E 39 -6.39 -16.73 -9.55
C MET E 39 -7.24 -17.85 -8.98
N GLY E 40 -6.74 -18.64 -8.03
CA GLY E 40 -7.40 -19.88 -7.66
C GLY E 40 -8.78 -19.69 -7.07
N ASP E 41 -8.94 -18.67 -6.23
CA ASP E 41 -10.21 -18.50 -5.53
C ASP E 41 -11.36 -18.24 -6.50
N TRP E 42 -11.15 -17.38 -7.50
CA TRP E 42 -12.16 -17.21 -8.53
C TRP E 42 -12.37 -18.49 -9.33
N ASP E 43 -11.30 -19.21 -9.64
CA ASP E 43 -11.40 -20.44 -10.39
C ASP E 43 -12.08 -21.57 -9.61
N PHE E 44 -12.10 -21.48 -8.28
CA PHE E 44 -12.68 -22.54 -7.46
C PHE E 44 -14.20 -22.53 -7.45
N TRP E 45 -14.82 -21.35 -7.51
CA TRP E 45 -16.23 -21.23 -7.17
C TRP E 45 -17.03 -20.52 -8.25
N SER E 46 -18.14 -21.14 -8.65
CA SER E 46 -19.04 -20.53 -9.62
C SER E 46 -19.63 -19.23 -9.09
N ASP E 47 -19.83 -19.12 -7.78
CA ASP E 47 -20.30 -17.87 -7.22
C ASP E 47 -19.18 -16.85 -7.06
N TRP E 48 -17.94 -17.23 -7.36
CA TRP E 48 -16.86 -16.28 -7.53
C TRP E 48 -16.65 -15.88 -8.98
N LYS E 49 -17.15 -16.66 -9.93
CA LYS E 49 -17.01 -16.32 -11.35
C LYS E 49 -17.91 -15.14 -11.69
N ASP E 50 -17.42 -13.93 -11.38
CA ASP E 50 -18.17 -12.71 -11.59
C ASP E 50 -17.74 -12.03 -12.89
N ARG E 51 -18.29 -10.83 -13.14
CA ARG E 51 -17.98 -10.09 -14.36
C ARG E 51 -16.83 -9.10 -14.21
N ARG E 52 -16.52 -8.67 -12.99
CA ARG E 52 -15.46 -7.69 -12.79
C ARG E 52 -14.12 -8.34 -12.43
N LEU E 53 -14.04 -8.99 -11.28
CA LEU E 53 -12.74 -9.43 -10.76
C LEU E 53 -12.25 -10.67 -11.47
N TRP E 54 -13.14 -11.65 -11.70
CA TRP E 54 -12.74 -12.86 -12.40
C TRP E 54 -12.25 -12.55 -13.80
N VAL E 55 -13.06 -11.81 -14.56
CA VAL E 55 -12.72 -11.43 -15.92
C VAL E 55 -11.45 -10.58 -15.96
N THR E 56 -11.28 -9.70 -14.97
CA THR E 56 -10.07 -8.87 -14.94
C THR E 56 -8.84 -9.73 -14.65
N VAL E 57 -8.82 -10.38 -13.50
CA VAL E 57 -7.61 -11.00 -12.99
C VAL E 57 -7.17 -12.23 -13.80
N THR E 58 -8.10 -13.12 -14.16
CA THR E 58 -7.67 -14.44 -14.65
C THR E 58 -6.77 -14.36 -15.89
N PRO E 59 -7.13 -13.68 -16.98
CA PRO E 59 -6.21 -13.65 -18.13
C PRO E 59 -4.88 -12.98 -17.81
N ILE E 60 -4.90 -11.94 -16.97
CA ILE E 60 -3.68 -11.20 -16.67
C ILE E 60 -2.64 -12.11 -16.03
N VAL E 61 -3.02 -12.84 -14.98
CA VAL E 61 -2.09 -13.71 -14.29
C VAL E 61 -1.88 -15.03 -15.01
N LEU E 62 -2.76 -15.40 -15.94
CA LEU E 62 -2.61 -16.65 -16.65
C LEU E 62 -1.81 -16.54 -17.95
N VAL E 63 -1.61 -15.33 -18.47
CA VAL E 63 -0.77 -15.17 -19.67
C VAL E 63 0.71 -15.33 -19.37
N THR E 64 1.10 -15.42 -18.09
CA THR E 64 2.51 -15.45 -17.71
C THR E 64 3.25 -16.61 -18.36
N PHE E 65 2.89 -17.83 -17.97
CA PHE E 65 3.60 -19.01 -18.47
C PHE E 65 3.50 -19.20 -19.98
N PRO E 66 2.34 -18.98 -20.62
CA PRO E 66 2.31 -19.06 -22.10
C PRO E 66 3.33 -18.16 -22.77
N ALA E 67 3.54 -16.94 -22.27
CA ALA E 67 4.50 -16.04 -22.90
C ALA E 67 5.92 -16.61 -22.84
N ALA E 68 6.33 -17.08 -21.66
CA ALA E 68 7.68 -17.62 -21.51
C ALA E 68 7.88 -18.87 -22.33
N VAL E 69 6.93 -19.80 -22.22
CA VAL E 69 7.06 -21.08 -22.93
C VAL E 69 7.01 -20.85 -24.44
N GLN E 70 6.23 -19.86 -24.90
CA GLN E 70 6.24 -19.51 -26.31
C GLN E 70 7.60 -18.95 -26.72
N SER E 71 8.13 -18.01 -25.93
CA SER E 71 9.42 -17.40 -26.25
C SER E 71 10.52 -18.43 -26.31
N TYR E 72 10.35 -19.56 -25.62
CA TYR E 72 11.35 -20.62 -25.72
C TYR E 72 11.06 -21.56 -26.89
N LEU E 73 9.86 -22.14 -26.91
CA LEU E 73 9.54 -23.19 -27.88
C LEU E 73 9.58 -22.67 -29.30
N TRP E 74 8.89 -21.55 -29.56
CA TRP E 74 8.88 -21.01 -30.92
C TRP E 74 10.30 -20.65 -31.36
N GLU E 75 11.02 -19.93 -30.50
CA GLU E 75 12.36 -19.47 -30.88
C GLU E 75 13.32 -20.62 -31.15
N ARG E 76 13.24 -21.69 -30.37
CA ARG E 76 14.25 -22.75 -30.49
C ARG E 76 13.84 -23.92 -31.35
N TYR E 77 12.54 -24.15 -31.57
CA TYR E 77 12.10 -25.32 -32.33
C TYR E 77 11.04 -24.99 -33.38
N ARG E 78 10.56 -23.75 -33.46
CA ARG E 78 9.41 -23.40 -34.29
C ARG E 78 8.21 -24.29 -33.97
N LEU E 79 8.00 -24.52 -32.67
CA LEU E 79 6.83 -25.26 -32.19
C LEU E 79 5.81 -24.26 -31.66
N PRO E 80 4.72 -24.01 -32.39
CA PRO E 80 3.76 -22.97 -32.00
C PRO E 80 2.63 -23.46 -31.08
N TRP E 81 2.99 -24.15 -29.99
CA TRP E 81 1.97 -24.56 -29.04
C TRP E 81 2.40 -24.40 -27.59
N GLY E 82 3.25 -23.41 -27.31
CA GLY E 82 3.61 -23.16 -25.93
C GLY E 82 2.42 -22.73 -25.08
N ALA E 83 1.64 -21.78 -25.58
CA ALA E 83 0.45 -21.34 -24.87
C ALA E 83 -0.55 -22.47 -24.71
N THR E 84 -0.76 -23.24 -25.78
CA THR E 84 -1.72 -24.33 -25.72
C THR E 84 -1.29 -25.40 -24.71
N VAL E 85 0.00 -25.75 -24.71
CA VAL E 85 0.44 -26.79 -23.77
C VAL E 85 0.36 -26.27 -22.33
N CYS E 86 0.68 -24.99 -22.11
CA CYS E 86 0.53 -24.43 -20.76
C CYS E 86 -0.92 -24.49 -20.31
N VAL E 87 -1.84 -24.06 -21.16
CA VAL E 87 -3.25 -24.01 -20.78
C VAL E 87 -3.81 -25.41 -20.59
N LEU E 88 -3.43 -26.35 -21.47
CA LEU E 88 -3.89 -27.72 -21.33
C LEU E 88 -3.37 -28.35 -20.04
N GLY E 89 -2.11 -28.10 -19.69
CA GLY E 89 -1.59 -28.63 -18.45
C GLY E 89 -2.27 -28.05 -17.23
N LEU E 90 -2.50 -26.73 -17.25
CA LEU E 90 -3.22 -26.10 -16.15
C LEU E 90 -4.63 -26.67 -16.01
N LEU E 91 -5.33 -26.83 -17.14
CA LEU E 91 -6.67 -27.38 -17.11
C LEU E 91 -6.68 -28.82 -16.61
N LEU E 92 -5.69 -29.62 -17.02
CA LEU E 92 -5.62 -31.00 -16.58
C LEU E 92 -5.40 -31.08 -15.08
N GLY E 93 -4.42 -30.33 -14.57
CA GLY E 93 -4.20 -30.33 -13.13
C GLY E 93 -5.41 -29.84 -12.35
N GLU E 94 -6.03 -28.76 -12.82
CA GLU E 94 -7.19 -28.20 -12.14
C GLU E 94 -8.34 -29.19 -12.13
N TRP E 95 -8.62 -29.83 -13.27
CA TRP E 95 -9.72 -30.77 -13.34
C TRP E 95 -9.46 -32.01 -12.50
N ILE E 96 -8.22 -32.52 -12.50
CA ILE E 96 -7.89 -33.66 -11.65
C ILE E 96 -8.14 -33.32 -10.20
N ASN E 97 -7.68 -32.16 -9.74
CA ASN E 97 -7.93 -31.79 -8.36
C ASN E 97 -9.42 -31.56 -8.08
N ARG E 98 -10.15 -30.92 -9.00
CA ARG E 98 -11.58 -30.70 -8.79
C ARG E 98 -12.31 -32.02 -8.64
N TYR E 99 -12.02 -32.98 -9.50
CA TYR E 99 -12.76 -34.23 -9.49
C TYR E 99 -12.37 -35.13 -8.33
N PHE E 100 -11.07 -35.23 -8.01
CA PHE E 100 -10.65 -36.21 -7.02
C PHE E 100 -10.55 -35.64 -5.61
N ASN E 101 -10.48 -34.32 -5.47
CA ASN E 101 -10.36 -33.70 -4.16
C ASN E 101 -11.56 -32.81 -3.83
N PHE E 102 -11.87 -31.83 -4.69
CA PHE E 102 -13.04 -30.98 -4.43
C PHE E 102 -14.32 -31.80 -4.41
N TRP E 103 -14.49 -32.69 -5.38
CA TRP E 103 -15.64 -33.59 -5.41
C TRP E 103 -15.33 -34.96 -4.82
N GLY E 104 -14.08 -35.42 -4.91
CA GLY E 104 -13.71 -36.69 -4.33
C GLY E 104 -13.52 -36.66 -2.83
N TRP E 105 -12.52 -35.92 -2.36
CA TRP E 105 -12.26 -35.81 -0.93
C TRP E 105 -13.41 -35.13 -0.21
N THR E 106 -13.60 -33.84 -0.46
CA THR E 106 -14.82 -33.15 -0.08
C THR E 106 -15.89 -33.47 -1.10
N TYR E 107 -17.13 -33.10 -0.82
CA TYR E 107 -18.17 -33.51 -1.75
C TYR E 107 -18.90 -32.32 -2.35
N PHE E 108 -18.13 -31.31 -2.77
CA PHE E 108 -18.66 -30.20 -3.53
C PHE E 108 -19.01 -30.64 -4.94
N PRO E 109 -20.17 -30.26 -5.46
CA PRO E 109 -20.53 -30.67 -6.81
C PRO E 109 -19.62 -30.05 -7.88
N ILE E 110 -19.46 -30.81 -8.97
CA ILE E 110 -18.61 -30.37 -10.06
C ILE E 110 -19.18 -29.09 -10.70
N ASN E 111 -20.50 -28.99 -10.79
CA ASN E 111 -21.11 -27.79 -11.33
C ASN E 111 -20.90 -26.58 -10.43
N PHE E 112 -20.42 -26.80 -9.21
CA PHE E 112 -20.02 -25.73 -8.31
C PHE E 112 -18.52 -25.44 -8.35
N VAL E 113 -17.69 -26.45 -8.57
CA VAL E 113 -16.24 -26.27 -8.45
C VAL E 113 -15.53 -26.43 -9.79
N PHE E 114 -16.23 -26.28 -10.91
CA PHE E 114 -15.59 -26.40 -12.21
C PHE E 114 -14.59 -25.27 -12.45
N PRO E 115 -13.53 -25.53 -13.18
CA PRO E 115 -12.58 -24.47 -13.55
C PRO E 115 -13.04 -23.68 -14.76
N ALA E 116 -12.34 -22.59 -15.05
CA ALA E 116 -12.60 -21.76 -16.22
C ALA E 116 -11.96 -22.35 -17.46
N SER E 117 -12.47 -21.93 -18.62
CA SER E 117 -11.95 -22.37 -19.90
C SER E 117 -10.95 -21.34 -20.44
N LEU E 118 -9.84 -21.82 -20.99
CA LEU E 118 -8.75 -20.97 -21.46
C LEU E 118 -8.21 -21.36 -22.83
N VAL E 119 -8.67 -22.48 -23.38
CA VAL E 119 -8.15 -22.95 -24.66
C VAL E 119 -8.35 -21.94 -25.78
N PRO E 120 -9.49 -21.25 -25.90
CA PRO E 120 -9.60 -20.24 -26.97
C PRO E 120 -8.53 -19.17 -26.92
N GLY E 121 -8.25 -18.63 -25.73
CA GLY E 121 -7.18 -17.67 -25.60
C GLY E 121 -5.82 -18.26 -25.95
N ALA E 122 -5.57 -19.50 -25.51
CA ALA E 122 -4.29 -20.13 -25.82
C ALA E 122 -4.13 -20.32 -27.33
N ILE E 123 -5.20 -20.74 -28.01
CA ILE E 123 -5.15 -20.96 -29.45
C ILE E 123 -4.90 -19.64 -30.17
N ILE E 124 -5.57 -18.57 -29.73
CA ILE E 124 -5.32 -17.26 -30.32
C ILE E 124 -3.87 -16.87 -30.15
N LEU E 125 -3.33 -17.03 -28.93
CA LEU E 125 -1.95 -16.64 -28.67
C LEU E 125 -0.98 -17.43 -29.54
N ASP E 126 -1.23 -18.73 -29.72
CA ASP E 126 -0.32 -19.57 -30.48
C ASP E 126 -0.40 -19.27 -31.98
N THR E 127 -1.61 -19.12 -32.52
CA THR E 127 -1.74 -18.87 -33.96
C THR E 127 -1.23 -17.49 -34.33
N VAL E 128 -1.53 -16.48 -33.51
CA VAL E 128 -1.01 -15.15 -33.75
C VAL E 128 0.50 -15.09 -33.65
N LEU E 129 1.12 -15.98 -32.87
CA LEU E 129 2.58 -16.05 -32.87
C LEU E 129 3.11 -16.75 -34.11
N MET E 130 2.52 -17.89 -34.49
CA MET E 130 3.07 -18.63 -35.63
C MET E 130 2.95 -17.82 -36.90
N LEU E 131 1.75 -17.33 -37.20
CA LEU E 131 1.57 -16.35 -38.25
C LEU E 131 2.19 -15.04 -37.79
N SER E 132 2.92 -14.35 -38.67
CA SER E 132 3.54 -13.09 -38.28
C SER E 132 4.44 -13.30 -37.07
N GLY E 133 5.55 -14.01 -37.27
CA GLY E 133 6.33 -14.53 -36.15
C GLY E 133 6.77 -13.49 -35.14
N SER E 134 6.45 -12.22 -35.38
CA SER E 134 6.85 -11.14 -34.48
C SER E 134 6.32 -11.35 -33.07
N TYR E 135 7.25 -11.43 -32.11
CA TYR E 135 6.87 -11.50 -30.70
C TYR E 135 6.18 -10.22 -30.23
N LEU E 136 6.61 -9.06 -30.75
CA LEU E 136 5.92 -7.82 -30.42
C LEU E 136 4.48 -7.83 -30.93
N PHE E 137 4.27 -8.28 -32.17
CA PHE E 137 2.91 -8.39 -32.70
C PHE E 137 2.09 -9.36 -31.87
N THR E 138 2.70 -10.47 -31.44
CA THR E 138 1.99 -11.39 -30.57
C THR E 138 1.59 -10.70 -29.28
N ALA E 139 2.55 -10.09 -28.59
CA ALA E 139 2.28 -9.42 -27.32
C ALA E 139 1.19 -8.36 -27.45
N ILE E 140 1.08 -7.71 -28.60
CA ILE E 140 0.07 -6.67 -28.75
C ILE E 140 -1.28 -7.24 -29.15
N VAL E 141 -1.35 -8.05 -30.20
CA VAL E 141 -2.62 -8.49 -30.77
C VAL E 141 -3.10 -9.78 -30.11
N GLY E 142 -2.22 -10.78 -30.04
CA GLY E 142 -2.63 -12.06 -29.48
C GLY E 142 -2.97 -11.97 -28.01
N ALA E 143 -2.21 -11.18 -27.25
CA ALA E 143 -2.55 -11.00 -25.84
C ALA E 143 -3.84 -10.20 -25.68
N MET E 144 -4.06 -9.22 -26.55
CA MET E 144 -5.36 -8.54 -26.60
C MET E 144 -6.49 -9.54 -26.78
N GLY E 145 -6.36 -10.43 -27.76
CA GLY E 145 -7.39 -11.44 -27.99
C GLY E 145 -7.53 -12.40 -26.83
N TRP E 146 -6.42 -12.80 -26.23
CA TRP E 146 -6.43 -13.68 -25.07
C TRP E 146 -7.22 -13.06 -23.92
N GLY E 147 -6.99 -11.77 -23.66
CA GLY E 147 -7.75 -11.09 -22.63
C GLY E 147 -9.21 -10.92 -22.99
N LEU E 148 -9.50 -10.62 -24.25
CA LEU E 148 -10.87 -10.28 -24.65
C LEU E 148 -11.77 -11.50 -24.76
N ILE E 149 -11.22 -12.65 -25.17
CA ILE E 149 -12.05 -13.83 -25.44
C ILE E 149 -12.32 -14.66 -24.19
N PHE E 150 -11.77 -14.29 -23.04
CA PHE E 150 -11.92 -15.11 -21.84
C PHE E 150 -13.38 -15.23 -21.43
N TYR E 151 -14.03 -14.09 -21.17
CA TYR E 151 -15.42 -14.13 -20.72
C TYR E 151 -16.37 -14.71 -21.77
N PRO E 152 -16.32 -14.31 -23.05
CA PRO E 152 -17.19 -14.97 -24.04
C PRO E 152 -16.92 -16.47 -24.16
N GLY E 153 -15.67 -16.89 -23.98
CA GLY E 153 -15.37 -18.31 -24.02
C GLY E 153 -16.01 -19.10 -22.89
N ASN E 154 -16.12 -18.48 -21.71
CA ASN E 154 -16.71 -19.15 -20.56
C ASN E 154 -18.21 -18.90 -20.42
N TRP E 155 -18.77 -17.99 -21.20
CA TRP E 155 -20.20 -17.70 -21.08
C TRP E 155 -21.10 -18.91 -21.31
N PRO E 156 -20.87 -19.78 -22.29
CA PRO E 156 -21.74 -20.96 -22.43
C PRO E 156 -21.77 -21.84 -21.19
N ILE E 157 -20.70 -21.85 -20.39
CA ILE E 157 -20.67 -22.69 -19.20
C ILE E 157 -21.42 -22.03 -18.05
N ILE E 158 -21.17 -20.74 -17.81
CA ILE E 158 -21.69 -20.08 -16.61
C ILE E 158 -23.05 -19.42 -16.82
N ALA E 159 -23.49 -19.24 -18.07
CA ALA E 159 -24.78 -18.62 -18.36
C ALA E 159 -25.94 -19.33 -17.69
N PRO E 160 -26.03 -20.67 -17.74
CA PRO E 160 -27.13 -21.35 -17.02
C PRO E 160 -27.12 -21.12 -15.52
N LEU E 161 -25.97 -20.81 -14.93
CA LEU E 161 -25.86 -20.55 -13.51
C LEU E 161 -26.28 -19.13 -13.14
N HIS E 162 -26.57 -18.29 -14.13
CA HIS E 162 -26.96 -16.91 -13.87
C HIS E 162 -28.46 -16.69 -14.04
N VAL E 163 -29.23 -17.76 -14.17
CA VAL E 163 -30.68 -17.65 -14.23
C VAL E 163 -31.19 -17.12 -12.90
N PRO E 164 -32.01 -16.07 -12.88
CA PRO E 164 -32.46 -15.52 -11.60
C PRO E 164 -33.41 -16.46 -10.88
N VAL E 165 -33.30 -16.49 -9.55
CA VAL E 165 -34.15 -17.32 -8.70
C VAL E 165 -34.65 -16.46 -7.55
N GLU E 166 -35.94 -16.61 -7.23
CA GLU E 166 -36.54 -15.97 -6.06
C GLU E 166 -36.34 -16.90 -4.87
N TYR E 167 -35.33 -16.61 -4.05
CA TYR E 167 -34.90 -17.52 -2.98
C TYR E 167 -35.21 -16.89 -1.63
N ASN E 168 -36.31 -17.35 -1.01
CA ASN E 168 -36.68 -16.95 0.35
C ASN E 168 -36.75 -15.43 0.50
N GLY E 169 -37.39 -14.77 -0.46
CA GLY E 169 -37.61 -13.35 -0.40
C GLY E 169 -36.52 -12.50 -1.03
N MET E 170 -35.38 -13.09 -1.38
CA MET E 170 -34.26 -12.35 -1.95
C MET E 170 -33.95 -12.88 -3.35
N LEU E 171 -33.54 -11.98 -4.23
CA LEU E 171 -33.14 -12.37 -5.58
C LEU E 171 -31.73 -12.94 -5.54
N MET E 172 -31.55 -14.13 -6.11
CA MET E 172 -30.26 -14.78 -6.15
C MET E 172 -30.10 -15.53 -7.47
N SER E 173 -28.88 -15.51 -8.00
CA SER E 173 -28.59 -16.36 -9.14
C SER E 173 -28.36 -17.79 -8.67
N ILE E 174 -28.34 -18.72 -9.63
CA ILE E 174 -28.13 -20.12 -9.30
C ILE E 174 -26.76 -20.32 -8.68
N ALA E 175 -25.75 -19.62 -9.19
CA ALA E 175 -24.42 -19.70 -8.59
C ALA E 175 -24.43 -19.15 -7.16
N ASP E 176 -25.19 -18.07 -6.94
CA ASP E 176 -25.32 -17.53 -5.59
C ASP E 176 -25.93 -18.57 -4.66
N ILE E 177 -26.97 -19.28 -5.11
CA ILE E 177 -27.59 -20.31 -4.28
C ILE E 177 -26.63 -21.47 -4.05
N GLN E 178 -25.82 -21.81 -5.05
CA GLN E 178 -24.81 -22.85 -4.86
C GLN E 178 -23.83 -22.47 -3.76
N GLY E 179 -23.31 -21.24 -3.82
CA GLY E 179 -22.40 -20.78 -2.78
C GLY E 179 -23.05 -20.70 -1.42
N TYR E 180 -24.33 -20.34 -1.37
CA TYR E 180 -25.05 -20.28 -0.11
C TYR E 180 -25.26 -21.68 0.48
N ASN E 181 -25.74 -22.61 -0.33
CA ASN E 181 -26.12 -23.95 0.13
C ASN E 181 -24.89 -24.77 0.50
N TYR E 182 -23.93 -24.87 -0.41
CA TYR E 182 -22.79 -25.75 -0.18
C TYR E 182 -21.77 -25.04 0.68
N VAL E 183 -21.84 -25.28 1.99
CA VAL E 183 -21.13 -24.48 2.97
C VAL E 183 -19.63 -24.64 2.80
N ARG E 184 -18.93 -23.52 2.69
CA ARG E 184 -17.48 -23.47 2.72
C ARG E 184 -17.11 -22.86 4.07
N THR E 185 -16.73 -23.72 5.02
CA THR E 185 -16.46 -23.24 6.37
C THR E 185 -15.30 -22.24 6.37
N GLY E 186 -14.26 -22.51 5.61
CA GLY E 186 -13.12 -21.62 5.51
C GLY E 186 -13.30 -20.43 4.59
N THR E 187 -14.38 -20.38 3.82
CA THR E 187 -14.58 -19.33 2.81
C THR E 187 -15.90 -18.62 3.05
N PRO E 188 -15.94 -17.66 3.96
CA PRO E 188 -17.14 -16.85 4.15
C PRO E 188 -17.43 -15.98 2.93
N GLU E 189 -18.67 -15.49 2.89
CA GLU E 189 -19.15 -14.76 1.71
C GLU E 189 -18.38 -13.47 1.48
N TYR E 190 -17.96 -12.78 2.55
CA TYR E 190 -17.31 -11.49 2.37
C TYR E 190 -15.96 -11.60 1.67
N ILE E 191 -15.29 -12.76 1.77
CA ILE E 191 -14.03 -12.95 1.08
C ILE E 191 -14.21 -12.84 -0.42
N ARG E 192 -15.42 -13.12 -0.92
CA ARG E 192 -15.72 -13.08 -2.35
C ARG E 192 -15.40 -11.70 -2.93
N MET E 193 -14.38 -11.64 -3.78
CA MET E 193 -14.06 -10.41 -4.51
C MET E 193 -14.78 -10.48 -5.84
N VAL E 194 -16.00 -9.96 -5.87
CA VAL E 194 -16.85 -9.97 -7.04
C VAL E 194 -17.40 -8.57 -7.27
N GLU E 195 -18.01 -8.37 -8.43
CA GLU E 195 -18.64 -7.10 -8.74
C GLU E 195 -19.74 -6.80 -7.73
N LYS E 196 -19.66 -5.64 -7.11
CA LYS E 196 -20.64 -5.21 -6.12
C LYS E 196 -21.33 -3.91 -6.49
N GLY E 197 -21.02 -3.32 -7.64
CA GLY E 197 -21.61 -2.07 -8.05
C GLY E 197 -20.87 -0.87 -7.48
N THR E 198 -20.78 0.20 -8.25
CA THR E 198 -20.22 1.48 -7.82
C THR E 198 -21.10 2.61 -8.35
N LEU E 199 -20.92 3.79 -7.79
CA LEU E 199 -21.62 4.98 -8.27
C LEU E 199 -21.04 5.49 -9.58
N ARG E 200 -19.91 4.93 -10.03
CA ARG E 200 -19.29 5.31 -11.28
C ARG E 200 -19.34 4.15 -12.28
N THR E 201 -20.26 3.22 -12.06
CA THR E 201 -20.52 2.12 -12.99
C THR E 201 -21.63 2.60 -13.93
N PHE E 202 -21.23 3.02 -15.13
CA PHE E 202 -22.18 3.61 -16.07
C PHE E 202 -22.75 2.55 -16.99
N GLY E 203 -24.07 2.40 -16.97
CA GLY E 203 -24.78 1.51 -17.86
C GLY E 203 -24.35 0.06 -17.75
N LYS E 204 -24.46 -0.66 -18.87
CA LYS E 204 -24.10 -2.08 -18.93
C LYS E 204 -22.70 -2.21 -19.51
N ASP E 205 -21.70 -1.94 -18.67
CA ASP E 205 -20.32 -1.91 -19.14
C ASP E 205 -19.37 -2.76 -18.29
N VAL E 206 -19.86 -3.47 -17.28
CA VAL E 206 -18.96 -4.11 -16.32
C VAL E 206 -18.09 -5.15 -17.00
N ALA E 207 -18.71 -6.07 -17.75
CA ALA E 207 -17.93 -7.13 -18.39
C ALA E 207 -17.00 -6.60 -19.48
N PRO E 208 -17.46 -5.79 -20.45
CA PRO E 208 -16.51 -5.31 -21.50
C PRO E 208 -15.36 -4.50 -20.95
N VAL E 209 -15.61 -3.63 -19.96
CA VAL E 209 -14.54 -2.81 -19.40
C VAL E 209 -13.50 -3.68 -18.74
N SER E 210 -13.94 -4.67 -17.96
CA SER E 210 -13.01 -5.60 -17.33
C SER E 210 -12.23 -6.39 -18.37
N ALA E 211 -12.90 -6.81 -19.44
CA ALA E 211 -12.23 -7.57 -20.49
C ALA E 211 -11.14 -6.74 -21.16
N PHE E 212 -11.43 -5.47 -21.47
CA PHE E 212 -10.43 -4.63 -22.12
C PHE E 212 -9.27 -4.30 -21.18
N PHE E 213 -9.55 -4.05 -19.90
CA PHE E 213 -8.47 -3.86 -18.93
C PHE E 213 -7.60 -5.10 -18.83
N SER E 214 -8.23 -6.27 -18.78
CA SER E 214 -7.47 -7.52 -18.74
C SER E 214 -6.63 -7.71 -19.99
N ALA E 215 -7.16 -7.32 -21.16
CA ALA E 215 -6.40 -7.45 -22.40
C ALA E 215 -5.16 -6.54 -22.39
N PHE E 216 -5.32 -5.29 -21.94
CA PHE E 216 -4.17 -4.40 -21.88
C PHE E 216 -3.12 -4.90 -20.89
N MET E 217 -3.56 -5.29 -19.69
CA MET E 217 -2.61 -5.82 -18.72
C MET E 217 -1.99 -7.12 -19.19
N SER E 218 -2.73 -7.90 -19.99
CA SER E 218 -2.18 -9.11 -20.59
C SER E 218 -1.09 -8.78 -21.58
N ILE E 219 -1.27 -7.72 -22.38
CA ILE E 219 -0.20 -7.25 -23.24
C ILE E 219 1.05 -6.98 -22.42
N LEU E 220 0.89 -6.23 -21.33
CA LEU E 220 2.04 -5.86 -20.51
C LEU E 220 2.72 -7.10 -19.90
N ILE E 221 1.92 -8.02 -19.35
CA ILE E 221 2.47 -9.18 -18.68
C ILE E 221 3.13 -10.12 -19.69
N TYR E 222 2.54 -10.25 -20.88
CA TYR E 222 3.16 -11.04 -21.93
C TYR E 222 4.51 -10.46 -22.32
N PHE E 223 4.57 -9.13 -22.47
CA PHE E 223 5.84 -8.49 -22.81
C PHE E 223 6.90 -8.79 -21.75
N MET E 224 6.53 -8.67 -20.47
CA MET E 224 7.48 -8.96 -19.40
C MET E 224 7.91 -10.43 -19.41
N TRP E 225 6.96 -11.34 -19.56
CA TRP E 225 7.25 -12.75 -19.40
C TRP E 225 7.91 -13.37 -20.62
N HIS E 226 7.82 -12.72 -21.78
CA HIS E 226 8.64 -13.15 -22.91
C HIS E 226 10.11 -13.07 -22.57
N PHE E 227 10.53 -11.94 -21.97
CA PHE E 227 11.92 -11.79 -21.57
C PHE E 227 12.26 -12.64 -20.34
N ILE E 228 11.29 -12.83 -19.44
CA ILE E 228 11.53 -13.74 -18.32
C ILE E 228 11.83 -15.15 -18.83
N GLY E 229 11.04 -15.63 -19.79
CA GLY E 229 11.31 -16.92 -20.39
C GLY E 229 12.60 -16.94 -21.18
N ARG E 230 12.95 -15.83 -21.82
CA ARG E 230 14.24 -15.73 -22.48
C ARG E 230 15.39 -15.97 -21.49
N TRP E 231 15.31 -15.35 -20.31
CA TRP E 231 16.32 -15.60 -19.30
C TRP E 231 16.29 -17.05 -18.84
N PHE E 232 15.10 -17.59 -18.56
CA PHE E 232 14.99 -18.98 -18.01
C PHE E 232 15.53 -20.01 -18.99
N SER E 233 15.70 -19.65 -20.26
CA SER E 233 16.22 -20.58 -21.29
C SER E 233 17.75 -20.61 -21.25
N ASN E 234 18.40 -19.66 -20.57
CA ASN E 234 19.90 -19.56 -20.54
C ASN E 234 20.55 -20.94 -20.42
N GLU E 235 21.58 -21.20 -21.24
CA GLU E 235 22.32 -22.46 -21.17
C GLU E 235 23.70 -22.23 -20.55
N ARG E 236 23.80 -21.27 -19.62
CA ARG E 236 25.07 -20.92 -19.04
C ARG E 236 25.52 -21.97 -18.03
N PHE E 237 26.84 -22.01 -17.80
CA PHE E 237 27.38 -22.94 -16.79
C PHE E 237 27.96 -22.12 -15.63
N LEU E 238 27.12 -21.69 -14.68
CA LEU E 238 27.60 -20.96 -13.47
C LEU E 238 28.70 -21.78 -12.81
N GLN E 239 29.99 -21.49 -13.06
CA GLN E 239 31.13 -22.35 -12.61
C GLN E 239 31.04 -22.83 -11.16
N SER E 240 30.54 -22.00 -10.25
CA SER E 240 30.47 -22.37 -8.80
C SER E 240 29.26 -21.69 -8.14
N THR E 241 28.67 -22.35 -7.14
CA THR E 241 27.45 -21.80 -6.50
C THR E 241 27.82 -21.18 -5.15
N HIS F 1 6.56 21.07 26.88
CA HIS F 1 7.70 21.86 26.42
C HIS F 1 7.63 21.64 24.92
N GLY F 2 6.85 20.63 24.52
CA GLY F 2 6.66 20.31 23.09
C GLY F 2 5.45 21.00 22.50
N GLU F 3 4.73 21.82 23.27
CA GLU F 3 3.62 22.60 22.64
C GLU F 3 4.17 24.00 22.34
N LYS F 4 3.31 24.98 22.02
CA LYS F 4 3.78 26.33 21.59
C LYS F 4 4.37 26.20 20.18
N SER F 5 4.46 24.98 19.64
CA SER F 5 4.99 24.74 18.27
C SER F 5 3.91 24.07 17.44
N GLN F 6 2.99 23.32 18.08
CA GLN F 6 1.88 22.75 17.33
C GLN F 6 0.93 23.84 16.88
N ALA F 7 0.12 23.52 15.87
CA ALA F 7 -0.82 24.46 15.31
C ALA F 7 -1.81 24.92 16.38
N ALA F 8 -2.08 26.22 16.40
CA ALA F 8 -2.95 26.79 17.43
C ALA F 8 -4.35 26.21 17.37
N PHE F 9 -4.91 26.05 16.16
CA PHE F 9 -6.27 25.53 16.05
C PHE F 9 -6.32 24.06 16.44
N MET F 10 -5.23 23.33 16.20
CA MET F 10 -5.21 21.92 16.59
C MET F 10 -5.08 21.77 18.10
N ARG F 11 -4.32 22.67 18.74
CA ARG F 11 -4.28 22.68 20.19
C ARG F 11 -5.62 23.11 20.77
N MET F 12 -6.34 23.99 20.08
CA MET F 12 -7.64 24.45 20.57
C MET F 12 -8.70 23.37 20.45
N ARG F 13 -8.74 22.66 19.33
CA ARG F 13 -9.77 21.66 19.10
C ARG F 13 -9.13 20.28 18.96
N THR F 14 -8.65 19.73 20.07
CA THR F 14 -8.48 18.29 20.18
C THR F 14 -9.08 17.76 21.48
N ILE F 15 -8.56 18.28 22.60
CA ILE F 15 -8.84 17.77 23.93
C ILE F 15 -8.72 18.94 24.90
N HIS F 16 -9.75 19.16 25.71
CA HIS F 16 -9.77 20.24 26.68
C HIS F 16 -9.55 19.68 28.08
N TRP F 17 -8.45 20.08 28.71
CA TRP F 17 -8.11 19.65 30.07
C TRP F 17 -8.62 20.67 31.06
N TYR F 18 -9.34 20.21 32.08
CA TYR F 18 -9.83 21.08 33.13
C TYR F 18 -9.97 20.28 34.41
N ASP F 19 -10.22 21.01 35.51
CA ASP F 19 -10.22 20.45 36.86
C ASP F 19 -8.90 19.77 37.19
N LEU F 20 -7.81 20.27 36.60
CA LEU F 20 -6.50 19.69 36.85
C LEU F 20 -6.04 20.02 38.26
N SER F 21 -5.41 19.04 38.91
CA SER F 21 -4.88 19.24 40.24
C SER F 21 -3.58 18.45 40.38
N TRP F 22 -2.70 18.94 41.24
CA TRP F 22 -1.43 18.29 41.54
C TRP F 22 -1.33 18.11 43.04
N SER F 23 -1.03 16.88 43.48
CA SER F 23 -1.00 16.59 44.91
C SER F 23 0.12 17.36 45.60
N LYS F 24 1.27 17.49 44.95
CA LYS F 24 2.42 18.17 45.53
C LYS F 24 3.14 18.96 44.45
N GLU F 25 3.84 20.01 44.87
CA GLU F 25 4.65 20.81 43.98
C GLU F 25 6.14 20.55 44.12
N LYS F 26 6.56 19.99 45.25
CA LYS F 26 7.96 19.70 45.52
C LYS F 26 8.03 18.36 46.24
N VAL F 27 8.88 17.45 45.76
CA VAL F 27 8.90 16.08 46.24
C VAL F 27 10.34 15.66 46.50
N LYS F 28 10.48 14.61 47.31
CA LYS F 28 11.75 13.94 47.53
C LYS F 28 11.88 12.75 46.59
N ILE F 29 13.10 12.23 46.50
CA ILE F 29 13.31 10.97 45.76
C ILE F 29 12.50 9.87 46.43
N ASN F 30 11.86 9.03 45.60
CA ASN F 30 10.98 7.94 45.98
C ASN F 30 9.63 8.42 46.48
N GLU F 31 9.40 9.73 46.57
CA GLU F 31 8.11 10.25 46.97
C GLU F 31 7.16 10.28 45.77
N THR F 32 5.87 10.15 46.06
CA THR F 32 4.84 10.06 45.03
C THR F 32 4.12 11.39 44.89
N VAL F 33 3.87 11.77 43.63
CA VAL F 33 3.07 12.95 43.30
C VAL F 33 1.96 12.49 42.35
N GLU F 34 0.73 12.92 42.63
CA GLU F 34 -0.44 12.48 41.89
C GLU F 34 -1.03 13.65 41.11
N ILE F 35 -1.33 13.41 39.83
CA ILE F 35 -1.93 14.40 38.96
C ILE F 35 -3.33 13.91 38.59
N LYS F 36 -4.33 14.74 38.86
CA LYS F 36 -5.72 14.43 38.60
C LYS F 36 -6.33 15.50 37.70
N GLY F 37 -7.47 15.17 37.11
CA GLY F 37 -8.19 16.12 36.31
C GLY F 37 -9.16 15.42 35.37
N LYS F 38 -9.74 16.23 34.49
CA LYS F 38 -10.68 15.75 33.48
C LYS F 38 -10.23 16.24 32.11
N PHE F 39 -10.51 15.45 31.09
CA PHE F 39 -10.31 15.90 29.71
C PHE F 39 -11.54 15.57 28.90
N HIS F 40 -11.91 16.49 28.01
CA HIS F 40 -13.06 16.34 27.14
C HIS F 40 -12.59 16.25 25.70
N VAL F 41 -13.04 15.22 25.00
CA VAL F 41 -12.70 15.03 23.59
C VAL F 41 -13.63 15.89 22.75
N PHE F 42 -13.06 16.84 22.02
CA PHE F 42 -13.85 17.83 21.29
C PHE F 42 -14.64 17.16 20.17
N GLU F 43 -15.89 17.58 19.98
CA GLU F 43 -16.73 17.01 18.95
C GLU F 43 -16.19 17.32 17.55
N GLY F 44 -15.70 18.55 17.34
CA GLY F 44 -15.14 18.92 16.07
C GLY F 44 -13.70 18.46 15.90
N TRP F 45 -13.48 17.18 16.11
CA TRP F 45 -12.14 16.60 16.00
C TRP F 45 -11.60 16.81 14.59
N PRO F 46 -10.41 17.40 14.43
CA PRO F 46 -9.91 17.70 13.08
C PRO F 46 -9.74 16.43 12.26
N GLU F 47 -10.08 16.52 10.97
CA GLU F 47 -9.99 15.36 10.09
C GLU F 47 -8.55 14.90 9.89
N THR F 48 -7.58 15.81 10.03
CA THR F 48 -6.18 15.44 9.88
C THR F 48 -5.69 14.57 11.02
N VAL F 49 -6.36 14.60 12.16
CA VAL F 49 -6.05 13.73 13.28
C VAL F 49 -6.99 12.53 13.24
N ASP F 50 -6.40 11.34 13.27
CA ASP F 50 -7.23 10.14 13.33
C ASP F 50 -8.06 10.15 14.60
N GLU F 51 -9.25 9.56 14.51
CA GLU F 51 -10.13 9.49 15.66
C GLU F 51 -9.45 8.75 16.80
N PRO F 52 -9.70 9.17 18.05
CA PRO F 52 -8.98 8.55 19.17
C PRO F 52 -9.44 7.13 19.47
N ASP F 53 -9.49 6.29 18.43
CA ASP F 53 -9.81 4.89 18.62
C ASP F 53 -8.73 4.17 19.41
N VAL F 54 -7.47 4.57 19.22
CA VAL F 54 -6.34 4.03 19.97
C VAL F 54 -5.60 5.21 20.55
N ALA F 55 -5.68 5.39 21.86
CA ALA F 55 -5.05 6.51 22.55
C ALA F 55 -4.35 6.00 23.80
N PHE F 56 -3.27 6.69 24.17
CA PHE F 56 -2.46 6.33 25.33
C PHE F 56 -2.32 7.54 26.24
N LEU F 57 -2.61 7.35 27.52
CA LEU F 57 -2.43 8.39 28.53
C LEU F 57 -0.96 8.42 28.91
N ASN F 58 -0.25 9.45 28.46
CA ASN F 58 1.18 9.56 28.65
C ASN F 58 1.49 10.74 29.58
N VAL F 59 2.78 10.89 29.89
CA VAL F 59 3.27 11.99 30.71
C VAL F 59 4.34 12.73 29.92
N GLY F 60 4.20 14.05 29.80
CA GLY F 60 5.20 14.86 29.13
C GLY F 60 6.29 15.27 30.09
N MET F 61 7.51 14.77 29.88
CA MET F 61 8.59 14.98 30.82
C MET F 61 9.91 14.68 30.13
N PRO F 62 11.01 15.25 30.61
CA PRO F 62 12.31 15.02 29.97
C PRO F 62 12.97 13.72 30.39
N GLY F 63 12.47 12.60 29.87
CA GLY F 63 12.98 11.30 30.26
C GLY F 63 12.48 10.90 31.63
N PRO F 64 12.90 9.74 32.11
CA PRO F 64 12.33 9.19 33.35
C PRO F 64 12.83 9.92 34.61
N VAL F 65 12.60 11.23 34.65
CA VAL F 65 12.82 11.96 35.90
C VAL F 65 11.76 11.58 36.94
N PHE F 66 10.61 11.08 36.50
CA PHE F 66 9.65 10.40 37.33
C PHE F 66 9.40 9.04 36.68
N ILE F 67 8.95 8.08 37.47
CA ILE F 67 8.44 6.83 36.90
C ILE F 67 6.93 6.81 37.07
N ARG F 68 6.23 6.36 36.04
CA ARG F 68 4.78 6.28 36.10
C ARG F 68 4.39 5.03 36.89
N LYS F 69 4.04 5.23 38.16
CA LYS F 69 3.62 4.10 38.99
C LYS F 69 2.26 3.59 38.56
N GLU F 70 1.30 4.51 38.36
CA GLU F 70 -0.04 4.14 37.98
C GLU F 70 -0.62 5.23 37.09
N SER F 71 -1.60 4.84 36.27
CA SER F 71 -2.36 5.78 35.46
C SER F 71 -3.76 5.22 35.29
N TYR F 72 -4.77 6.09 35.43
CA TYR F 72 -6.16 5.67 35.38
C TYR F 72 -6.94 6.57 34.44
N ILE F 73 -7.85 5.95 33.69
CA ILE F 73 -8.89 6.67 32.96
C ILE F 73 -10.23 6.15 33.49
N GLY F 74 -11.03 7.05 34.04
CA GLY F 74 -12.21 6.63 34.75
C GLY F 74 -11.85 6.30 36.19
N GLY F 75 -11.73 5.01 36.48
CA GLY F 75 -11.24 4.57 37.77
C GLY F 75 -10.38 3.33 37.67
N GLN F 76 -10.04 2.94 36.45
CA GLN F 76 -9.35 1.70 36.17
C GLN F 76 -7.99 1.94 35.55
N LEU F 77 -7.03 1.08 35.89
CA LEU F 77 -5.65 1.26 35.45
C LEU F 77 -5.54 1.06 33.94
N VAL F 78 -4.72 1.89 33.31
CA VAL F 78 -4.58 1.88 31.85
C VAL F 78 -3.12 1.78 31.45
N PRO F 79 -2.46 0.64 31.67
CA PRO F 79 -1.06 0.51 31.23
C PRO F 79 -0.91 0.34 29.74
N ARG F 80 -2.00 0.12 29.02
CA ARG F 80 -1.98 -0.06 27.57
C ARG F 80 -2.76 1.08 26.91
N SER F 81 -2.78 1.04 25.58
CA SER F 81 -3.57 2.01 24.83
C SER F 81 -5.05 1.79 25.08
N VAL F 82 -5.82 2.87 24.96
CA VAL F 82 -7.25 2.82 25.25
C VAL F 82 -8.02 3.46 24.12
N ARG F 83 -9.32 3.17 24.07
CA ARG F 83 -10.21 3.74 23.08
C ARG F 83 -11.03 4.85 23.74
N LEU F 84 -11.02 6.03 23.12
CA LEU F 84 -11.79 7.17 23.59
C LEU F 84 -12.87 7.50 22.58
N GLU F 85 -13.98 8.05 23.06
CA GLU F 85 -15.11 8.41 22.22
C GLU F 85 -15.17 9.93 22.09
N ILE F 86 -15.36 10.40 20.86
CA ILE F 86 -15.43 11.83 20.59
C ILE F 86 -16.67 12.41 21.25
N GLY F 87 -16.51 13.53 21.95
CA GLY F 87 -17.60 14.18 22.65
C GLY F 87 -17.74 13.76 24.10
N LYS F 88 -17.01 12.75 24.55
CA LYS F 88 -17.10 12.27 25.91
C LYS F 88 -16.07 12.95 26.81
N THR F 89 -16.41 13.05 28.09
CA THR F 89 -15.52 13.60 29.10
C THR F 89 -15.06 12.46 30.01
N TYR F 90 -13.75 12.36 30.21
CA TYR F 90 -13.17 11.34 31.07
C TYR F 90 -12.37 12.01 32.18
N ASP F 91 -12.34 11.36 33.33
CA ASP F 91 -11.47 11.77 34.42
C ASP F 91 -10.25 10.86 34.47
N PHE F 92 -9.11 11.43 34.80
CA PHE F 92 -7.85 10.71 34.78
C PHE F 92 -7.09 10.94 36.07
N ARG F 93 -6.15 10.05 36.34
CA ARG F 93 -5.29 10.14 37.52
C ARG F 93 -3.98 9.44 37.21
N VAL F 94 -2.88 10.18 37.30
CA VAL F 94 -1.54 9.64 37.06
C VAL F 94 -0.74 9.76 38.35
N VAL F 95 -0.13 8.66 38.77
CA VAL F 95 0.71 8.61 39.96
C VAL F 95 2.15 8.52 39.49
N LEU F 96 2.97 9.48 39.93
CA LEU F 96 4.38 9.55 39.55
C LEU F 96 5.24 9.42 40.80
N LYS F 97 6.36 8.72 40.66
CA LYS F 97 7.34 8.58 41.73
C LYS F 97 8.62 9.26 41.31
N ALA F 98 9.13 10.16 42.16
CA ALA F 98 10.30 10.95 41.81
C ALA F 98 11.54 10.07 41.72
N ARG F 99 12.34 10.31 40.69
CA ARG F 99 13.53 9.50 40.42
C ARG F 99 14.79 10.32 40.26
N ARG F 100 14.70 11.51 39.65
CA ARG F 100 15.86 12.31 39.33
C ARG F 100 15.71 13.71 39.91
N PRO F 101 16.68 14.22 40.65
CA PRO F 101 16.56 15.56 41.23
C PRO F 101 16.58 16.63 40.17
N GLY F 102 15.90 17.74 40.46
CA GLY F 102 15.87 18.87 39.57
C GLY F 102 14.51 19.56 39.50
N ASP F 103 14.37 20.49 38.56
CA ASP F 103 13.10 21.17 38.33
C ASP F 103 12.57 20.74 36.98
N TRP F 104 11.44 20.02 36.99
CA TRP F 104 10.91 19.39 35.79
C TRP F 104 9.52 19.93 35.47
N HIS F 105 9.28 20.15 34.19
CA HIS F 105 7.99 20.61 33.69
C HIS F 105 7.19 19.38 33.30
N VAL F 106 6.24 19.00 34.13
CA VAL F 106 5.48 17.77 33.96
C VAL F 106 4.16 18.08 33.27
N HIS F 107 3.95 17.47 32.11
CA HIS F 107 2.72 17.61 31.36
C HIS F 107 1.93 16.32 31.39
N THR F 108 0.61 16.44 31.43
CA THR F 108 -0.27 15.30 31.17
C THR F 108 -0.64 15.38 29.70
N MET F 109 -0.41 14.29 28.99
CA MET F 109 -0.62 14.30 27.55
C MET F 109 -1.39 13.07 27.10
N MET F 110 -2.03 13.19 25.94
CA MET F 110 -2.73 12.08 25.31
C MET F 110 -2.15 11.88 23.92
N ASN F 111 -1.56 10.71 23.69
CA ASN F 111 -1.04 10.34 22.39
C ASN F 111 -2.14 9.59 21.63
N VAL F 112 -2.42 10.03 20.41
CA VAL F 112 -3.44 9.42 19.57
C VAL F 112 -2.76 8.69 18.43
N GLN F 113 -3.25 7.48 18.13
CA GLN F 113 -2.59 6.57 17.20
C GLN F 113 -2.23 7.25 15.87
N GLY F 114 -3.16 7.99 15.29
CA GLY F 114 -2.88 8.58 14.00
C GLY F 114 -2.88 10.11 14.00
N GLY F 115 -2.62 10.73 15.14
CA GLY F 115 -2.58 12.17 15.17
C GLY F 115 -1.41 12.78 15.92
N GLY F 116 -0.69 11.98 16.69
CA GLY F 116 0.44 12.49 17.43
C GLY F 116 0.09 12.96 18.82
N PRO F 117 0.99 13.74 19.44
CA PRO F 117 0.82 14.10 20.85
C PRO F 117 -0.13 15.26 21.09
N ILE F 118 -1.00 15.12 22.08
CA ILE F 118 -1.87 16.21 22.53
C ILE F 118 -1.43 16.55 23.95
N ILE F 119 -0.67 17.63 24.07
CA ILE F 119 -0.04 17.98 25.35
C ILE F 119 -0.96 18.89 26.15
N GLY F 120 -1.24 18.50 27.39
CA GLY F 120 -2.02 19.31 28.29
C GLY F 120 -1.16 20.31 29.03
N PRO F 121 -1.74 21.00 30.01
CA PRO F 121 -0.97 21.97 30.79
C PRO F 121 0.19 21.30 31.53
N GLY F 122 1.30 22.01 31.60
CA GLY F 122 2.50 21.53 32.28
C GLY F 122 2.76 22.34 33.54
N LYS F 123 3.22 21.65 34.58
CA LYS F 123 3.48 22.27 35.87
C LYS F 123 4.91 21.96 36.31
N TRP F 124 5.59 22.98 36.82
CA TRP F 124 6.94 22.78 37.34
C TRP F 124 6.88 22.06 38.67
N ILE F 125 7.55 20.91 38.75
CA ILE F 125 7.62 20.11 39.97
C ILE F 125 9.09 19.93 40.32
N THR F 126 9.44 20.31 41.55
CA THR F 126 10.81 20.23 42.02
C THR F 126 11.05 18.88 42.68
N VAL F 127 12.17 18.25 42.33
CA VAL F 127 12.59 16.99 42.93
C VAL F 127 13.92 17.23 43.64
N GLU F 128 13.99 16.82 44.90
CA GLU F 128 15.21 16.96 45.69
C GLU F 128 15.64 15.59 46.21
N GLY F 129 16.94 15.43 46.42
CA GLY F 129 17.51 14.18 46.85
C GLY F 129 18.62 13.72 45.92
N SER F 130 18.86 12.42 45.91
CA SER F 130 19.86 11.82 45.05
C SER F 130 19.24 10.68 44.25
N MET F 131 19.66 10.58 42.99
CA MET F 131 19.19 9.48 42.15
C MET F 131 19.60 8.13 42.71
N SER F 132 20.72 8.07 43.43
CA SER F 132 21.18 6.81 44.00
C SER F 132 20.22 6.26 45.06
N GLU F 133 19.38 7.11 45.65
CA GLU F 133 18.41 6.66 46.64
C GLU F 133 17.15 6.08 46.00
N PHE F 134 16.97 6.24 44.69
CA PHE F 134 15.74 5.78 44.05
C PHE F 134 15.67 4.26 44.04
N ARG F 135 14.51 3.73 44.39
CA ARG F 135 14.24 2.30 44.31
C ARG F 135 12.93 2.10 43.57
N ASN F 136 12.86 1.03 42.78
CA ASN F 136 11.66 0.65 42.06
C ASN F 136 11.37 -0.82 42.33
N PRO F 137 11.01 -1.17 43.57
CA PRO F 137 10.74 -2.57 43.88
C PRO F 137 9.45 -3.06 43.23
N VAL F 138 9.41 -4.36 42.94
CA VAL F 138 8.21 -5.00 42.42
C VAL F 138 8.25 -6.46 42.85
N THR F 139 7.07 -7.01 43.15
CA THR F 139 6.95 -8.40 43.56
C THR F 139 6.27 -9.20 42.45
N THR F 140 6.91 -10.28 42.03
CA THR F 140 6.39 -11.11 40.96
C THR F 140 5.44 -12.17 41.51
N LEU F 141 4.70 -12.80 40.59
CA LEU F 141 3.81 -13.89 40.99
C LEU F 141 4.58 -15.15 41.36
N THR F 142 5.89 -15.18 41.13
CA THR F 142 6.72 -16.29 41.56
C THR F 142 7.28 -16.08 42.97
N GLY F 143 6.90 -15.01 43.64
CA GLY F 143 7.28 -14.80 45.02
C GLY F 143 8.65 -14.22 45.26
N GLN F 144 9.16 -13.40 44.34
CA GLN F 144 10.45 -12.75 44.53
C GLN F 144 10.29 -11.26 44.30
N THR F 145 11.00 -10.47 45.11
CA THR F 145 10.98 -9.01 45.01
C THR F 145 12.28 -8.56 44.36
N VAL F 146 12.17 -7.79 43.29
CA VAL F 146 13.33 -7.31 42.55
C VAL F 146 13.23 -5.79 42.41
N ASP F 147 14.39 -5.17 42.22
CA ASP F 147 14.46 -3.73 41.95
C ASP F 147 14.62 -3.53 40.45
N LEU F 148 13.64 -2.86 39.84
CA LEU F 148 13.64 -2.68 38.40
C LEU F 148 14.77 -1.80 37.90
N GLU F 149 15.46 -1.09 38.79
CA GLU F 149 16.59 -0.27 38.38
C GLU F 149 17.76 -1.10 37.89
N ASN F 150 17.99 -2.27 38.50
CA ASN F 150 19.17 -3.05 38.17
C ASN F 150 18.89 -4.53 37.96
N TYR F 151 17.63 -4.96 38.04
CA TYR F 151 17.29 -6.35 37.82
C TYR F 151 17.68 -6.78 36.41
N ASN F 152 18.33 -7.94 36.31
CA ASN F 152 18.78 -8.57 35.05
C ASN F 152 19.93 -7.82 34.39
N GLU F 153 20.41 -6.73 34.97
CA GLU F 153 21.50 -5.97 34.36
C GLU F 153 22.77 -6.80 34.28
N GLY F 154 23.11 -7.50 35.35
CA GLY F 154 24.30 -8.33 35.35
C GLY F 154 24.22 -9.44 34.33
N ASN F 155 23.06 -10.10 34.24
CA ASN F 155 22.88 -11.17 33.27
C ASN F 155 23.00 -10.65 31.85
N THR F 156 22.38 -9.50 31.56
CA THR F 156 22.48 -8.91 30.24
C THR F 156 23.92 -8.58 29.88
N TYR F 157 24.63 -7.91 30.79
CA TYR F 157 26.02 -7.57 30.56
C TYR F 157 26.86 -8.83 30.32
N PHE F 158 26.64 -9.87 31.14
CA PHE F 158 27.42 -11.09 31.02
C PHE F 158 27.22 -11.74 29.66
N TRP F 159 25.97 -11.91 29.25
CA TRP F 159 25.72 -12.59 27.98
C TRP F 159 26.24 -11.79 26.79
N HIS F 160 26.02 -10.47 26.81
CA HIS F 160 26.51 -9.66 25.71
C HIS F 160 28.04 -9.68 25.63
N ALA F 161 28.71 -9.57 26.78
CA ALA F 161 30.17 -9.64 26.80
C ALA F 161 30.66 -11.01 26.34
N PHE F 162 29.97 -12.08 26.73
CA PHE F 162 30.37 -13.42 26.33
C PHE F 162 30.31 -13.58 24.81
N TRP F 163 29.20 -13.16 24.20
CA TRP F 163 29.07 -13.34 22.76
C TRP F 163 30.00 -12.40 22.01
N PHE F 164 30.19 -11.18 22.51
CA PHE F 164 31.16 -10.26 21.90
C PHE F 164 32.56 -10.85 21.97
N ALA F 165 32.91 -11.48 23.10
CA ALA F 165 34.22 -12.12 23.24
C ALA F 165 34.37 -13.28 22.26
N ILE F 166 33.31 -14.06 22.06
CA ILE F 166 33.38 -15.15 21.09
C ILE F 166 33.67 -14.61 19.69
N GLY F 167 32.93 -13.57 19.29
CA GLY F 167 33.17 -12.97 17.98
C GLY F 167 34.56 -12.39 17.84
N VAL F 168 35.04 -11.70 18.88
CA VAL F 168 36.37 -11.11 18.86
C VAL F 168 37.42 -12.21 18.79
N ALA F 169 37.20 -13.34 19.47
CA ALA F 169 38.12 -14.45 19.41
C ALA F 169 38.21 -15.01 18.00
N TRP F 170 37.06 -15.17 17.34
CA TRP F 170 37.05 -15.63 15.95
C TRP F 170 37.87 -14.68 15.07
N ILE F 171 37.59 -13.38 15.17
CA ILE F 171 38.26 -12.40 14.33
C ILE F 171 39.76 -12.38 14.61
N GLY F 172 40.15 -12.42 15.89
CA GLY F 172 41.57 -12.39 16.23
C GLY F 172 42.29 -13.65 15.80
N TYR F 173 41.63 -14.81 15.91
CA TYR F 173 42.19 -16.05 15.40
C TYR F 173 42.54 -15.91 13.93
N TRP F 174 41.63 -15.33 13.15
CA TRP F 174 41.95 -15.11 11.75
C TRP F 174 42.88 -13.92 11.51
N SER F 175 43.03 -13.04 12.50
CA SER F 175 43.82 -11.83 12.35
C SER F 175 45.25 -11.99 12.84
N ARG F 176 45.62 -13.12 13.42
CA ARG F 176 47.02 -13.31 13.81
C ARG F 176 47.93 -13.29 12.59
N ARG F 177 47.51 -13.94 11.51
CA ARG F 177 48.26 -13.93 10.26
C ARG F 177 48.04 -12.61 9.53
N PRO F 178 48.86 -12.32 8.52
CA PRO F 178 48.63 -11.11 7.71
C PRO F 178 47.25 -11.13 7.07
N ILE F 179 46.65 -9.94 6.96
CA ILE F 179 45.21 -9.84 6.71
C ILE F 179 44.86 -9.48 5.28
N PHE F 180 45.25 -8.30 4.82
CA PHE F 180 44.63 -7.74 3.62
C PHE F 180 45.44 -7.91 2.34
N ILE F 181 46.64 -7.33 2.28
CA ILE F 181 47.32 -7.20 0.99
C ILE F 181 47.95 -8.52 0.56
N PRO F 182 48.72 -9.21 1.41
CA PRO F 182 49.24 -10.52 0.98
C PRO F 182 48.14 -11.52 0.64
N ARG F 183 47.05 -11.53 1.39
CA ARG F 183 45.95 -12.44 1.07
C ARG F 183 45.28 -12.07 -0.24
N LEU F 184 45.11 -10.78 -0.49
CA LEU F 184 44.56 -10.32 -1.76
C LEU F 184 45.45 -10.75 -2.92
N LEU F 185 46.77 -10.58 -2.77
CA LEU F 185 47.70 -10.97 -3.82
C LEU F 185 47.69 -12.47 -4.04
N MET F 186 47.60 -13.25 -2.96
CA MET F 186 47.54 -14.70 -3.09
C MET F 186 46.27 -15.14 -3.82
N VAL F 187 45.13 -14.52 -3.49
CA VAL F 187 43.88 -14.87 -4.16
C VAL F 187 43.92 -14.48 -5.62
N ASP F 188 44.45 -13.30 -5.93
CA ASP F 188 44.48 -12.82 -7.32
C ASP F 188 45.45 -13.64 -8.16
N ALA F 189 46.72 -13.67 -7.77
CA ALA F 189 47.75 -14.37 -8.54
C ALA F 189 47.64 -15.86 -8.36
N GLY F 190 46.91 -16.52 -9.25
CA GLY F 190 46.72 -17.95 -9.18
C GLY F 190 45.66 -18.34 -8.16
N ARG F 191 45.40 -19.64 -8.09
CA ARG F 191 44.47 -20.17 -7.11
C ARG F 191 45.06 -20.00 -5.71
N ALA F 192 44.21 -19.66 -4.75
CA ALA F 192 44.74 -19.40 -3.42
C ALA F 192 44.94 -20.71 -2.66
N ASP F 193 43.84 -21.33 -2.24
CA ASP F 193 43.80 -22.71 -1.71
C ASP F 193 44.95 -22.99 -0.74
N GLU F 194 45.45 -21.93 -0.10
CA GLU F 194 46.60 -22.09 0.79
C GLU F 194 46.42 -21.31 2.09
N LEU F 195 45.58 -20.28 2.05
CA LEU F 195 45.34 -19.46 3.23
C LEU F 195 44.21 -19.99 4.10
N VAL F 196 43.46 -20.98 3.61
CA VAL F 196 42.47 -21.66 4.42
C VAL F 196 42.75 -23.15 4.35
N SER F 197 43.49 -23.67 5.33
CA SER F 197 43.83 -25.08 5.39
C SER F 197 43.77 -25.54 6.84
N ALA F 198 43.53 -26.85 7.02
CA ALA F 198 43.52 -27.44 8.34
C ALA F 198 44.76 -27.02 9.12
N THR F 199 44.57 -26.69 10.40
CA THR F 199 43.32 -26.92 11.12
C THR F 199 42.36 -25.73 11.16
N ASP F 200 42.41 -24.86 10.15
CA ASP F 200 41.46 -23.75 10.11
C ASP F 200 40.03 -24.25 9.97
N ARG F 201 39.81 -25.25 9.13
CA ARG F 201 38.48 -25.83 9.00
C ARG F 201 38.03 -26.49 10.29
N LYS F 202 38.96 -27.15 10.99
CA LYS F 202 38.62 -27.75 12.29
C LYS F 202 38.24 -26.68 13.31
N VAL F 203 38.96 -25.55 13.32
CA VAL F 203 38.64 -24.47 14.23
C VAL F 203 37.27 -23.89 13.91
N ALA F 204 36.95 -23.73 12.62
CA ALA F 204 35.64 -23.22 12.24
C ALA F 204 34.53 -24.19 12.62
N MET F 205 34.74 -25.49 12.41
CA MET F 205 33.76 -26.48 12.83
C MET F 205 33.56 -26.44 14.34
N GLY F 206 34.65 -26.30 15.10
CA GLY F 206 34.52 -26.16 16.54
C GLY F 206 33.73 -24.92 16.92
N PHE F 207 34.00 -23.80 16.25
CA PHE F 207 33.26 -22.57 16.54
C PHE F 207 31.78 -22.73 16.27
N LEU F 208 31.43 -23.34 15.12
CA LEU F 208 30.02 -23.51 14.77
C LEU F 208 29.32 -24.44 15.76
N ALA F 209 29.93 -25.60 16.04
CA ALA F 209 29.33 -26.55 16.94
C ALA F 209 29.20 -25.98 18.35
N ALA F 210 30.23 -25.28 18.82
CA ALA F 210 30.19 -24.67 20.14
C ALA F 210 29.12 -23.59 20.20
N THR F 211 28.98 -22.79 19.15
CA THR F 211 27.95 -21.76 19.14
C THR F 211 26.56 -22.37 19.26
N ILE F 212 26.28 -23.39 18.43
CA ILE F 212 24.96 -24.00 18.48
C ILE F 212 24.71 -24.66 19.83
N LEU F 213 25.71 -25.40 20.33
CA LEU F 213 25.56 -26.11 21.60
C LEU F 213 25.37 -25.14 22.76
N ILE F 214 26.14 -24.04 22.76
CA ILE F 214 26.03 -23.06 23.84
C ILE F 214 24.68 -22.36 23.79
N VAL F 215 24.18 -22.05 22.59
CA VAL F 215 22.85 -21.44 22.49
C VAL F 215 21.80 -22.38 23.04
N VAL F 216 21.86 -23.67 22.67
CA VAL F 216 20.87 -24.62 23.14
C VAL F 216 20.96 -24.79 24.66
N MET F 217 22.18 -24.94 25.19
CA MET F 217 22.35 -25.13 26.62
C MET F 217 21.90 -23.91 27.40
N ALA F 218 22.23 -22.70 26.91
CA ALA F 218 21.82 -21.48 27.59
C ALA F 218 20.30 -21.33 27.58
N MET F 219 19.66 -21.67 26.46
CA MET F 219 18.20 -21.63 26.42
C MET F 219 17.59 -22.62 27.40
N SER F 220 18.14 -23.84 27.47
CA SER F 220 17.62 -24.82 28.41
C SER F 220 17.81 -24.37 29.85
N SER F 221 18.98 -23.80 30.16
CA SER F 221 19.24 -23.32 31.51
C SER F 221 18.32 -22.16 31.88
N ALA F 222 18.09 -21.24 30.93
CA ALA F 222 17.17 -20.13 31.15
C ALA F 222 15.71 -20.59 31.15
N ASN F 223 15.44 -21.82 30.73
CA ASN F 223 14.11 -22.39 30.89
C ASN F 223 13.95 -23.13 32.21
N SER F 224 15.01 -23.78 32.70
CA SER F 224 14.94 -24.42 34.02
C SER F 224 14.83 -23.37 35.12
N LYS F 225 15.73 -22.39 35.12
CA LYS F 225 15.50 -21.17 35.88
C LYS F 225 14.43 -20.36 35.17
N TYR F 226 13.66 -19.59 35.95
CA TYR F 226 12.48 -18.89 35.43
C TYR F 226 11.57 -19.84 34.64
N PRO F 227 11.10 -20.93 35.25
CA PRO F 227 10.23 -21.85 34.51
C PRO F 227 8.89 -21.25 34.15
N ILE F 228 8.49 -20.16 34.80
CA ILE F 228 7.21 -19.51 34.56
C ILE F 228 7.48 -18.17 33.88
N THR F 229 7.10 -18.06 32.61
CA THR F 229 7.22 -16.82 31.87
C THR F 229 5.93 -16.57 31.09
N ILE F 230 5.66 -15.30 30.84
CA ILE F 230 4.48 -14.91 30.06
C ILE F 230 4.94 -13.98 28.94
N PRO F 231 4.23 -13.92 27.82
CA PRO F 231 4.61 -12.97 26.77
C PRO F 231 4.29 -11.54 27.19
N LEU F 232 4.79 -10.61 26.40
CA LEU F 232 4.50 -9.19 26.63
C LEU F 232 3.00 -8.96 26.54
N GLN F 233 2.46 -8.23 27.51
CA GLN F 233 1.03 -7.96 27.57
C GLN F 233 0.73 -6.68 26.81
N ALA F 234 -0.02 -6.80 25.72
CA ALA F 234 -0.32 -5.67 24.86
C ALA F 234 -1.75 -5.77 24.37
N GLY F 235 -2.24 -4.68 23.78
CA GLY F 235 -3.57 -4.65 23.23
C GLY F 235 -4.39 -3.48 23.71
N THR F 236 -5.01 -2.75 22.78
CA THR F 236 -5.85 -1.62 23.15
C THR F 236 -7.00 -2.07 24.02
N MET F 237 -7.29 -1.28 25.05
CA MET F 237 -8.32 -1.62 26.03
C MET F 237 -9.57 -0.80 25.74
N ARG F 238 -10.68 -1.49 25.52
CA ARG F 238 -11.96 -0.84 25.23
C ARG F 238 -12.74 -0.63 26.52
N GLY F 239 -13.92 -0.03 26.38
CA GLY F 239 -14.81 0.17 27.50
C GLY F 239 -14.29 1.10 28.58
N MET F 240 -13.68 2.21 28.17
CA MET F 240 -13.33 3.27 29.10
C MET F 240 -14.62 3.94 29.57
N LYS F 241 -14.78 4.10 30.87
CA LYS F 241 -16.01 4.65 31.41
C LYS F 241 -15.94 6.17 31.42
N PRO F 242 -16.76 6.85 30.62
CA PRO F 242 -16.77 8.31 30.62
C PRO F 242 -17.60 8.86 31.77
N LEU F 243 -17.34 10.12 32.09
CA LEU F 243 -18.11 10.81 33.11
C LEU F 243 -19.53 11.07 32.63
N GLU F 244 -20.50 10.84 33.51
CA GLU F 244 -21.90 11.12 33.19
C GLU F 244 -22.26 12.52 33.70
N LEU F 245 -21.87 13.50 32.90
CA LEU F 245 -22.08 14.88 33.28
C LEU F 245 -23.55 15.25 33.10
N PRO F 246 -24.11 16.09 33.98
CA PRO F 246 -25.47 16.58 33.76
C PRO F 246 -25.52 17.52 32.57
N ALA F 247 -26.66 17.56 31.91
CA ALA F 247 -26.84 18.45 30.77
C ALA F 247 -26.71 19.90 31.23
N PRO F 248 -25.90 20.71 30.55
CA PRO F 248 -25.73 22.11 30.99
C PRO F 248 -27.03 22.89 30.87
N THR F 249 -27.26 23.78 31.83
CA THR F 249 -28.41 24.67 31.80
C THR F 249 -28.11 25.99 31.12
N VAL F 250 -26.91 26.14 30.56
CA VAL F 250 -26.51 27.36 29.87
C VAL F 250 -26.25 27.02 28.41
N SER F 251 -26.86 27.78 27.51
CA SER F 251 -26.60 27.67 26.09
C SER F 251 -25.94 28.94 25.60
N VAL F 252 -24.84 28.80 24.86
CA VAL F 252 -24.07 29.93 24.36
C VAL F 252 -23.95 29.81 22.85
N LYS F 253 -24.28 30.88 22.13
CA LYS F 253 -24.11 30.95 20.69
C LYS F 253 -23.07 32.01 20.39
N VAL F 254 -22.02 31.64 19.66
CA VAL F 254 -20.94 32.55 19.32
C VAL F 254 -21.34 33.31 18.07
N GLU F 255 -21.50 34.62 18.19
CA GLU F 255 -21.77 35.50 17.06
C GLU F 255 -20.47 36.23 16.76
N ASP F 256 -19.66 35.62 15.89
CA ASP F 256 -18.37 36.12 15.41
C ASP F 256 -17.32 36.12 16.51
N ALA F 257 -16.07 35.89 16.14
CA ALA F 257 -14.94 35.92 17.07
C ALA F 257 -13.73 36.45 16.31
N THR F 258 -13.07 37.44 16.88
CA THR F 258 -11.97 38.11 16.21
C THR F 258 -10.77 38.25 17.14
N TYR F 259 -9.59 38.33 16.54
CA TYR F 259 -8.35 38.61 17.27
C TYR F 259 -7.51 39.55 16.44
N ARG F 260 -6.86 40.49 17.11
CA ARG F 260 -6.04 41.49 16.43
C ARG F 260 -4.70 40.91 16.02
N VAL F 261 -4.26 41.26 14.81
CA VAL F 261 -2.95 40.87 14.32
C VAL F 261 -2.14 42.13 14.05
N PRO F 262 -1.08 42.41 14.83
CA PRO F 262 -0.67 41.62 16.00
C PRO F 262 -1.44 42.01 17.25
N GLY F 263 -1.42 41.15 18.26
CA GLY F 263 -2.09 41.44 19.52
C GLY F 263 -1.96 40.28 20.47
N ARG F 264 -2.44 40.51 21.69
CA ARG F 264 -2.43 39.50 22.73
C ARG F 264 -3.83 39.24 23.27
N ALA F 265 -4.87 39.60 22.51
CA ALA F 265 -6.24 39.49 22.96
C ALA F 265 -7.09 38.82 21.89
N MET F 266 -8.13 38.13 22.36
CA MET F 266 -9.13 37.52 21.50
C MET F 266 -10.49 38.03 21.93
N ARG F 267 -11.30 38.46 20.96
CA ARG F 267 -12.60 39.04 21.23
C ARG F 267 -13.68 38.21 20.55
N MET F 268 -14.78 37.97 21.27
CA MET F 268 -15.90 37.23 20.72
C MET F 268 -17.20 37.75 21.32
N LYS F 269 -18.27 37.64 20.56
CA LYS F 269 -19.59 38.07 20.97
C LYS F 269 -20.46 36.85 21.17
N LEU F 270 -20.98 36.68 22.39
CA LEU F 270 -21.72 35.50 22.78
C LEU F 270 -23.15 35.87 23.14
N THR F 271 -24.09 35.04 22.71
CA THR F 271 -25.49 35.13 23.12
C THR F 271 -25.70 34.01 24.15
N ILE F 272 -25.85 34.40 25.41
CA ILE F 272 -25.96 33.45 26.51
C ILE F 272 -27.41 33.39 26.97
N THR F 273 -27.98 32.18 26.97
CA THR F 273 -29.32 31.93 27.45
C THR F 273 -29.24 31.09 28.72
N ASN F 274 -29.80 31.61 29.80
CA ASN F 274 -29.74 30.96 31.11
C ASN F 274 -31.01 30.16 31.34
N HIS F 275 -30.88 28.84 31.34
CA HIS F 275 -31.97 27.97 31.77
C HIS F 275 -31.74 27.58 33.23
N GLY F 276 -32.59 26.71 33.75
CA GLY F 276 -32.53 26.34 35.15
C GLY F 276 -33.11 27.44 36.01
N ASN F 277 -32.68 27.50 37.28
CA ASN F 277 -33.30 28.41 38.24
C ASN F 277 -32.28 29.11 39.12
N SER F 278 -31.18 29.61 38.53
CA SER F 278 -30.21 30.33 39.34
C SER F 278 -29.49 31.36 38.49
N PRO F 279 -29.20 32.56 39.03
CA PRO F 279 -28.45 33.56 38.26
C PRO F 279 -27.01 33.13 38.03
N ILE F 280 -26.58 33.11 36.77
CA ILE F 280 -25.24 32.65 36.41
C ILE F 280 -24.37 33.85 36.07
N ARG F 281 -23.06 33.63 36.10
CA ARG F 281 -22.09 34.64 35.70
C ARG F 281 -20.91 33.95 35.04
N LEU F 282 -20.39 34.55 33.97
CA LEU F 282 -19.27 33.97 33.25
C LEU F 282 -17.99 34.14 34.06
N GLY F 283 -17.33 33.04 34.38
CA GLY F 283 -16.18 33.09 35.25
C GLY F 283 -14.86 32.71 34.59
N GLU F 284 -14.91 31.93 33.52
CA GLU F 284 -13.68 31.44 32.92
C GLU F 284 -13.89 31.17 31.43
N PHE F 285 -12.82 31.34 30.67
CA PHE F 285 -12.76 30.89 29.28
C PHE F 285 -11.43 30.15 29.10
N TYR F 286 -11.52 28.86 28.81
CA TYR F 286 -10.36 28.02 28.56
C TYR F 286 -10.35 27.68 27.07
N THR F 287 -9.24 27.98 26.39
CA THR F 287 -9.16 27.77 24.95
C THR F 287 -8.14 26.68 24.60
N ALA F 288 -6.88 26.83 24.98
CA ALA F 288 -5.88 25.78 24.78
C ALA F 288 -4.87 25.88 25.92
N SER F 289 -5.12 25.15 27.00
CA SER F 289 -4.28 25.12 28.19
C SER F 289 -4.19 26.48 28.89
N VAL F 290 -4.85 27.49 28.33
CA VAL F 290 -4.84 28.84 28.86
C VAL F 290 -6.20 29.15 29.47
N ARG F 291 -6.20 29.56 30.73
CA ARG F 291 -7.43 29.86 31.47
C ARG F 291 -7.52 31.38 31.64
N PHE F 292 -8.49 31.99 30.95
CA PHE F 292 -8.79 33.39 31.14
C PHE F 292 -9.89 33.52 32.18
N LEU F 293 -9.56 34.16 33.31
CA LEU F 293 -10.47 34.24 34.44
C LEU F 293 -11.02 35.64 34.60
N ASP F 294 -12.29 35.72 34.98
CA ASP F 294 -12.89 36.96 35.46
C ASP F 294 -12.76 36.95 36.97
N SER F 295 -11.80 37.72 37.48
CA SER F 295 -11.45 37.65 38.90
C SER F 295 -12.61 38.04 39.80
N ASP F 296 -13.52 38.88 39.30
CA ASP F 296 -14.68 39.27 40.09
C ASP F 296 -15.69 38.14 40.24
N VAL F 297 -15.58 37.08 39.45
CA VAL F 297 -16.54 35.98 39.46
C VAL F 297 -15.93 34.72 40.05
N TYR F 298 -14.70 34.38 39.65
CA TYR F 298 -14.05 33.15 40.08
C TYR F 298 -12.56 33.38 40.27
N LYS F 299 -11.97 32.68 41.23
CA LYS F 299 -10.55 32.71 41.50
C LYS F 299 -10.01 31.28 41.54
N ASP F 300 -8.84 31.08 40.95
CA ASP F 300 -8.24 29.76 40.92
C ASP F 300 -7.48 29.48 42.21
N THR F 301 -7.73 28.32 42.80
CA THR F 301 -7.05 27.90 44.02
C THR F 301 -6.34 26.56 43.88
N THR F 302 -6.40 25.93 42.72
CA THR F 302 -5.81 24.61 42.50
C THR F 302 -4.33 24.67 42.12
N GLY F 303 -3.71 25.84 42.22
CA GLY F 303 -2.32 25.97 41.84
C GLY F 303 -2.06 25.77 40.37
N TYR F 304 -2.91 26.33 39.52
CA TYR F 304 -2.70 26.25 38.08
C TYR F 304 -1.40 26.97 37.70
N PRO F 305 -0.70 26.48 36.69
CA PRO F 305 0.54 27.16 36.26
C PRO F 305 0.30 28.62 35.93
N GLU F 306 1.17 29.48 36.48
CA GLU F 306 0.97 30.92 36.39
C GLU F 306 1.05 31.41 34.96
N ASP F 307 2.00 30.88 34.17
CA ASP F 307 2.14 31.32 32.79
C ASP F 307 0.96 30.90 31.93
N LEU F 308 0.15 29.94 32.38
CA LEU F 308 -1.05 29.53 31.69
C LEU F 308 -2.32 30.10 32.32
N LEU F 309 -2.19 30.89 33.38
CA LEU F 309 -3.35 31.40 34.12
C LEU F 309 -3.43 32.91 33.96
N ALA F 310 -4.57 33.38 33.46
CA ALA F 310 -4.86 34.81 33.35
C ALA F 310 -5.90 35.13 34.41
N GLU F 311 -5.43 35.68 35.54
CA GLU F 311 -6.31 35.90 36.68
C GLU F 311 -7.42 36.89 36.36
N ASP F 312 -7.10 37.96 35.62
CA ASP F 312 -8.09 38.93 35.20
C ASP F 312 -8.08 39.08 33.68
N GLY F 313 -7.66 38.04 32.98
CA GLY F 313 -7.57 38.09 31.53
C GLY F 313 -8.89 38.02 30.80
N LEU F 314 -9.98 37.71 31.49
CA LEU F 314 -11.30 37.62 30.89
C LEU F 314 -12.12 38.84 31.28
N SER F 315 -12.44 39.68 30.30
CA SER F 315 -13.27 40.85 30.51
C SER F 315 -14.57 40.69 29.75
N VAL F 316 -15.69 40.76 30.48
CA VAL F 316 -17.02 40.64 29.91
C VAL F 316 -17.66 42.02 29.93
N SER F 317 -18.27 42.41 28.81
CA SER F 317 -18.86 43.75 28.70
C SER F 317 -19.93 43.96 29.76
N ASP F 318 -20.78 42.96 29.97
CA ASP F 318 -21.82 43.00 31.00
C ASP F 318 -21.84 41.63 31.68
N ASN F 319 -21.07 41.49 32.76
CA ASN F 319 -21.02 40.25 33.52
C ASN F 319 -21.90 40.31 34.77
N SER F 320 -22.97 41.07 34.74
CA SER F 320 -23.95 41.05 35.81
C SER F 320 -24.65 39.69 35.83
N PRO F 321 -25.20 39.29 36.97
CA PRO F 321 -25.85 37.97 37.03
C PRO F 321 -26.95 37.84 35.99
N LEU F 322 -27.02 36.66 35.38
CA LEU F 322 -27.98 36.39 34.31
C LEU F 322 -29.17 35.63 34.91
N ALA F 323 -30.31 36.30 34.99
CA ALA F 323 -31.49 35.69 35.59
C ALA F 323 -31.94 34.50 34.75
N PRO F 324 -32.54 33.48 35.37
CA PRO F 324 -33.02 32.32 34.61
C PRO F 324 -34.05 32.73 33.58
N GLY F 325 -33.94 32.14 32.39
CA GLY F 325 -34.84 32.44 31.30
C GLY F 325 -34.43 33.63 30.48
N GLU F 326 -33.48 34.42 31.00
CA GLU F 326 -33.08 35.65 30.32
C GLU F 326 -31.96 35.38 29.33
N THR F 327 -32.04 36.04 28.17
CA THR F 327 -31.04 35.92 27.11
C THR F 327 -30.43 37.29 26.85
N ARG F 328 -29.11 37.35 26.86
CA ARG F 328 -28.42 38.61 26.56
C ARG F 328 -27.17 38.31 25.75
N THR F 329 -26.74 39.32 24.98
CA THR F 329 -25.56 39.22 24.14
C THR F 329 -24.49 40.17 24.67
N VAL F 330 -23.30 39.63 24.93
CA VAL F 330 -22.20 40.38 25.51
C VAL F 330 -20.96 40.23 24.64
N ASP F 331 -20.05 41.19 24.80
CA ASP F 331 -18.74 41.14 24.16
C ASP F 331 -17.72 40.64 25.18
N VAL F 332 -17.09 39.51 24.85
CA VAL F 332 -16.14 38.86 25.75
C VAL F 332 -14.74 38.99 25.15
N THR F 333 -13.81 39.53 25.93
CA THR F 333 -12.43 39.70 25.51
C THR F 333 -11.53 38.87 26.42
N ALA F 334 -10.74 37.98 25.82
CA ALA F 334 -9.74 37.19 26.54
C ALA F 334 -8.37 37.73 26.16
N SER F 335 -7.71 38.39 27.11
CA SER F 335 -6.46 39.08 26.85
C SER F 335 -5.43 38.66 27.90
N ASP F 336 -4.26 38.23 27.44
CA ASP F 336 -3.16 37.90 28.33
C ASP F 336 -1.90 37.73 27.51
N ALA F 337 -0.74 37.89 28.17
CA ALA F 337 0.53 37.64 27.51
C ALA F 337 0.67 36.20 27.05
N ALA F 338 -0.04 35.26 27.68
CA ALA F 338 -0.02 33.86 27.27
C ALA F 338 -0.50 33.67 25.83
N TRP F 339 -1.46 34.47 25.37
CA TRP F 339 -1.96 34.37 24.01
C TRP F 339 -0.85 34.50 22.96
N GLU F 340 0.19 35.27 23.25
CA GLU F 340 1.34 35.37 22.38
C GLU F 340 2.50 34.49 22.80
N VAL F 341 2.67 34.24 24.10
CA VAL F 341 3.75 33.39 24.57
C VAL F 341 3.58 31.96 24.08
N TYR F 342 2.37 31.41 24.18
CA TYR F 342 2.07 30.07 23.71
C TYR F 342 1.64 30.06 22.25
N ARG F 343 1.92 31.16 21.55
CA ARG F 343 1.66 31.25 20.09
C ARG F 343 0.22 30.87 19.73
N LEU F 344 -0.76 31.35 20.50
CA LEU F 344 -2.18 31.14 20.11
C LEU F 344 -2.52 32.20 19.06
N SER F 345 -1.69 33.24 18.93
CA SER F 345 -1.87 34.30 17.90
C SER F 345 -1.45 33.76 16.53
N ASP F 346 -0.68 32.67 16.50
CA ASP F 346 -0.16 32.12 15.21
C ASP F 346 -1.24 31.29 14.49
N ILE F 347 -2.50 31.39 14.91
CA ILE F 347 -3.60 30.71 14.18
C ILE F 347 -3.73 31.40 12.80
N ILE F 348 -3.10 32.57 12.63
CA ILE F 348 -3.12 33.20 11.32
C ILE F 348 -2.32 32.40 10.31
N TYR F 349 -1.33 31.62 10.79
CA TYR F 349 -0.57 30.73 9.92
C TYR F 349 -1.28 29.42 9.63
N ASP F 350 -2.32 29.10 10.40
CA ASP F 350 -2.97 27.80 10.29
C ASP F 350 -3.88 27.73 9.06
N PRO F 351 -4.03 26.55 8.47
CA PRO F 351 -4.97 26.37 7.35
C PRO F 351 -6.41 26.16 7.78
N ASP F 352 -6.73 26.32 9.06
CA ASP F 352 -8.11 26.17 9.53
C ASP F 352 -8.28 27.14 10.70
N SER F 353 -8.79 28.33 10.42
CA SER F 353 -8.93 29.38 11.43
C SER F 353 -10.26 29.22 12.17
N ARG F 354 -10.32 28.16 12.97
CA ARG F 354 -11.45 27.91 13.85
C ARG F 354 -10.93 27.61 15.24
N PHE F 355 -11.62 28.15 16.25
CA PHE F 355 -11.24 27.95 17.63
C PHE F 355 -12.30 27.13 18.35
N ALA F 356 -11.89 26.52 19.45
CA ALA F 356 -12.82 25.87 20.36
C ALA F 356 -12.34 26.11 21.79
N GLY F 357 -13.28 26.03 22.73
CA GLY F 357 -12.91 26.28 24.11
C GLY F 357 -14.03 25.87 25.04
N LEU F 358 -13.82 26.14 26.32
CA LEU F 358 -14.80 25.87 27.37
C LEU F 358 -15.09 27.15 28.12
N LEU F 359 -16.38 27.42 28.32
CA LEU F 359 -16.83 28.53 29.17
C LEU F 359 -17.35 27.96 30.47
N PHE F 360 -16.89 28.52 31.58
CA PHE F 360 -17.31 28.10 32.91
C PHE F 360 -18.20 29.19 33.50
N PHE F 361 -19.45 28.83 33.79
CA PHE F 361 -20.43 29.75 34.34
C PHE F 361 -20.67 29.41 35.80
N PHE F 362 -20.63 30.41 36.66
CA PHE F 362 -20.78 30.23 38.10
C PHE F 362 -21.99 31.02 38.60
N ASP F 363 -22.76 30.41 39.49
CA ASP F 363 -23.87 31.07 40.14
C ASP F 363 -23.45 31.57 41.53
N ALA F 364 -24.41 32.15 42.25
CA ALA F 364 -24.10 32.72 43.56
C ALA F 364 -23.63 31.67 44.55
N THR F 365 -24.32 30.51 44.58
CA THR F 365 -23.96 29.46 45.54
C THR F 365 -22.61 28.84 45.25
N GLY F 366 -22.07 29.00 44.05
CA GLY F 366 -20.74 28.52 43.72
C GLY F 366 -20.70 27.34 42.77
N ASN F 367 -21.82 26.64 42.57
CA ASN F 367 -21.82 25.52 41.63
C ASN F 367 -21.66 26.03 40.21
N ARG F 368 -20.91 25.29 39.40
CA ARG F 368 -20.46 25.77 38.11
C ARG F 368 -21.03 24.94 36.98
N GLN F 369 -21.10 25.55 35.80
CA GLN F 369 -21.58 24.92 34.58
C GLN F 369 -20.51 25.04 33.50
N VAL F 370 -20.29 23.96 32.77
CA VAL F 370 -19.30 23.92 31.69
C VAL F 370 -20.05 23.85 30.37
N VAL F 371 -19.81 24.84 29.51
CA VAL F 371 -20.38 24.85 28.17
C VAL F 371 -19.23 24.99 27.18
N GLN F 372 -19.39 24.33 26.04
CA GLN F 372 -18.35 24.30 25.00
C GLN F 372 -18.77 25.19 23.85
N ILE F 373 -17.82 25.98 23.35
CA ILE F 373 -18.06 26.90 22.24
C ILE F 373 -17.01 26.64 21.17
N ASP F 374 -17.42 26.78 19.91
CA ASP F 374 -16.51 26.69 18.78
C ASP F 374 -17.07 27.51 17.64
N ALA F 375 -16.20 28.27 16.97
CA ALA F 375 -16.61 29.16 15.90
C ALA F 375 -15.39 29.52 15.08
N PRO F 376 -15.58 30.03 13.86
CA PRO F 376 -14.44 30.58 13.12
C PRO F 376 -13.83 31.77 13.85
N LEU F 377 -12.52 31.89 13.75
CA LEU F 377 -11.77 32.97 14.39
C LEU F 377 -11.20 33.85 13.29
N ILE F 378 -11.74 35.06 13.17
CA ILE F 378 -11.44 35.95 12.06
C ILE F 378 -10.38 36.95 12.49
N PRO F 379 -9.21 36.97 11.87
CA PRO F 379 -8.22 38.01 12.21
C PRO F 379 -8.68 39.39 11.78
N SER F 380 -8.24 40.40 12.52
CA SER F 380 -8.48 41.79 12.20
C SER F 380 -7.15 42.50 12.14
N PHE F 381 -6.93 43.28 11.08
CA PHE F 381 -5.63 43.91 10.84
C PHE F 381 -5.68 45.43 10.96
N MET F 382 -6.76 46.06 10.54
CA MET F 382 -6.91 47.50 10.72
C MET F 382 -7.92 47.81 11.83
N ALA G 1 60.80 2.15 -3.56
CA ALA G 1 59.95 1.03 -3.19
C ALA G 1 60.09 0.70 -1.72
N VAL G 2 60.25 -0.58 -1.41
CA VAL G 2 60.50 -1.03 -0.05
C VAL G 2 61.95 -1.50 0.02
N ARG G 3 62.56 -1.32 1.20
CA ARG G 3 63.97 -1.63 1.37
C ARG G 3 64.25 -3.12 1.27
N SER G 4 63.52 -3.92 2.03
CA SER G 4 63.79 -5.36 2.11
C SER G 4 62.50 -6.13 2.37
N HIS G 5 62.64 -7.44 2.53
CA HIS G 5 61.51 -8.30 2.85
C HIS G 5 60.91 -7.95 4.21
N ALA G 6 61.75 -7.66 5.20
CA ALA G 6 61.24 -7.37 6.54
C ALA G 6 60.44 -6.06 6.55
N GLU G 7 60.97 -5.02 5.90
CA GLU G 7 60.26 -3.75 5.87
C GLU G 7 58.95 -3.87 5.11
N ALA G 8 58.92 -4.70 4.07
CA ALA G 8 57.67 -4.96 3.37
C ALA G 8 56.66 -5.62 4.29
N VAL G 9 57.11 -6.56 5.14
CA VAL G 9 56.20 -7.22 6.08
C VAL G 9 55.66 -6.22 7.09
N GLN G 10 56.54 -5.35 7.61
CA GLN G 10 56.10 -4.34 8.58
C GLN G 10 55.09 -3.38 7.95
N VAL G 11 55.37 -2.94 6.71
CA VAL G 11 54.46 -2.05 6.01
C VAL G 11 53.11 -2.74 5.79
N SER G 12 53.14 -4.02 5.42
CA SER G 12 51.91 -4.76 5.21
C SER G 12 51.12 -4.89 6.51
N ARG G 13 51.80 -5.10 7.64
CA ARG G 13 51.11 -5.20 8.92
C ARG G 13 50.47 -3.86 9.31
N THR G 14 51.19 -2.76 9.10
CA THR G 14 50.63 -1.44 9.38
C THR G 14 49.41 -1.17 8.51
N ILE G 15 49.51 -1.50 7.22
CA ILE G 15 48.38 -1.38 6.31
C ILE G 15 47.22 -2.24 6.78
N ASP G 16 47.53 -3.44 7.27
CA ASP G 16 46.49 -4.34 7.77
C ASP G 16 45.71 -3.69 8.90
N TRP G 17 46.42 -3.14 9.89
CA TRP G 17 45.73 -2.52 11.02
C TRP G 17 44.93 -1.29 10.59
N MET G 18 45.52 -0.44 9.75
CA MET G 18 44.81 0.77 9.33
C MET G 18 43.57 0.43 8.51
N ALA G 19 43.69 -0.52 7.58
CA ALA G 19 42.56 -0.89 6.75
C ALA G 19 41.51 -1.64 7.55
N LEU G 20 41.91 -2.40 8.57
CA LEU G 20 40.95 -3.00 9.46
C LEU G 20 40.17 -1.94 10.21
N PHE G 21 40.85 -0.89 10.67
CA PHE G 21 40.15 0.23 11.29
C PHE G 21 39.15 0.86 10.33
N VAL G 22 39.57 1.10 9.09
CA VAL G 22 38.70 1.76 8.12
C VAL G 22 37.48 0.91 7.83
N VAL G 23 37.70 -0.38 7.52
CA VAL G 23 36.59 -1.30 7.26
C VAL G 23 35.66 -1.35 8.46
N PHE G 24 36.21 -1.54 9.66
CA PHE G 24 35.38 -1.74 10.83
C PHE G 24 34.50 -0.53 11.09
N PHE G 25 35.08 0.68 11.01
CA PHE G 25 34.27 1.82 11.43
C PHE G 25 33.37 2.35 10.33
N VAL G 26 33.76 2.22 9.06
CA VAL G 26 32.79 2.53 8.01
C VAL G 26 31.61 1.55 8.08
N ILE G 27 31.89 0.27 8.32
CA ILE G 27 30.82 -0.70 8.51
C ILE G 27 29.98 -0.34 9.73
N VAL G 28 30.63 0.08 10.83
CA VAL G 28 29.87 0.46 12.01
C VAL G 28 28.89 1.56 11.66
N GLY G 29 29.36 2.62 11.02
CA GLY G 29 28.47 3.74 10.70
C GLY G 29 27.33 3.32 9.80
N SER G 30 27.65 2.70 8.66
CA SER G 30 26.61 2.37 7.69
C SER G 30 25.65 1.31 8.22
N TYR G 31 26.19 0.24 8.79
CA TYR G 31 25.37 -0.84 9.32
C TYR G 31 24.50 -0.35 10.48
N HIS G 32 25.04 0.51 11.34
CA HIS G 32 24.25 1.03 12.45
C HIS G 32 23.12 1.91 11.95
N ILE G 33 23.39 2.77 10.96
CA ILE G 33 22.31 3.56 10.37
C ILE G 33 21.22 2.63 9.84
N HIS G 34 21.61 1.61 9.07
CA HIS G 34 20.63 0.71 8.46
C HIS G 34 19.85 -0.04 9.52
N ALA G 35 20.53 -0.56 10.54
CA ALA G 35 19.88 -1.35 11.57
C ALA G 35 18.93 -0.49 12.40
N MET G 36 19.43 0.64 12.92
CA MET G 36 18.61 1.48 13.77
C MET G 36 17.44 2.10 13.03
N LEU G 37 17.51 2.24 11.70
CA LEU G 37 16.37 2.73 10.96
C LEU G 37 15.56 1.62 10.29
N THR G 38 15.95 0.35 10.50
CA THR G 38 15.13 -0.76 10.06
C THR G 38 14.71 -1.71 11.18
N MET G 39 15.43 -1.74 12.29
CA MET G 39 14.99 -2.52 13.45
C MET G 39 15.20 -1.80 14.78
N GLY G 40 15.48 -0.49 14.77
CA GLY G 40 15.94 0.17 15.99
C GLY G 40 14.93 0.16 17.11
N ASP G 41 13.66 0.38 16.78
CA ASP G 41 12.64 0.52 17.82
C ASP G 41 12.50 -0.75 18.64
N TRP G 42 12.49 -1.92 17.99
CA TRP G 42 12.50 -3.17 18.73
C TRP G 42 13.79 -3.34 19.51
N ASP G 43 14.92 -2.97 18.93
CA ASP G 43 16.20 -3.08 19.60
C ASP G 43 16.35 -2.13 20.78
N PHE G 44 15.57 -1.05 20.82
CA PHE G 44 15.69 -0.05 21.88
C PHE G 44 15.06 -0.51 23.19
N TRP G 45 13.97 -1.27 23.15
CA TRP G 45 13.12 -1.45 24.32
C TRP G 45 12.85 -2.92 24.60
N SER G 46 13.08 -3.31 25.86
CA SER G 46 12.79 -4.67 26.29
C SER G 46 11.30 -4.98 26.17
N ASP G 47 10.44 -3.98 26.36
CA ASP G 47 9.01 -4.20 26.16
C ASP G 47 8.62 -4.19 24.70
N TRP G 48 9.56 -3.90 23.79
CA TRP G 48 9.37 -4.14 22.38
C TRP G 48 9.94 -5.49 21.93
N LYS G 49 10.83 -6.09 22.72
CA LYS G 49 11.39 -7.39 22.36
C LYS G 49 10.33 -8.48 22.53
N ASP G 50 9.46 -8.61 21.52
CA ASP G 50 8.36 -9.55 21.55
C ASP G 50 8.71 -10.82 20.78
N ARG G 51 7.74 -11.73 20.65
CA ARG G 51 7.96 -13.00 19.96
C ARG G 51 7.60 -12.96 18.48
N ARG G 52 6.77 -12.02 18.04
CA ARG G 52 6.36 -11.98 16.64
C ARG G 52 7.18 -10.99 15.82
N LEU G 53 7.09 -9.69 16.14
CA LEU G 53 7.66 -8.68 15.25
C LEU G 53 9.17 -8.58 15.42
N TRP G 54 9.65 -8.59 16.66
CA TRP G 54 11.09 -8.53 16.89
C TRP G 54 11.80 -9.71 16.24
N VAL G 55 11.33 -10.92 16.55
CA VAL G 55 11.91 -12.15 16.00
C VAL G 55 11.81 -12.17 14.48
N THR G 56 10.70 -11.69 13.93
CA THR G 56 10.55 -11.67 12.48
C THR G 56 11.52 -10.68 11.85
N VAL G 57 11.40 -9.40 12.21
CA VAL G 57 12.08 -8.33 11.50
C VAL G 57 13.60 -8.34 11.70
N THR G 58 14.08 -8.52 12.93
CA THR G 58 15.49 -8.23 13.19
C THR G 58 16.46 -9.04 12.32
N PRO G 59 16.39 -10.37 12.25
CA PRO G 59 17.35 -11.09 11.38
C PRO G 59 17.22 -10.72 9.91
N ILE G 60 16.00 -10.47 9.45
CA ILE G 60 15.78 -10.18 8.03
C ILE G 60 16.54 -8.93 7.61
N VAL G 61 16.35 -7.84 8.35
CA VAL G 61 17.01 -6.57 8.02
C VAL G 61 18.46 -6.53 8.46
N LEU G 62 18.89 -7.42 9.36
CA LEU G 62 20.26 -7.42 9.83
C LEU G 62 21.17 -8.34 9.02
N VAL G 63 20.64 -9.25 8.23
CA VAL G 63 21.49 -10.08 7.36
C VAL G 63 22.05 -9.32 6.18
N THR G 64 21.59 -8.08 5.94
CA THR G 64 21.98 -7.33 4.76
C THR G 64 23.49 -7.14 4.66
N PHE G 65 24.05 -6.38 5.60
CA PHE G 65 25.48 -6.06 5.55
C PHE G 65 26.37 -7.29 5.66
N PRO G 66 26.09 -8.27 6.53
CA PRO G 66 26.92 -9.49 6.53
C PRO G 66 27.02 -10.16 5.17
N ALA G 67 25.93 -10.21 4.40
CA ALA G 67 25.98 -10.85 3.09
C ALA G 67 26.95 -10.13 2.16
N ALA G 68 26.84 -8.80 2.08
CA ALA G 68 27.69 -8.02 1.18
C ALA G 68 29.15 -8.10 1.61
N VAL G 69 29.41 -7.89 2.90
CA VAL G 69 30.79 -7.89 3.39
C VAL G 69 31.40 -9.27 3.25
N GLN G 70 30.60 -10.32 3.42
CA GLN G 70 31.08 -11.68 3.16
C GLN G 70 31.44 -11.86 1.70
N SER G 71 30.53 -11.46 0.80
CA SER G 71 30.76 -11.61 -0.63
C SER G 71 32.02 -10.88 -1.07
N TYR G 72 32.41 -9.84 -0.34
CA TYR G 72 33.67 -9.16 -0.68
C TYR G 72 34.87 -9.82 0.00
N LEU G 73 34.82 -9.94 1.32
CA LEU G 73 35.99 -10.37 2.08
C LEU G 73 36.37 -11.81 1.74
N TRP G 74 35.40 -12.73 1.75
CA TRP G 74 35.73 -14.11 1.43
C TRP G 74 36.26 -14.23 0.01
N GLU G 75 35.57 -13.61 -0.95
CA GLU G 75 35.95 -13.72 -2.34
C GLU G 75 37.34 -13.16 -2.61
N ARG G 76 37.70 -12.05 -1.97
CA ARG G 76 38.94 -11.37 -2.33
C ARG G 76 40.12 -11.71 -1.43
N TYR G 77 39.88 -12.18 -0.20
CA TYR G 77 40.98 -12.44 0.73
C TYR G 77 40.86 -13.79 1.45
N ARG G 78 39.79 -14.55 1.23
CA ARG G 78 39.52 -15.75 2.02
C ARG G 78 39.51 -15.45 3.52
N LEU G 79 38.92 -14.31 3.88
CA LEU G 79 38.75 -13.92 5.27
C LEU G 79 37.31 -14.22 5.68
N PRO G 80 37.06 -15.26 6.47
CA PRO G 80 35.70 -15.69 6.80
C PRO G 80 35.12 -15.03 8.05
N TRP G 81 35.20 -13.70 8.13
CA TRP G 81 34.59 -13.02 9.27
C TRP G 81 33.87 -11.75 8.88
N GLY G 82 33.32 -11.68 7.67
CA GLY G 82 32.54 -10.51 7.29
C GLY G 82 31.29 -10.35 8.14
N ALA G 83 30.54 -11.44 8.32
CA ALA G 83 29.35 -11.38 9.16
C ALA G 83 29.70 -11.05 10.60
N THR G 84 30.77 -11.67 11.11
CA THR G 84 31.17 -11.41 12.49
C THR G 84 31.60 -9.98 12.70
N VAL G 85 32.36 -9.41 11.76
CA VAL G 85 32.82 -8.04 11.93
C VAL G 85 31.64 -7.07 11.81
N CYS G 86 30.69 -7.35 10.90
CA CYS G 86 29.50 -6.51 10.81
C CYS G 86 28.72 -6.53 12.12
N VAL G 87 28.49 -7.73 12.66
CA VAL G 87 27.68 -7.85 13.87
C VAL G 87 28.39 -7.23 15.06
N LEU G 88 29.71 -7.44 15.16
CA LEU G 88 30.46 -6.85 16.26
C LEU G 88 30.45 -5.34 16.18
N GLY G 89 30.60 -4.77 14.98
CA GLY G 89 30.54 -3.33 14.85
C GLY G 89 29.18 -2.76 15.20
N LEU G 90 28.12 -3.43 14.74
CA LEU G 90 26.77 -2.99 15.09
C LEU G 90 26.57 -3.04 16.60
N LEU G 91 27.00 -4.13 17.23
CA LEU G 91 26.84 -4.26 18.68
C LEU G 91 27.64 -3.22 19.43
N LEU G 92 28.86 -2.91 18.95
CA LEU G 92 29.68 -1.91 19.61
C LEU G 92 29.04 -0.53 19.52
N GLY G 93 28.59 -0.14 18.32
CA GLY G 93 27.92 1.14 18.19
C GLY G 93 26.65 1.22 19.03
N GLU G 94 25.85 0.16 19.00
CA GLU G 94 24.61 0.13 19.75
C GLU G 94 24.87 0.25 21.25
N TRP G 95 25.84 -0.52 21.75
CA TRP G 95 26.15 -0.49 23.18
C TRP G 95 26.73 0.85 23.61
N ILE G 96 27.59 1.44 22.77
CA ILE G 96 28.13 2.76 23.10
C ILE G 96 27.00 3.77 23.23
N ASN G 97 26.07 3.78 22.26
CA ASN G 97 24.95 4.70 22.36
C ASN G 97 24.04 4.40 23.54
N ARG G 98 23.76 3.11 23.80
CA ARG G 98 22.92 2.76 24.94
C ARG G 98 23.52 3.26 26.25
N TYR G 99 24.81 3.05 26.44
CA TYR G 99 25.44 3.39 27.70
C TYR G 99 25.65 4.89 27.86
N PHE G 100 26.07 5.59 26.81
CA PHE G 100 26.45 6.98 26.98
C PHE G 100 25.31 7.95 26.67
N ASN G 101 24.28 7.51 25.96
CA ASN G 101 23.16 8.37 25.59
C ASN G 101 21.85 7.90 26.20
N PHE G 102 21.45 6.65 25.95
CA PHE G 102 20.22 6.13 26.54
C PHE G 102 20.29 6.13 28.06
N TRP G 103 21.41 5.66 28.62
CA TRP G 103 21.63 5.70 30.05
C TRP G 103 22.47 6.88 30.49
N GLY G 104 23.35 7.39 29.64
CA GLY G 104 24.14 8.55 29.99
C GLY G 104 23.39 9.87 29.86
N TRP G 105 22.99 10.23 28.64
CA TRP G 105 22.25 11.47 28.43
C TRP G 105 20.89 11.43 29.13
N THR G 106 19.99 10.59 28.63
CA THR G 106 18.79 10.25 29.36
C THR G 106 19.15 9.20 30.40
N TYR G 107 18.22 8.91 31.30
CA TYR G 107 18.60 8.00 32.37
C TYR G 107 17.75 6.74 32.37
N PHE G 108 17.52 6.17 31.20
CA PHE G 108 16.88 4.87 31.05
C PHE G 108 17.83 3.78 31.52
N PRO G 109 17.35 2.82 32.31
CA PRO G 109 18.24 1.75 32.76
C PRO G 109 18.71 0.85 31.63
N ILE G 110 19.92 0.31 31.81
CA ILE G 110 20.52 -0.56 30.81
C ILE G 110 19.67 -1.83 30.64
N ASN G 111 19.13 -2.36 31.73
CA ASN G 111 18.27 -3.53 31.63
C ASN G 111 16.97 -3.23 30.89
N PHE G 112 16.68 -1.96 30.62
CA PHE G 112 15.56 -1.55 29.80
C PHE G 112 15.96 -1.27 28.35
N VAL G 113 17.17 -0.75 28.13
CA VAL G 113 17.56 -0.30 26.79
C VAL G 113 18.69 -1.15 26.19
N PHE G 114 18.88 -2.38 26.68
CA PHE G 114 19.92 -3.23 26.13
C PHE G 114 19.60 -3.63 24.68
N PRO G 115 20.63 -3.82 23.86
CA PRO G 115 20.41 -4.31 22.49
C PRO G 115 20.29 -5.84 22.45
N ALA G 116 19.91 -6.34 21.28
CA ALA G 116 19.80 -7.77 21.05
C ALA G 116 21.17 -8.38 20.72
N SER G 117 21.27 -9.69 20.90
CA SER G 117 22.49 -10.43 20.62
C SER G 117 22.41 -11.05 19.22
N LEU G 118 23.52 -10.96 18.48
CA LEU G 118 23.55 -11.40 17.08
C LEU G 118 24.79 -12.24 16.75
N VAL G 119 25.74 -12.33 17.69
CA VAL G 119 26.99 -13.06 17.42
C VAL G 119 26.75 -14.52 17.04
N PRO G 120 25.83 -15.25 17.67
CA PRO G 120 25.61 -16.65 17.22
C PRO G 120 25.22 -16.74 15.75
N GLY G 121 24.28 -15.91 15.29
CA GLY G 121 23.94 -15.91 13.88
C GLY G 121 25.11 -15.53 12.99
N ALA G 122 25.90 -14.53 13.42
CA ALA G 122 27.05 -14.14 12.62
C ALA G 122 28.07 -15.28 12.51
N ILE G 123 28.30 -15.99 13.62
CA ILE G 123 29.25 -17.09 13.62
C ILE G 123 28.76 -18.21 12.71
N ILE G 124 27.46 -18.51 12.77
CA ILE G 124 26.91 -19.52 11.88
C ILE G 124 27.10 -19.11 10.43
N LEU G 125 26.78 -17.86 10.10
CA LEU G 125 26.91 -17.39 8.72
C LEU G 125 28.35 -17.48 8.24
N ASP G 126 29.31 -17.14 9.10
CA ASP G 126 30.72 -17.14 8.70
C ASP G 126 31.26 -18.55 8.54
N THR G 127 30.95 -19.45 9.49
CA THR G 127 31.48 -20.80 9.43
C THR G 127 30.86 -21.58 8.27
N VAL G 128 29.55 -21.43 8.07
CA VAL G 128 28.89 -22.07 6.94
C VAL G 128 29.40 -21.55 5.61
N LEU G 129 29.89 -20.31 5.55
CA LEU G 129 30.53 -19.84 4.33
C LEU G 129 31.93 -20.43 4.16
N MET G 130 32.74 -20.43 5.22
CA MET G 130 34.13 -20.88 5.07
C MET G 130 34.15 -22.36 4.71
N LEU G 131 33.46 -23.18 5.49
CA LEU G 131 33.22 -24.57 5.10
C LEU G 131 32.25 -24.58 3.94
N SER G 132 32.50 -25.41 2.93
CA SER G 132 31.60 -25.45 1.78
C SER G 132 31.47 -24.07 1.15
N GLY G 133 32.56 -23.59 0.53
CA GLY G 133 32.66 -22.17 0.18
C GLY G 133 31.52 -21.65 -0.69
N SER G 134 30.58 -22.51 -1.04
CA SER G 134 29.46 -22.11 -1.89
C SER G 134 28.64 -20.98 -1.27
N TYR G 135 28.56 -19.86 -1.99
CA TYR G 135 27.71 -18.75 -1.56
C TYR G 135 26.25 -19.13 -1.59
N LEU G 136 25.82 -19.96 -2.55
CA LEU G 136 24.44 -20.43 -2.56
C LEU G 136 24.14 -21.29 -1.33
N PHE G 137 25.06 -22.19 -0.99
CA PHE G 137 24.87 -23.00 0.21
C PHE G 137 24.82 -22.12 1.45
N THR G 138 25.67 -21.09 1.50
CA THR G 138 25.60 -20.15 2.61
C THR G 138 24.24 -19.47 2.67
N ALA G 139 23.81 -18.89 1.56
CA ALA G 139 22.52 -18.19 1.52
C ALA G 139 21.36 -19.09 1.93
N ILE G 140 21.45 -20.38 1.64
CA ILE G 140 20.35 -21.28 1.98
C ILE G 140 20.43 -21.77 3.43
N VAL G 141 21.58 -22.31 3.85
CA VAL G 141 21.69 -22.98 5.13
C VAL G 141 22.11 -22.00 6.23
N GLY G 142 23.17 -21.23 5.97
CA GLY G 142 23.67 -20.32 6.99
C GLY G 142 22.67 -19.21 7.31
N ALA G 143 21.99 -18.69 6.29
CA ALA G 143 20.96 -17.68 6.55
C ALA G 143 19.76 -18.28 7.27
N MET G 144 19.41 -19.53 6.95
CA MET G 144 18.41 -20.26 7.73
C MET G 144 18.80 -20.29 9.20
N GLY G 145 20.03 -20.68 9.48
CA GLY G 145 20.49 -20.74 10.86
C GLY G 145 20.54 -19.39 11.53
N TRP G 146 20.96 -18.36 10.78
CA TRP G 146 20.99 -17.00 11.29
C TRP G 146 19.60 -16.54 11.71
N GLY G 147 18.59 -16.82 10.88
CA GLY G 147 17.23 -16.48 11.24
C GLY G 147 16.71 -17.29 12.41
N LEU G 148 17.04 -18.58 12.45
CA LEU G 148 16.44 -19.48 13.45
C LEU G 148 17.06 -19.30 14.83
N ILE G 149 18.35 -18.97 14.91
CA ILE G 149 19.03 -18.92 16.20
C ILE G 149 18.88 -17.59 16.91
N PHE G 150 18.22 -16.60 16.29
CA PHE G 150 18.12 -15.28 16.88
C PHE G 150 17.41 -15.32 18.23
N TYR G 151 16.16 -15.78 18.24
CA TYR G 151 15.40 -15.82 19.49
C TYR G 151 16.00 -16.73 20.54
N PRO G 152 16.40 -17.97 20.25
CA PRO G 152 17.08 -18.77 21.28
C PRO G 152 18.36 -18.13 21.79
N GLY G 153 19.09 -17.42 20.93
CA GLY G 153 20.28 -16.73 21.38
C GLY G 153 20.01 -15.62 22.37
N ASN G 154 18.89 -14.92 22.22
CA ASN G 154 18.52 -13.83 23.11
C ASN G 154 17.66 -14.27 24.28
N TRP G 155 17.17 -15.51 24.28
CA TRP G 155 16.32 -15.96 25.38
C TRP G 155 16.98 -15.89 26.75
N PRO G 156 18.25 -16.26 26.94
CA PRO G 156 18.84 -16.11 28.29
C PRO G 156 18.82 -14.68 28.80
N ILE G 157 18.84 -13.69 27.91
CA ILE G 157 18.85 -12.29 28.36
C ILE G 157 17.44 -11.84 28.73
N ILE G 158 16.45 -12.14 27.88
CA ILE G 158 15.11 -11.57 28.06
C ILE G 158 14.18 -12.45 28.89
N ALA G 159 14.53 -13.71 29.13
CA ALA G 159 13.70 -14.62 29.91
C ALA G 159 13.42 -14.08 31.32
N PRO G 160 14.41 -13.56 32.06
CA PRO G 160 14.09 -12.99 33.38
C PRO G 160 13.12 -11.82 33.32
N LEU G 161 13.04 -11.11 32.20
CA LEU G 161 12.13 -9.99 32.04
C LEU G 161 10.70 -10.43 31.71
N HIS G 162 10.48 -11.73 31.49
CA HIS G 162 9.16 -12.24 31.15
C HIS G 162 8.49 -12.93 32.33
N VAL G 163 9.05 -12.79 33.53
CA VAL G 163 8.41 -13.33 34.73
C VAL G 163 7.10 -12.58 34.97
N PRO G 164 5.99 -13.27 35.15
CA PRO G 164 4.71 -12.57 35.32
C PRO G 164 4.64 -11.83 36.64
N VAL G 165 4.00 -10.67 36.62
CA VAL G 165 3.82 -9.84 37.81
C VAL G 165 2.37 -9.39 37.87
N GLU G 166 1.80 -9.44 39.07
CA GLU G 166 0.46 -8.92 39.32
C GLU G 166 0.60 -7.44 39.66
N TYR G 167 0.34 -6.57 38.69
CA TYR G 167 0.63 -5.14 38.81
C TYR G 167 -0.69 -4.37 38.83
N ASN G 168 -1.12 -3.96 40.02
CA ASN G 168 -2.29 -3.10 40.21
C ASN G 168 -3.54 -3.66 39.52
N GLY G 169 -3.76 -4.97 39.70
CA GLY G 169 -4.94 -5.62 39.19
C GLY G 169 -4.80 -6.20 37.80
N MET G 170 -3.73 -5.90 37.08
CA MET G 170 -3.52 -6.37 35.72
C MET G 170 -2.26 -7.21 35.65
N LEU G 171 -2.29 -8.24 34.80
CA LEU G 171 -1.12 -9.08 34.60
C LEU G 171 -0.15 -8.38 33.67
N MET G 172 1.12 -8.28 34.08
CA MET G 172 2.15 -7.64 33.29
C MET G 172 3.45 -8.38 33.46
N SER G 173 4.22 -8.47 32.39
CA SER G 173 5.58 -8.97 32.49
C SER G 173 6.49 -7.87 33.04
N ILE G 174 7.69 -8.27 33.44
CA ILE G 174 8.65 -7.30 33.98
C ILE G 174 9.03 -6.27 32.91
N ALA G 175 9.19 -6.72 31.66
CA ALA G 175 9.45 -5.77 30.58
C ALA G 175 8.28 -4.83 30.37
N ASP G 176 7.05 -5.33 30.50
CA ASP G 176 5.88 -4.47 30.42
C ASP G 176 5.90 -3.40 31.50
N ILE G 177 6.26 -3.78 32.73
CA ILE G 177 6.34 -2.81 33.81
C ILE G 177 7.46 -1.81 33.57
N GLN G 178 8.58 -2.27 33.00
CA GLN G 178 9.65 -1.35 32.65
C GLN G 178 9.18 -0.29 31.67
N GLY G 179 8.51 -0.73 30.59
CA GLY G 179 7.98 0.21 29.63
C GLY G 179 6.93 1.14 30.21
N TYR G 180 6.12 0.63 31.14
CA TYR G 180 5.12 1.46 31.79
C TYR G 180 5.74 2.51 32.69
N ASN G 181 6.69 2.10 33.54
CA ASN G 181 7.28 2.97 34.55
C ASN G 181 8.19 4.02 33.92
N TYR G 182 9.15 3.57 33.10
CA TYR G 182 10.14 4.50 32.57
C TYR G 182 9.56 5.21 31.36
N VAL G 183 9.01 6.41 31.60
CA VAL G 183 8.17 7.09 30.63
C VAL G 183 8.99 7.47 29.41
N ARG G 184 8.50 7.08 28.23
CA ARG G 184 9.03 7.53 26.95
C ARG G 184 8.00 8.50 26.38
N THR G 185 8.27 9.80 26.53
CA THR G 185 7.32 10.81 26.11
C THR G 185 7.04 10.72 24.62
N GLY G 186 8.07 10.50 23.82
CA GLY G 186 7.91 10.36 22.38
C GLY G 186 7.45 9.00 21.90
N THR G 187 7.38 8.00 22.78
CA THR G 187 7.06 6.63 22.38
C THR G 187 5.87 6.12 23.18
N PRO G 188 4.65 6.46 22.76
CA PRO G 188 3.47 5.90 23.42
C PRO G 188 3.35 4.40 23.18
N GLU G 189 2.51 3.77 24.01
CA GLU G 189 2.41 2.31 24.01
C GLU G 189 1.88 1.78 22.68
N TYR G 190 0.96 2.50 22.02
CA TYR G 190 0.36 1.96 20.82
C TYR G 190 1.36 1.84 19.67
N ILE G 191 2.43 2.63 19.67
CA ILE G 191 3.45 2.51 18.65
C ILE G 191 4.09 1.13 18.68
N ARG G 192 4.09 0.47 19.84
CA ARG G 192 4.69 -0.84 20.01
C ARG G 192 4.12 -1.85 19.04
N MET G 193 4.93 -2.30 18.08
CA MET G 193 4.52 -3.35 17.16
C MET G 193 5.01 -4.67 17.75
N VAL G 194 4.14 -5.28 18.56
CA VAL G 194 4.44 -6.53 19.24
C VAL G 194 3.28 -7.50 19.01
N GLU G 195 3.51 -8.75 19.39
CA GLU G 195 2.48 -9.76 19.27
C GLU G 195 1.28 -9.38 20.13
N LYS G 196 0.10 -9.35 19.50
CA LYS G 196 -1.13 -8.99 20.20
C LYS G 196 -2.19 -10.08 20.12
N GLY G 197 -1.88 -11.23 19.50
CA GLY G 197 -2.83 -12.30 19.36
C GLY G 197 -3.73 -12.13 18.16
N THR G 198 -4.08 -13.24 17.51
CA THR G 198 -5.03 -13.26 16.40
C THR G 198 -5.94 -14.48 16.58
N LEU G 199 -7.07 -14.47 15.87
CA LEU G 199 -7.97 -15.61 15.85
C LEU G 199 -7.41 -16.78 15.04
N ARG G 200 -6.31 -16.58 14.33
CA ARG G 200 -5.66 -17.61 13.54
C ARG G 200 -4.30 -17.96 14.11
N THR G 201 -4.09 -17.63 15.39
CA THR G 201 -2.88 -18.00 16.12
C THR G 201 -3.18 -19.35 16.80
N PHE G 202 -2.69 -20.43 16.19
CA PHE G 202 -3.01 -21.76 16.67
C PHE G 202 -1.96 -22.25 17.67
N GLY G 203 -2.40 -22.55 18.88
CA GLY G 203 -1.54 -23.12 19.90
C GLY G 203 -0.34 -22.27 20.25
N LYS G 204 0.75 -22.92 20.65
CA LYS G 204 1.97 -22.24 21.06
C LYS G 204 2.94 -22.25 19.87
N ASP G 205 2.69 -21.37 18.92
CA ASP G 205 3.48 -21.35 17.68
C ASP G 205 4.04 -19.98 17.32
N VAL G 206 3.83 -18.96 18.15
CA VAL G 206 4.15 -17.60 17.74
C VAL G 206 5.65 -17.45 17.47
N ALA G 207 6.48 -17.86 18.43
CA ALA G 207 7.92 -17.70 18.26
C ALA G 207 8.49 -18.58 17.14
N PRO G 208 8.22 -19.89 17.07
CA PRO G 208 8.80 -20.70 15.99
C PRO G 208 8.36 -20.26 14.60
N VAL G 209 7.09 -19.89 14.44
CA VAL G 209 6.61 -19.45 13.13
C VAL G 209 7.33 -18.19 12.68
N SER G 210 7.47 -17.22 13.60
CA SER G 210 8.20 -16.00 13.28
C SER G 210 9.66 -16.30 12.95
N ALA G 211 10.27 -17.23 13.70
CA ALA G 211 11.67 -17.58 13.45
C ALA G 211 11.85 -18.19 12.07
N PHE G 212 10.94 -19.09 11.67
CA PHE G 212 11.07 -19.71 10.35
C PHE G 212 10.80 -18.72 9.22
N PHE G 213 9.81 -17.83 9.41
CA PHE G 213 9.58 -16.79 8.42
C PHE G 213 10.80 -15.88 8.28
N SER G 214 11.41 -15.50 9.41
CA SER G 214 12.60 -14.69 9.38
C SER G 214 13.75 -15.42 8.70
N ALA G 215 13.88 -16.74 8.92
CA ALA G 215 14.94 -17.49 8.26
C ALA G 215 14.76 -17.52 6.75
N PHE G 216 13.52 -17.74 6.27
CA PHE G 216 13.28 -17.75 4.83
C PHE G 216 13.55 -16.38 4.22
N MET G 217 13.04 -15.32 4.84
CA MET G 217 13.29 -13.98 4.32
C MET G 217 14.76 -13.62 4.43
N SER G 218 15.47 -14.17 5.41
CA SER G 218 16.90 -13.97 5.52
C SER G 218 17.64 -14.63 4.37
N ILE G 219 17.19 -15.83 3.96
CA ILE G 219 17.74 -16.44 2.75
C ILE G 219 17.60 -15.50 1.58
N LEU G 220 16.39 -14.96 1.40
CA LEU G 220 16.15 -14.08 0.25
C LEU G 220 17.01 -12.82 0.31
N ILE G 221 17.08 -12.19 1.48
CA ILE G 221 17.82 -10.94 1.61
C ILE G 221 19.31 -11.18 1.47
N TYR G 222 19.81 -12.31 1.99
CA TYR G 222 21.22 -12.66 1.80
C TYR G 222 21.52 -12.84 0.33
N PHE G 223 20.64 -13.53 -0.39
CA PHE G 223 20.86 -13.72 -1.83
C PHE G 223 20.94 -12.38 -2.55
N MET G 224 20.02 -11.46 -2.23
CA MET G 224 20.05 -10.14 -2.86
C MET G 224 21.32 -9.37 -2.50
N TRP G 225 21.69 -9.38 -1.23
CA TRP G 225 22.78 -8.53 -0.76
C TRP G 225 24.15 -9.09 -1.09
N HIS G 226 24.26 -10.38 -1.38
CA HIS G 226 25.50 -10.91 -1.92
C HIS G 226 25.85 -10.21 -3.23
N PHE G 227 24.88 -10.09 -4.12
CA PHE G 227 25.11 -9.40 -5.39
C PHE G 227 25.21 -7.89 -5.21
N ILE G 228 24.49 -7.32 -4.23
CA ILE G 228 24.66 -5.90 -3.93
C ILE G 228 26.10 -5.62 -3.51
N GLY G 229 26.66 -6.45 -2.63
CA GLY G 229 28.05 -6.31 -2.26
C GLY G 229 29.01 -6.58 -3.40
N ARG G 230 28.65 -7.51 -4.28
CA ARG G 230 29.45 -7.72 -5.48
C ARG G 230 29.57 -6.45 -6.29
N TRP G 231 28.44 -5.75 -6.49
CA TRP G 231 28.50 -4.48 -7.19
C TRP G 231 29.33 -3.45 -6.42
N PHE G 232 29.09 -3.33 -5.12
CA PHE G 232 29.78 -2.29 -4.30
C PHE G 232 31.30 -2.49 -4.29
N SER G 233 31.76 -3.68 -4.68
CA SER G 233 33.22 -3.98 -4.71
C SER G 233 33.84 -3.47 -6.02
N ASN G 234 33.04 -3.13 -7.03
CA ASN G 234 33.54 -2.70 -8.36
C ASN G 234 34.78 -1.79 -8.24
N GLU G 235 35.82 -2.06 -9.04
CA GLU G 235 37.00 -1.22 -9.05
C GLU G 235 37.06 -0.38 -10.32
N ARG G 236 35.90 0.00 -10.84
CA ARG G 236 35.84 0.72 -12.10
C ARG G 236 36.26 2.17 -11.93
N PHE G 237 36.70 2.78 -13.03
CA PHE G 237 37.07 4.21 -12.99
C PHE G 237 36.08 4.99 -13.86
N LEU G 238 34.91 5.35 -13.30
CA LEU G 238 33.92 6.19 -14.02
C LEU G 238 34.62 7.45 -14.54
N GLN G 239 35.05 7.48 -15.81
CA GLN G 239 35.91 8.59 -16.35
C GLN G 239 35.45 10.00 -15.96
N SER G 240 34.15 10.26 -15.91
CA SER G 240 33.62 11.62 -15.61
C SER G 240 32.29 11.52 -14.86
N THR G 241 32.01 12.48 -13.98
CA THR G 241 30.77 12.41 -13.16
C THR G 241 29.73 13.39 -13.73
N LEU H 1 20.53 -51.78 -26.03
CA LEU H 1 19.61 -51.65 -24.89
C LEU H 1 19.07 -50.24 -24.80
N LEU H 2 19.95 -49.29 -24.49
CA LEU H 2 19.62 -47.86 -24.41
C LEU H 2 18.50 -47.69 -23.36
N ASP H 3 17.40 -47.03 -23.69
CA ASP H 3 16.33 -46.77 -22.72
C ASP H 3 15.74 -48.07 -22.18
N LYS H 4 15.86 -48.29 -20.88
CA LYS H 4 15.40 -49.52 -20.25
C LYS H 4 14.14 -49.25 -19.43
N LYS H 5 13.66 -50.24 -18.68
CA LYS H 5 12.39 -50.19 -17.98
C LYS H 5 12.47 -49.46 -16.65
N TRP H 6 13.56 -48.74 -16.39
CA TRP H 6 13.63 -47.90 -15.20
C TRP H 6 12.61 -46.77 -15.26
N LEU H 7 12.22 -46.36 -16.46
CA LEU H 7 11.20 -45.32 -16.62
C LEU H 7 9.85 -45.79 -16.10
N THR H 8 9.50 -47.05 -16.36
CA THR H 8 8.25 -47.61 -15.86
C THR H 8 8.22 -47.59 -14.34
N PHE H 9 9.32 -48.00 -13.71
CA PHE H 9 9.40 -47.93 -12.25
C PHE H 9 9.33 -46.49 -11.76
N ALA H 10 9.99 -45.58 -12.46
CA ALA H 10 9.99 -44.18 -12.05
C ALA H 10 8.57 -43.62 -12.02
N LEU H 11 7.78 -43.92 -13.04
CA LEU H 11 6.38 -43.50 -13.01
C LEU H 11 5.59 -44.24 -11.94
N ALA H 12 5.77 -45.56 -11.85
CA ALA H 12 4.87 -46.38 -11.06
C ALA H 12 5.06 -46.16 -9.56
N ILE H 13 6.31 -45.94 -9.12
CA ILE H 13 6.56 -45.78 -7.69
C ILE H 13 5.85 -44.54 -7.17
N TYR H 14 5.99 -43.42 -7.88
CA TYR H 14 5.30 -42.20 -7.47
C TYR H 14 3.79 -42.38 -7.56
N THR H 15 3.31 -42.97 -8.65
CA THR H 15 1.86 -43.14 -8.81
C THR H 15 1.29 -43.97 -7.67
N VAL H 16 1.91 -45.11 -7.36
CA VAL H 16 1.37 -46.01 -6.34
C VAL H 16 1.47 -45.39 -4.96
N PHE H 17 2.63 -44.81 -4.64
CA PHE H 17 2.80 -44.23 -3.31
C PHE H 17 1.82 -43.08 -3.09
N TYR H 18 1.64 -42.22 -4.08
CA TYR H 18 0.73 -41.09 -3.92
C TYR H 18 -0.73 -41.52 -3.96
N LEU H 19 -1.07 -42.58 -4.70
CA LEU H 19 -2.42 -43.11 -4.61
C LEU H 19 -2.71 -43.66 -3.22
N TRP H 20 -1.74 -44.36 -2.63
CA TRP H 20 -1.91 -44.83 -1.26
C TRP H 20 -2.01 -43.66 -0.28
N VAL H 21 -1.21 -42.61 -0.48
CA VAL H 21 -1.28 -41.43 0.38
C VAL H 21 -2.66 -40.79 0.28
N ARG H 22 -3.19 -40.68 -0.94
CA ARG H 22 -4.53 -40.13 -1.13
C ARG H 22 -5.58 -41.00 -0.45
N TRP H 23 -5.44 -42.32 -0.54
CA TRP H 23 -6.35 -43.21 0.18
C TRP H 23 -6.28 -42.99 1.69
N TYR H 24 -5.05 -42.85 2.21
CA TYR H 24 -4.83 -42.64 3.63
C TYR H 24 -5.49 -41.35 4.09
N GLU H 25 -5.31 -40.28 3.32
CA GLU H 25 -5.89 -39.00 3.74
C GLU H 25 -7.40 -38.96 3.51
N GLY H 26 -7.91 -39.74 2.55
CA GLY H 26 -9.35 -39.88 2.43
C GLY H 26 -9.96 -40.63 3.60
N VAL H 27 -9.25 -41.63 4.12
CA VAL H 27 -9.73 -42.38 5.27
C VAL H 27 -9.58 -41.62 6.59
N TYR H 28 -8.48 -40.89 6.79
CA TYR H 28 -8.17 -40.25 8.06
C TYR H 28 -8.21 -38.73 7.98
N GLY H 29 -8.87 -38.17 6.97
CA GLY H 29 -8.98 -36.73 6.89
C GLY H 29 -9.90 -36.21 7.97
N TRP H 30 -11.18 -36.54 7.85
CA TRP H 30 -12.08 -36.49 8.99
C TRP H 30 -11.76 -37.69 9.88
N SER H 31 -12.32 -37.70 11.09
CA SER H 31 -12.19 -38.88 11.92
C SER H 31 -10.73 -39.20 12.22
N ALA H 32 -10.11 -38.47 13.16
CA ALA H 32 -8.67 -38.47 13.41
C ALA H 32 -7.90 -37.69 12.34
N GLY H 33 -8.02 -36.36 12.42
CA GLY H 33 -7.42 -35.46 11.47
C GLY H 33 -8.14 -34.13 11.33
N LEU H 34 -9.29 -33.99 12.00
CA LEU H 34 -9.96 -32.71 12.07
C LEU H 34 -9.53 -31.91 13.30
N ASP H 35 -9.43 -32.59 14.44
CA ASP H 35 -9.06 -31.93 15.69
C ASP H 35 -7.59 -32.16 15.97
N SER H 36 -6.79 -31.10 15.92
CA SER H 36 -5.35 -31.20 16.06
C SER H 36 -4.91 -31.46 17.50
N PHE H 37 -5.80 -31.35 18.47
CA PHE H 37 -5.47 -31.63 19.86
C PHE H 37 -6.07 -32.94 20.36
N ALA H 38 -6.74 -33.69 19.49
CA ALA H 38 -7.25 -35.00 19.85
C ALA H 38 -6.11 -36.02 19.89
N PRO H 39 -6.19 -37.02 20.77
CA PRO H 39 -5.10 -38.02 20.82
C PRO H 39 -4.95 -38.80 19.53
N GLU H 40 -6.04 -39.09 18.81
CA GLU H 40 -5.96 -39.82 17.56
C GLU H 40 -5.25 -39.02 16.46
N PHE H 41 -5.31 -37.69 16.51
CA PHE H 41 -4.53 -36.89 15.58
C PHE H 41 -3.04 -37.14 15.74
N GLU H 42 -2.56 -37.26 16.97
CA GLU H 42 -1.16 -37.58 17.22
C GLU H 42 -0.76 -38.93 16.62
N THR H 43 -1.61 -39.95 16.74
CA THR H 43 -1.27 -41.28 16.24
C THR H 43 -1.45 -41.42 14.73
N TYR H 44 -2.25 -40.58 14.09
CA TYR H 44 -2.50 -40.76 12.67
C TYR H 44 -1.87 -39.69 11.78
N TRP H 45 -1.52 -38.52 12.29
CA TRP H 45 -0.93 -37.48 11.45
C TRP H 45 0.38 -36.92 12.01
N MET H 46 0.50 -36.74 13.32
CA MET H 46 1.79 -36.33 13.87
C MET H 46 2.82 -37.43 13.73
N ASN H 47 2.42 -38.67 13.97
CA ASN H 47 3.32 -39.80 13.73
C ASN H 47 3.67 -39.91 12.25
N PHE H 48 2.70 -39.65 11.37
CA PHE H 48 2.97 -39.61 9.94
C PHE H 48 4.02 -38.56 9.61
N LEU H 49 3.87 -37.38 10.19
CA LEU H 49 4.83 -36.29 9.96
C LEU H 49 6.23 -36.69 10.42
N TYR H 50 6.34 -37.24 11.63
CA TYR H 50 7.64 -37.63 12.15
C TYR H 50 8.29 -38.70 11.29
N THR H 51 7.53 -39.75 10.97
CA THR H 51 8.06 -40.85 10.18
C THR H 51 8.48 -40.37 8.79
N GLU H 52 7.65 -39.55 8.15
CA GLU H 52 7.96 -39.09 6.82
C GLU H 52 9.17 -38.17 6.82
N ILE H 53 9.32 -37.31 7.83
CA ILE H 53 10.49 -36.45 7.89
C ILE H 53 11.76 -37.28 8.07
N VAL H 54 11.74 -38.25 8.98
CA VAL H 54 12.90 -39.08 9.21
C VAL H 54 13.25 -39.88 7.95
N LEU H 55 12.24 -40.47 7.32
CA LEU H 55 12.49 -41.27 6.11
C LEU H 55 12.98 -40.41 4.96
N GLU H 56 12.46 -39.18 4.83
CA GLU H 56 12.93 -38.30 3.77
C GLU H 56 14.38 -37.91 3.99
N ILE H 57 14.74 -37.59 5.24
CA ILE H 57 16.13 -37.23 5.52
C ILE H 57 17.05 -38.41 5.21
N VAL H 58 16.66 -39.60 5.66
CA VAL H 58 17.49 -40.79 5.43
C VAL H 58 17.62 -41.09 3.95
N THR H 59 16.50 -41.06 3.22
CA THR H 59 16.51 -41.37 1.81
C THR H 59 17.32 -40.35 1.02
N ALA H 60 17.16 -39.06 1.33
CA ALA H 60 17.93 -38.04 0.65
C ALA H 60 19.42 -38.25 0.89
N SER H 61 19.81 -38.47 2.14
CA SER H 61 21.22 -38.67 2.45
C SER H 61 21.77 -39.87 1.70
N ILE H 62 21.07 -41.01 1.76
CA ILE H 62 21.56 -42.24 1.14
C ILE H 62 21.67 -42.08 -0.37
N LEU H 63 20.60 -41.57 -1.00
CA LEU H 63 20.57 -41.45 -2.45
C LEU H 63 21.64 -40.48 -2.95
N TRP H 64 21.68 -39.28 -2.37
CA TRP H 64 22.66 -38.29 -2.82
C TRP H 64 24.09 -38.78 -2.56
N GLY H 65 24.33 -39.39 -1.40
CA GLY H 65 25.66 -39.89 -1.10
C GLY H 65 26.09 -41.00 -2.04
N TYR H 66 25.18 -41.92 -2.36
CA TYR H 66 25.51 -42.97 -3.29
C TYR H 66 25.79 -42.42 -4.68
N LEU H 67 24.96 -41.48 -5.14
CA LEU H 67 25.18 -40.89 -6.46
C LEU H 67 26.50 -40.15 -6.53
N TRP H 68 26.86 -39.44 -5.46
CA TRP H 68 28.14 -38.73 -5.44
C TRP H 68 29.33 -39.66 -5.29
N LYS H 69 29.20 -40.74 -4.53
CA LYS H 69 30.31 -41.66 -4.32
C LYS H 69 30.57 -42.51 -5.56
N THR H 70 29.53 -42.90 -6.27
CA THR H 70 29.68 -43.66 -7.51
C THR H 70 29.87 -42.76 -8.72
N ARG H 71 30.33 -41.54 -8.52
CA ARG H 71 30.56 -40.62 -9.63
C ARG H 71 31.68 -41.14 -10.52
N ASP H 72 31.53 -40.90 -11.82
CA ASP H 72 32.50 -41.41 -12.79
C ASP H 72 33.75 -40.53 -12.78
N ARG H 73 34.86 -41.08 -12.32
CA ARG H 73 36.12 -40.36 -12.29
C ARG H 73 36.72 -40.16 -13.67
N ASN H 74 36.69 -41.19 -14.51
CA ASN H 74 37.26 -41.15 -15.85
C ASN H 74 36.16 -40.86 -16.87
N LEU H 75 35.66 -39.62 -16.85
CA LEU H 75 34.63 -39.23 -17.80
C LEU H 75 35.19 -39.10 -19.22
N ALA H 76 36.50 -38.89 -19.35
CA ALA H 76 37.09 -38.71 -20.67
C ALA H 76 36.98 -39.98 -21.50
N ALA H 77 37.22 -41.14 -20.89
CA ALA H 77 37.21 -42.42 -21.60
C ALA H 77 35.82 -43.05 -21.56
N LEU H 78 34.84 -42.27 -21.99
CA LEU H 78 33.45 -42.72 -22.05
C LEU H 78 33.03 -42.81 -23.51
N THR H 79 32.59 -43.99 -23.93
CA THR H 79 32.25 -44.20 -25.33
C THR H 79 30.94 -43.48 -25.67
N PRO H 80 30.73 -43.11 -26.93
CA PRO H 80 29.46 -42.45 -27.29
C PRO H 80 28.22 -43.29 -27.00
N ARG H 81 28.31 -44.62 -27.16
CA ARG H 81 27.15 -45.47 -26.86
C ARG H 81 26.81 -45.43 -25.37
N GLU H 82 27.83 -45.53 -24.52
CA GLU H 82 27.62 -45.43 -23.08
C GLU H 82 27.11 -44.04 -22.71
N GLU H 83 27.61 -43.01 -23.39
CA GLU H 83 27.12 -41.65 -23.14
C GLU H 83 25.65 -41.53 -23.50
N LEU H 84 25.24 -42.16 -24.61
CA LEU H 84 23.83 -42.15 -25.00
C LEU H 84 22.97 -42.87 -23.95
N ARG H 85 23.46 -44.01 -23.46
CA ARG H 85 22.73 -44.74 -22.42
C ARG H 85 22.60 -43.90 -21.14
N ARG H 86 23.68 -43.22 -20.76
CA ARG H 86 23.63 -42.37 -19.57
C ARG H 86 22.72 -41.17 -19.78
N ASN H 87 22.68 -40.65 -21.01
CA ASN H 87 21.76 -39.56 -21.32
C ASN H 87 20.32 -40.01 -21.19
N PHE H 88 20.02 -41.24 -21.64
CA PHE H 88 18.67 -41.77 -21.47
C PHE H 88 18.34 -41.97 -19.99
N THR H 89 19.30 -42.45 -19.21
CA THR H 89 19.06 -42.60 -17.77
C THR H 89 18.80 -41.24 -17.11
N HIS H 90 19.57 -40.22 -17.50
CA HIS H 90 19.33 -38.87 -16.99
C HIS H 90 17.96 -38.36 -17.42
N LEU H 91 17.52 -38.69 -18.63
CA LEU H 91 16.18 -38.31 -19.07
C LEU H 91 15.12 -39.01 -18.23
N VAL H 92 15.38 -40.26 -17.83
CA VAL H 92 14.47 -40.95 -16.92
C VAL H 92 14.43 -40.24 -15.57
N TRP H 93 15.58 -39.79 -15.09
CA TRP H 93 15.62 -39.01 -13.86
C TRP H 93 14.80 -37.73 -13.99
N LEU H 94 14.93 -37.06 -15.13
CA LEU H 94 14.16 -35.84 -15.37
C LEU H 94 12.66 -36.13 -15.45
N VAL H 95 12.29 -37.28 -16.01
CA VAL H 95 10.89 -37.67 -16.05
C VAL H 95 10.36 -37.89 -14.65
N ALA H 96 11.14 -38.57 -13.81
CA ALA H 96 10.74 -38.76 -12.42
C ALA H 96 10.61 -37.43 -11.70
N TYR H 97 11.54 -36.50 -11.97
CA TYR H 97 11.45 -35.17 -11.37
C TYR H 97 10.19 -34.44 -11.82
N ALA H 98 9.85 -34.54 -13.10
CA ALA H 98 8.63 -33.88 -13.60
C ALA H 98 7.39 -34.49 -12.96
N TRP H 99 7.35 -35.81 -12.82
CA TRP H 99 6.21 -36.48 -12.20
C TRP H 99 6.07 -36.05 -10.74
N ALA H 100 7.19 -36.03 -10.01
CA ALA H 100 7.15 -35.61 -8.61
C ALA H 100 6.77 -34.14 -8.48
N ILE H 101 7.25 -33.30 -9.40
CA ILE H 101 6.90 -31.88 -9.40
C ILE H 101 5.40 -31.72 -9.61
N TYR H 102 4.84 -32.48 -10.56
CA TYR H 102 3.40 -32.46 -10.74
C TYR H 102 2.68 -32.82 -9.45
N TRP H 103 3.04 -33.96 -8.87
CA TRP H 103 2.32 -34.44 -7.69
C TRP H 103 2.42 -33.46 -6.54
N GLY H 104 3.58 -32.83 -6.37
CA GLY H 104 3.76 -31.87 -5.30
C GLY H 104 3.09 -30.54 -5.52
N ALA H 105 3.40 -29.89 -6.65
CA ALA H 105 3.02 -28.51 -6.87
C ALA H 105 1.66 -28.33 -7.52
N SER H 106 1.01 -29.39 -8.00
CA SER H 106 -0.33 -29.24 -8.53
C SER H 106 -1.35 -29.99 -7.70
N TYR H 107 -1.21 -31.32 -7.59
CA TYR H 107 -2.21 -32.16 -6.95
C TYR H 107 -2.38 -31.79 -5.48
N PHE H 108 -1.31 -31.96 -4.70
CA PHE H 108 -1.45 -31.78 -3.26
C PHE H 108 -1.51 -30.31 -2.88
N THR H 109 -1.02 -29.42 -3.73
CA THR H 109 -1.15 -27.99 -3.44
C THR H 109 -2.60 -27.54 -3.59
N GLU H 110 -3.25 -27.90 -4.70
CA GLU H 110 -4.67 -27.53 -4.78
C GLU H 110 -5.52 -28.39 -3.86
N GLN H 111 -4.89 -29.40 -3.24
CA GLN H 111 -5.65 -30.15 -2.22
C GLN H 111 -5.54 -29.33 -0.92
N ASP H 112 -4.51 -28.49 -0.83
CA ASP H 112 -4.42 -27.57 0.33
C ASP H 112 -5.61 -26.62 0.23
N GLY H 113 -5.90 -26.15 -0.99
CA GLY H 113 -7.06 -25.27 -1.20
C GLY H 113 -8.33 -25.96 -0.76
N THR H 114 -8.69 -27.06 -1.42
CA THR H 114 -9.94 -27.77 -1.07
C THR H 114 -9.95 -28.01 0.44
N TRP H 115 -8.77 -28.10 1.05
CA TRP H 115 -8.81 -28.47 2.49
C TRP H 115 -8.99 -27.19 3.32
N HIS H 116 -8.04 -26.24 3.21
CA HIS H 116 -8.11 -25.00 4.05
C HIS H 116 -9.40 -24.22 3.78
N GLN H 117 -9.97 -24.34 2.58
CA GLN H 117 -11.15 -23.48 2.25
C GLN H 117 -12.47 -24.17 2.65
N THR H 118 -12.42 -25.29 3.36
CA THR H 118 -13.66 -26.04 3.70
C THR H 118 -13.58 -26.49 5.17
N ILE H 119 -12.38 -26.70 5.68
CA ILE H 119 -12.17 -27.12 7.10
C ILE H 119 -12.04 -25.86 7.97
N VAL H 120 -12.24 -25.99 9.28
CA VAL H 120 -12.24 -24.80 10.18
C VAL H 120 -10.81 -24.43 10.55
N ARG H 121 -9.81 -25.13 10.00
CA ARG H 121 -8.38 -24.75 10.20
C ARG H 121 -8.00 -24.97 11.68
N ASP H 122 -6.70 -25.14 12.02
CA ASP H 122 -6.38 -25.44 13.45
C ASP H 122 -4.90 -25.38 13.83
N THR H 123 -3.96 -25.85 13.00
CA THR H 123 -2.55 -25.90 13.34
C THR H 123 -1.75 -25.66 12.07
N ASP H 124 -0.44 -25.55 12.23
CA ASP H 124 0.48 -25.49 11.10
C ASP H 124 0.73 -26.87 10.50
N PHE H 125 0.19 -27.93 11.10
CA PHE H 125 0.41 -29.29 10.66
C PHE H 125 -0.90 -30.02 10.42
N THR H 126 -1.81 -29.40 9.68
CA THR H 126 -3.00 -30.09 9.23
C THR H 126 -2.61 -31.26 8.36
N PRO H 127 -3.46 -32.30 8.24
CA PRO H 127 -3.11 -33.45 7.40
C PRO H 127 -2.71 -33.04 5.99
N SER H 128 -3.34 -31.97 5.49
CA SER H 128 -2.91 -31.43 4.18
C SER H 128 -1.51 -30.83 4.33
N HIS H 129 -1.20 -30.32 5.54
CA HIS H 129 0.13 -29.70 5.80
C HIS H 129 1.18 -30.80 5.96
N ILE H 130 0.76 -32.00 6.36
CA ILE H 130 1.70 -33.14 6.49
C ILE H 130 1.94 -33.75 5.10
N ILE H 131 0.91 -33.80 4.25
CA ILE H 131 1.07 -34.48 2.97
C ILE H 131 1.77 -33.58 1.95
N GLU H 132 1.42 -32.31 1.86
CA GLU H 132 1.91 -31.44 0.78
C GLU H 132 3.26 -30.83 1.10
N PHE H 133 3.36 -30.07 2.20
CA PHE H 133 4.59 -29.37 2.52
C PHE H 133 5.72 -30.34 2.88
N TYR H 134 5.40 -31.37 3.66
CA TYR H 134 6.44 -32.19 4.27
C TYR H 134 6.56 -33.59 3.69
N LEU H 135 5.74 -33.94 2.70
CA LEU H 135 5.96 -35.20 1.99
C LEU H 135 6.26 -34.98 0.51
N SER H 136 5.34 -34.35 -0.20
CA SER H 136 5.48 -34.24 -1.65
C SER H 136 6.58 -33.25 -2.03
N TYR H 137 6.63 -32.13 -1.32
CA TYR H 137 7.70 -31.13 -1.56
C TYR H 137 9.05 -31.82 -1.39
N PRO H 138 9.34 -32.41 -0.20
CA PRO H 138 10.62 -33.08 0.03
C PRO H 138 10.89 -34.14 -1.04
N ILE H 139 9.87 -34.90 -1.42
CA ILE H 139 10.07 -35.98 -2.39
C ILE H 139 10.55 -35.41 -3.72
N TYR H 140 9.90 -34.34 -4.20
CA TYR H 140 10.33 -33.78 -5.48
C TYR H 140 11.68 -33.08 -5.33
N ILE H 141 11.97 -32.52 -4.16
CA ILE H 141 13.29 -31.94 -3.93
C ILE H 141 14.37 -33.00 -4.02
N ILE H 142 14.12 -34.16 -3.38
CA ILE H 142 15.08 -35.25 -3.43
C ILE H 142 15.28 -35.73 -4.86
N THR H 143 14.18 -35.87 -5.60
CA THR H 143 14.29 -36.33 -6.98
C THR H 143 15.06 -35.33 -7.85
N GLY H 144 14.79 -34.03 -7.67
CA GLY H 144 15.50 -33.04 -8.45
C GLY H 144 16.99 -32.98 -8.13
N PHE H 145 17.34 -33.06 -6.84
CA PHE H 145 18.74 -33.09 -6.47
C PHE H 145 19.42 -34.33 -7.03
N ALA H 146 18.74 -35.48 -6.97
CA ALA H 146 19.31 -36.71 -7.52
C ALA H 146 19.53 -36.60 -9.02
N ALA H 147 18.57 -36.04 -9.75
CA ALA H 147 18.73 -35.86 -11.19
C ALA H 147 19.90 -34.93 -11.50
N PHE H 148 20.01 -33.83 -10.76
CA PHE H 148 21.12 -32.89 -10.98
C PHE H 148 22.45 -33.56 -10.71
N ILE H 149 22.54 -34.32 -9.62
CA ILE H 149 23.79 -34.98 -9.26
C ILE H 149 24.14 -36.04 -10.31
N TYR H 150 23.14 -36.78 -10.78
CA TYR H 150 23.40 -37.78 -11.82
C TYR H 150 23.93 -37.12 -13.09
N ALA H 151 23.31 -36.01 -13.49
CA ALA H 151 23.80 -35.31 -14.68
C ALA H 151 25.25 -34.87 -14.47
N LYS H 152 25.53 -34.23 -13.34
CA LYS H 152 26.89 -33.74 -13.07
C LYS H 152 27.92 -34.85 -12.99
N THR H 153 27.54 -36.04 -12.50
CA THR H 153 28.51 -37.09 -12.25
C THR H 153 28.58 -38.15 -13.34
N ARG H 154 27.66 -38.18 -14.29
CA ARG H 154 27.75 -39.15 -15.37
C ARG H 154 27.82 -38.52 -16.76
N LEU H 155 27.31 -37.30 -16.93
CA LEU H 155 27.28 -36.69 -18.26
C LEU H 155 28.42 -35.71 -18.41
N PRO H 156 29.35 -35.92 -19.35
CA PRO H 156 30.44 -34.95 -19.53
C PRO H 156 29.95 -33.56 -19.88
N PHE H 157 28.80 -33.45 -20.56
CA PHE H 157 28.25 -32.13 -20.88
C PHE H 157 27.90 -31.37 -19.61
N PHE H 158 27.30 -32.04 -18.64
CA PHE H 158 26.91 -31.41 -17.39
C PHE H 158 28.00 -31.41 -16.34
N ALA H 159 29.13 -32.06 -16.62
CA ALA H 159 30.31 -31.96 -15.77
C ALA H 159 31.02 -30.65 -16.05
N LYS H 160 32.26 -30.53 -15.57
CA LYS H 160 33.12 -29.34 -15.73
C LYS H 160 32.35 -28.04 -15.55
N GLY H 161 31.49 -27.97 -14.54
CA GLY H 161 30.75 -26.76 -14.27
C GLY H 161 29.34 -27.01 -13.78
N ILE H 162 28.78 -26.05 -13.04
CA ILE H 162 27.40 -26.13 -12.58
C ILE H 162 26.51 -25.41 -13.59
N SER H 163 25.59 -26.15 -14.20
CA SER H 163 24.68 -25.55 -15.17
C SER H 163 23.70 -24.62 -14.46
N LEU H 164 23.68 -23.36 -14.89
CA LEU H 164 22.77 -22.37 -14.28
C LEU H 164 21.30 -22.74 -14.42
N PRO H 165 20.79 -23.11 -15.60
CA PRO H 165 19.37 -23.49 -15.67
C PRO H 165 19.03 -24.71 -14.83
N TYR H 166 19.91 -25.71 -14.81
CA TYR H 166 19.66 -26.88 -13.98
C TYR H 166 19.66 -26.52 -12.50
N LEU H 167 20.61 -25.68 -12.08
CA LEU H 167 20.66 -25.24 -10.69
C LEU H 167 19.40 -24.48 -10.31
N VAL H 168 18.92 -23.61 -11.19
CA VAL H 168 17.68 -22.89 -10.90
C VAL H 168 16.51 -23.86 -10.82
N LEU H 169 16.37 -24.75 -11.81
CA LEU H 169 15.27 -25.71 -11.83
C LEU H 169 15.28 -26.60 -10.59
N VAL H 170 16.45 -26.83 -10.00
CA VAL H 170 16.58 -27.76 -8.89
C VAL H 170 16.40 -27.03 -7.56
N VAL H 171 16.85 -25.78 -7.48
CA VAL H 171 16.88 -25.08 -6.21
C VAL H 171 15.65 -24.19 -5.99
N GLY H 172 15.11 -23.58 -7.05
CA GLY H 172 13.96 -22.72 -6.93
C GLY H 172 12.74 -23.43 -6.38
N PRO H 173 12.35 -24.55 -6.99
CA PRO H 173 11.27 -25.35 -6.40
C PRO H 173 11.59 -25.83 -5.00
N PHE H 174 12.87 -26.02 -4.68
CA PHE H 174 13.23 -26.34 -3.30
C PHE H 174 12.91 -25.18 -2.37
N MET H 175 13.11 -23.94 -2.83
CA MET H 175 12.87 -22.77 -1.99
C MET H 175 11.42 -22.65 -1.57
N ILE H 176 10.51 -23.37 -2.23
CA ILE H 176 9.12 -23.39 -1.80
C ILE H 176 9.00 -23.99 -0.40
N LEU H 177 9.84 -24.99 -0.08
CA LEU H 177 9.76 -25.62 1.24
C LEU H 177 10.10 -24.66 2.37
N PRO H 178 11.22 -23.93 2.37
CA PRO H 178 11.41 -22.90 3.41
C PRO H 178 10.40 -21.78 3.32
N ASN H 179 9.78 -21.56 2.16
CA ASN H 179 8.76 -20.55 2.02
C ASN H 179 7.51 -20.85 2.86
N VAL H 180 7.37 -22.11 3.31
CA VAL H 180 6.26 -22.47 4.20
C VAL H 180 6.26 -21.60 5.44
N GLY H 181 7.44 -21.14 5.87
CA GLY H 181 7.50 -20.20 6.99
C GLY H 181 6.69 -18.94 6.71
N LEU H 182 6.78 -18.43 5.49
CA LEU H 182 5.97 -17.25 5.11
C LEU H 182 4.50 -17.66 5.18
N ASN H 183 4.17 -18.87 4.73
CA ASN H 183 2.77 -19.38 4.80
C ASN H 183 2.29 -19.26 6.24
N GLU H 184 2.94 -19.97 7.18
CA GLU H 184 2.52 -19.94 8.60
C GLU H 184 2.45 -18.48 9.08
N TRP H 185 3.53 -17.71 8.93
CA TRP H 185 3.47 -16.26 9.29
C TRP H 185 2.39 -15.57 8.46
N GLY H 186 2.00 -16.15 7.32
CA GLY H 186 1.06 -15.50 6.39
C GLY H 186 -0.40 -15.85 6.63
N HIS H 187 -0.71 -16.69 7.61
CA HIS H 187 -2.15 -16.92 7.94
C HIS H 187 -2.36 -16.57 9.43
N THR H 188 -1.60 -17.23 10.32
CA THR H 188 -1.71 -16.95 11.77
C THR H 188 -1.78 -15.43 11.98
N PHE H 189 -0.68 -14.71 11.70
CA PHE H 189 -0.70 -13.24 11.81
C PHE H 189 -1.35 -12.67 10.54
N TRP H 190 -0.58 -11.98 9.69
CA TRP H 190 -1.11 -11.32 8.46
C TRP H 190 -2.12 -12.18 7.69
N PHE H 191 -3.35 -11.70 7.51
CA PHE H 191 -4.37 -12.41 6.67
C PHE H 191 -5.00 -13.62 7.38
N MET H 192 -6.19 -13.44 7.96
CA MET H 192 -6.94 -14.58 8.55
C MET H 192 -7.94 -15.09 7.51
N GLU H 193 -8.06 -14.38 6.38
CA GLU H 193 -8.95 -14.85 5.28
C GLU H 193 -8.27 -16.04 4.59
N GLU H 194 -9.00 -17.13 4.37
CA GLU H 194 -8.27 -18.29 3.80
C GLU H 194 -8.07 -18.04 2.31
N LEU H 195 -7.68 -16.84 1.91
CA LEU H 195 -7.36 -16.62 0.47
C LEU H 195 -6.06 -17.35 0.07
N PHE H 196 -6.07 -18.06 -1.08
CA PHE H 196 -4.89 -18.78 -1.60
C PHE H 196 -4.08 -17.87 -2.54
N VAL H 197 -4.64 -16.73 -2.91
CA VAL H 197 -3.97 -15.80 -3.87
C VAL H 197 -3.42 -14.60 -3.09
N ALA H 198 -3.28 -14.76 -1.77
CA ALA H 198 -2.74 -13.68 -0.92
C ALA H 198 -1.23 -13.54 -1.14
N PRO H 199 -0.64 -12.34 -0.98
CA PRO H 199 0.80 -12.12 -1.15
C PRO H 199 1.68 -13.05 -0.30
N LEU H 200 1.14 -13.59 0.80
CA LEU H 200 1.91 -14.59 1.61
C LEU H 200 2.10 -15.84 0.76
N HIS H 201 1.42 -15.94 -0.38
CA HIS H 201 1.47 -17.13 -1.29
C HIS H 201 2.51 -16.81 -2.37
N TYR H 202 3.09 -15.61 -2.36
CA TYR H 202 4.00 -15.14 -3.43
C TYR H 202 5.32 -15.92 -3.36
N GLY H 203 5.82 -16.21 -2.16
CA GLY H 203 7.13 -16.86 -2.07
C GLY H 203 7.08 -18.18 -2.82
N PHE H 204 6.03 -19.00 -2.57
CA PHE H 204 5.87 -20.26 -3.33
C PHE H 204 5.83 -19.93 -4.82
N VAL H 205 4.94 -19.01 -5.21
CA VAL H 205 4.73 -18.70 -6.66
C VAL H 205 6.05 -18.26 -7.26
N ILE H 206 6.58 -17.15 -6.76
CA ILE H 206 7.86 -16.67 -7.27
C ILE H 206 8.80 -17.85 -7.53
N PHE H 207 8.91 -18.76 -6.56
CA PHE H 207 9.78 -19.91 -6.69
C PHE H 207 9.18 -21.02 -7.53
N GLY H 208 7.86 -21.03 -7.73
CA GLY H 208 7.28 -21.85 -8.78
C GLY H 208 7.68 -21.42 -10.16
N TRP H 209 7.94 -20.12 -10.36
CA TRP H 209 8.41 -19.63 -11.65
C TRP H 209 9.76 -20.22 -12.02
N LEU H 210 10.62 -20.46 -11.02
CA LEU H 210 11.97 -20.95 -11.30
C LEU H 210 11.96 -22.33 -11.93
N ALA H 211 10.85 -23.06 -11.85
CA ALA H 211 10.73 -24.31 -12.58
C ALA H 211 10.72 -24.11 -14.09
N LEU H 212 10.50 -22.89 -14.57
CA LEU H 212 10.63 -22.59 -15.99
C LEU H 212 12.04 -22.76 -16.51
N ALA H 213 13.04 -22.84 -15.61
CA ALA H 213 14.40 -23.15 -16.02
C ALA H 213 14.53 -24.54 -16.60
N VAL H 214 13.47 -25.35 -16.54
CA VAL H 214 13.48 -26.66 -17.19
C VAL H 214 13.67 -26.49 -18.69
N MET H 215 13.34 -25.33 -19.24
CA MET H 215 13.50 -25.10 -20.67
C MET H 215 14.98 -25.06 -21.05
N GLY H 216 15.76 -24.27 -20.32
CA GLY H 216 17.20 -24.27 -20.52
C GLY H 216 17.83 -25.59 -20.15
N THR H 217 17.35 -26.22 -19.08
CA THR H 217 17.84 -27.52 -18.70
C THR H 217 17.63 -28.53 -19.83
N LEU H 218 16.46 -28.51 -20.46
CA LEU H 218 16.14 -29.50 -21.47
C LEU H 218 16.88 -29.24 -22.78
N THR H 219 17.10 -27.97 -23.14
CA THR H 219 17.95 -27.77 -24.31
C THR H 219 19.38 -28.17 -24.02
N GLN H 220 19.85 -28.02 -22.77
CA GLN H 220 21.16 -28.54 -22.40
C GLN H 220 21.20 -30.07 -22.51
N THR H 221 20.15 -30.75 -22.05
CA THR H 221 20.12 -32.21 -22.19
C THR H 221 20.02 -32.64 -23.64
N PHE H 222 19.33 -31.86 -24.48
CA PHE H 222 19.29 -32.15 -25.90
C PHE H 222 20.67 -32.07 -26.52
N TYR H 223 21.42 -31.02 -26.17
CA TYR H 223 22.79 -30.91 -26.65
C TYR H 223 23.66 -32.04 -26.13
N SER H 224 23.47 -32.44 -24.87
CA SER H 224 24.22 -33.55 -24.32
C SER H 224 23.89 -34.86 -25.03
N PHE H 225 22.61 -35.06 -25.36
CA PHE H 225 22.20 -36.22 -26.17
C PHE H 225 22.88 -36.20 -27.52
N ALA H 226 22.90 -35.03 -28.17
CA ALA H 226 23.47 -34.87 -29.50
C ALA H 226 24.93 -34.46 -29.46
N GLN H 227 25.76 -35.20 -28.72
CA GLN H 227 27.19 -34.89 -28.64
C GLN H 227 27.98 -35.72 -29.65
N GLY H 228 28.00 -37.04 -29.46
CA GLY H 228 28.65 -37.92 -30.41
C GLY H 228 27.66 -38.70 -31.24
N GLY H 229 26.60 -39.18 -30.59
CA GLY H 229 25.57 -39.93 -31.28
C GLY H 229 24.41 -39.06 -31.70
N LEU H 230 24.71 -37.83 -32.12
CA LEU H 230 23.66 -36.95 -32.63
C LEU H 230 22.98 -37.52 -33.86
N GLY H 231 23.63 -38.43 -34.57
CA GLY H 231 23.05 -39.07 -35.71
C GLY H 231 23.99 -40.10 -36.30
N GLN H 232 24.05 -40.14 -37.62
CA GLN H 232 23.34 -39.16 -38.42
C GLN H 232 21.99 -39.68 -38.91
N SER H 233 21.29 -38.80 -39.64
CA SER H 233 19.85 -38.78 -39.87
C SER H 233 19.38 -37.36 -39.61
N LEU H 234 19.32 -37.00 -38.34
CA LEU H 234 19.09 -35.62 -37.92
C LEU H 234 20.12 -34.71 -38.58
N CYS H 235 19.61 -33.70 -39.31
CA CYS H 235 20.44 -32.79 -40.10
C CYS H 235 21.29 -33.56 -41.12
N GLU H 236 20.70 -34.62 -41.65
CA GLU H 236 21.31 -35.38 -42.74
C GLU H 236 20.27 -36.23 -43.46
N LEU I 1 60.68 7.16 6.86
CA LEU I 1 59.61 7.79 7.64
C LEU I 1 58.28 7.07 7.40
N LEU I 2 57.77 7.17 6.18
CA LEU I 2 56.52 6.52 5.76
C LEU I 2 55.40 6.99 6.69
N ASP I 3 54.64 6.09 7.31
CA ASP I 3 53.50 6.48 8.14
C ASP I 3 53.94 7.33 9.33
N LYS I 4 53.46 8.57 9.39
CA LYS I 4 53.85 9.51 10.43
C LYS I 4 52.71 9.70 11.41
N LYS I 5 52.86 10.63 12.36
CA LYS I 5 51.93 10.82 13.47
C LYS I 5 50.72 11.65 13.10
N TRP I 6 50.47 11.87 11.80
CA TRP I 6 49.25 12.53 11.38
C TRP I 6 48.03 11.67 11.69
N LEU I 7 48.21 10.34 11.78
CA LEU I 7 47.10 9.46 12.13
C LEU I 7 46.63 9.70 13.57
N THR I 8 47.57 9.94 14.48
CA THR I 8 47.22 10.23 15.87
C THR I 8 46.37 11.49 15.95
N PHE I 9 46.79 12.54 15.22
CA PHE I 9 45.99 13.77 15.18
C PHE I 9 44.63 13.52 14.55
N ALA I 10 44.59 12.72 13.49
CA ALA I 10 43.34 12.44 12.81
C ALA I 10 42.33 11.80 13.76
N LEU I 11 42.78 10.83 14.55
CA LEU I 11 41.89 10.25 15.55
C LEU I 11 41.55 11.25 16.66
N ALA I 12 42.55 11.97 17.17
CA ALA I 12 42.39 12.74 18.39
C ALA I 12 41.50 13.96 18.18
N ILE I 13 41.60 14.60 17.00
CA ILE I 13 40.83 15.81 16.78
C ILE I 13 39.33 15.50 16.78
N TYR I 14 38.93 14.43 16.09
CA TYR I 14 37.53 14.03 16.09
C TYR I 14 37.10 13.58 17.48
N THR I 15 37.94 12.78 18.15
CA THR I 15 37.58 12.30 19.48
C THR I 15 37.34 13.46 20.44
N VAL I 16 38.28 14.40 20.49
CA VAL I 16 38.19 15.50 21.44
C VAL I 16 37.03 16.42 21.10
N PHE I 17 36.89 16.79 19.82
CA PHE I 17 35.81 17.70 19.44
C PHE I 17 34.46 17.09 19.74
N TYR I 18 34.27 15.80 19.42
CA TYR I 18 32.97 15.19 19.66
C TYR I 18 32.73 14.90 21.13
N LEU I 19 33.77 14.64 21.92
CA LEU I 19 33.59 14.54 23.36
C LEU I 19 33.14 15.88 23.94
N TRP I 20 33.73 16.98 23.47
CA TRP I 20 33.28 18.30 23.91
C TRP I 20 31.86 18.58 23.47
N VAL I 21 31.50 18.18 22.24
CA VAL I 21 30.14 18.36 21.76
C VAL I 21 29.16 17.58 22.62
N ARG I 22 29.52 16.34 22.98
CA ARG I 22 28.67 15.54 23.85
C ARG I 22 28.53 16.19 25.23
N TRP I 23 29.62 16.74 25.76
CA TRP I 23 29.52 17.46 27.03
C TRP I 23 28.59 18.66 26.92
N TYR I 24 28.71 19.41 25.81
CA TYR I 24 27.87 20.59 25.57
C TYR I 24 26.41 20.20 25.52
N GLU I 25 26.09 19.13 24.80
CA GLU I 25 24.68 18.73 24.68
C GLU I 25 24.17 18.09 25.96
N GLY I 26 25.06 17.47 26.75
CA GLY I 26 24.65 17.00 28.06
C GLY I 26 24.33 18.14 29.01
N VAL I 27 25.09 19.23 28.92
CA VAL I 27 24.84 20.39 29.76
C VAL I 27 23.62 21.21 29.31
N TYR I 28 23.43 21.39 28.00
CA TYR I 28 22.39 22.26 27.48
C TYR I 28 21.29 21.51 26.75
N GLY I 29 21.15 20.21 26.99
CA GLY I 29 20.07 19.46 26.37
C GLY I 29 18.74 19.87 26.95
N TRP I 30 18.54 19.54 28.22
CA TRP I 30 17.54 20.21 29.03
C TRP I 30 18.08 21.59 29.38
N SER I 31 17.20 22.45 29.93
CA SER I 31 17.70 23.72 30.45
C SER I 31 18.37 24.55 29.34
N ALA I 32 17.56 25.20 28.49
CA ALA I 32 18.01 25.84 27.25
C ALA I 32 18.31 24.83 26.16
N GLY I 33 17.23 24.27 25.60
CA GLY I 33 17.31 23.23 24.58
C GLY I 33 16.11 22.32 24.55
N LEU I 34 15.19 22.48 25.50
CA LEU I 34 13.92 21.76 25.44
C LEU I 34 12.84 22.57 24.73
N ASP I 35 12.77 23.87 25.03
CA ASP I 35 11.77 24.74 24.44
C ASP I 35 12.38 25.52 23.29
N SER I 36 11.94 25.24 22.06
CA SER I 36 12.52 25.85 20.87
C SER I 36 12.12 27.30 20.67
N PHE I 37 11.16 27.81 21.44
CA PHE I 37 10.75 29.21 21.36
C PHE I 37 11.23 30.03 22.55
N ALA I 38 11.98 29.43 23.47
CA ALA I 38 12.56 30.18 24.58
C ALA I 38 13.76 30.99 24.09
N PRO I 39 14.00 32.15 24.70
CA PRO I 39 15.16 32.97 24.27
C PRO I 39 16.50 32.27 24.46
N GLU I 40 16.65 31.47 25.52
CA GLU I 40 17.89 30.76 25.76
C GLU I 40 18.18 29.69 24.70
N PHE I 41 17.13 29.12 24.09
CA PHE I 41 17.33 28.21 22.98
C PHE I 41 18.04 28.90 21.82
N GLU I 42 17.67 30.14 21.51
CA GLU I 42 18.34 30.90 20.47
C GLU I 42 19.81 31.12 20.77
N THR I 43 20.17 31.42 22.02
CA THR I 43 21.57 31.69 22.37
C THR I 43 22.40 30.43 22.51
N TYR I 44 21.80 29.28 22.77
CA TYR I 44 22.58 28.08 23.01
C TYR I 44 22.53 27.03 21.90
N TRP I 45 21.51 27.05 21.03
CA TRP I 45 21.43 26.06 19.98
C TRP I 45 21.24 26.67 18.58
N MET I 46 20.45 27.73 18.44
CA MET I 46 20.36 28.40 17.15
C MET I 46 21.68 29.07 16.79
N ASN I 47 22.32 29.72 17.77
CA ASN I 47 23.65 30.28 17.55
C ASN I 47 24.65 29.19 17.22
N PHE I 48 24.54 28.04 17.90
CA PHE I 48 25.39 26.89 17.59
C PHE I 48 25.19 26.46 16.14
N LEU I 49 23.95 26.38 15.70
CA LEU I 49 23.65 25.99 14.32
C LEU I 49 24.26 26.96 13.32
N TYR I 50 24.07 28.26 13.56
CA TYR I 50 24.60 29.28 12.65
C TYR I 50 26.12 29.21 12.58
N THR I 51 26.77 29.18 13.75
CA THR I 51 28.22 29.16 13.80
C THR I 51 28.77 27.91 13.15
N GLU I 52 28.16 26.75 13.43
CA GLU I 52 28.65 25.50 12.86
C GLU I 52 28.47 25.46 11.36
N ILE I 53 27.33 25.98 10.85
CA ILE I 53 27.14 25.99 9.40
C ILE I 53 28.17 26.89 8.72
N VAL I 54 28.39 28.09 9.28
CA VAL I 54 29.37 29.01 8.68
C VAL I 54 30.76 28.39 8.72
N LEU I 55 31.14 27.81 9.87
CA LEU I 55 32.47 27.24 10.00
C LEU I 55 32.64 26.02 9.09
N GLU I 56 31.60 25.22 8.93
CA GLU I 56 31.68 24.07 8.04
C GLU I 56 31.86 24.51 6.60
N ILE I 57 31.10 25.53 6.17
CA ILE I 57 31.24 26.03 4.80
C ILE I 57 32.66 26.56 4.59
N VAL I 58 33.16 27.36 5.53
CA VAL I 58 34.48 27.94 5.39
C VAL I 58 35.55 26.86 5.37
N THR I 59 35.46 25.90 6.29
CA THR I 59 36.47 24.84 6.38
C THR I 59 36.45 23.96 5.13
N ALA I 60 35.26 23.61 4.65
CA ALA I 60 35.17 22.81 3.43
C ALA I 60 35.79 23.55 2.26
N SER I 61 35.44 24.82 2.09
CA SER I 61 36.00 25.59 0.98
C SER I 61 37.51 25.66 1.07
N ILE I 62 38.04 26.00 2.25
CA ILE I 62 39.48 26.18 2.40
C ILE I 62 40.21 24.85 2.17
N LEU I 63 39.74 23.78 2.80
CA LEU I 63 40.42 22.49 2.71
C LEU I 63 40.39 21.96 1.28
N TRP I 64 39.21 21.93 0.67
CA TRP I 64 39.10 21.42 -0.69
C TRP I 64 39.89 22.26 -1.67
N GLY I 65 39.83 23.59 -1.52
CA GLY I 65 40.57 24.46 -2.42
C GLY I 65 42.07 24.28 -2.28
N TYR I 66 42.56 24.15 -1.04
CA TYR I 66 43.99 23.93 -0.84
C TYR I 66 44.42 22.60 -1.42
N LEU I 67 43.64 21.55 -1.20
CA LEU I 67 43.99 20.24 -1.73
C LEU I 67 44.01 20.24 -3.25
N TRP I 68 43.06 20.92 -3.88
CA TRP I 68 43.02 21.01 -5.33
C TRP I 68 44.11 21.91 -5.90
N LYS I 69 44.45 23.00 -5.21
CA LYS I 69 45.47 23.91 -5.70
C LYS I 69 46.88 23.32 -5.57
N THR I 70 47.13 22.58 -4.49
CA THR I 70 48.41 21.92 -4.29
C THR I 70 48.47 20.55 -4.96
N ARG I 71 47.63 20.31 -5.96
CA ARG I 71 47.63 19.04 -6.67
C ARG I 71 48.95 18.85 -7.42
N ASP I 72 49.41 17.60 -7.47
CA ASP I 72 50.69 17.30 -8.09
C ASP I 72 50.53 17.29 -9.61
N ARG I 73 51.14 18.26 -10.27
CA ARG I 73 51.09 18.33 -11.73
C ARG I 73 51.92 17.26 -12.41
N ASN I 74 53.12 17.00 -11.91
CA ASN I 74 54.03 16.02 -12.48
C ASN I 74 53.91 14.71 -11.72
N LEU I 75 52.78 14.02 -11.91
CA LEU I 75 52.60 12.73 -11.24
C LEU I 75 53.48 11.65 -11.85
N ALA I 76 53.91 11.83 -13.10
CA ALA I 76 54.73 10.81 -13.76
C ALA I 76 56.07 10.64 -13.07
N ALA I 77 56.70 11.75 -12.68
CA ALA I 77 58.02 11.71 -12.07
C ALA I 77 57.92 11.61 -10.54
N LEU I 78 57.17 10.61 -10.09
CA LEU I 78 56.99 10.35 -8.67
C LEU I 78 57.67 9.03 -8.33
N THR I 79 58.59 9.06 -7.38
CA THR I 79 59.35 7.88 -7.04
C THR I 79 58.47 6.88 -6.29
N PRO I 80 58.79 5.58 -6.34
CA PRO I 80 57.98 4.61 -5.58
C PRO I 80 57.96 4.86 -4.08
N ARG I 81 59.05 5.34 -3.49
CA ARG I 81 59.07 5.63 -2.06
C ARG I 81 58.11 6.76 -1.72
N GLU I 82 58.15 7.83 -2.51
CA GLU I 82 57.21 8.94 -2.32
C GLU I 82 55.78 8.48 -2.55
N GLU I 83 55.57 7.60 -3.53
CA GLU I 83 54.24 7.06 -3.77
C GLU I 83 53.75 6.26 -2.57
N LEU I 84 54.64 5.48 -1.95
CA LEU I 84 54.27 4.74 -0.75
C LEU I 84 53.91 5.68 0.39
N ARG I 85 54.69 6.75 0.56
CA ARG I 85 54.39 7.73 1.60
C ARG I 85 53.03 8.39 1.35
N ARG I 86 52.75 8.74 0.09
CA ARG I 86 51.47 9.36 -0.23
C ARG I 86 50.32 8.37 -0.05
N ASN I 87 50.57 7.09 -0.34
CA ASN I 87 49.56 6.08 -0.09
C ASN I 87 49.25 5.96 1.39
N PHE I 88 50.28 6.02 2.24
CA PHE I 88 50.04 6.01 3.68
C PHE I 88 49.28 7.24 4.13
N THR I 89 49.60 8.40 3.57
CA THR I 89 48.85 9.61 3.92
C THR I 89 47.38 9.49 3.49
N HIS I 90 47.13 8.93 2.30
CA HIS I 90 45.77 8.70 1.87
C HIS I 90 45.05 7.70 2.77
N LEU I 91 45.77 6.69 3.27
CA LEU I 91 45.19 5.76 4.22
C LEU I 91 44.84 6.46 5.52
N VAL I 92 45.66 7.43 5.94
CA VAL I 92 45.32 8.24 7.11
C VAL I 92 44.05 9.04 6.86
N TRP I 93 43.92 9.59 5.65
CA TRP I 93 42.70 10.30 5.28
C TRP I 93 41.49 9.37 5.35
N LEU I 94 41.65 8.14 4.87
CA LEU I 94 40.55 7.17 4.91
C LEU I 94 40.22 6.79 6.34
N VAL I 95 41.23 6.70 7.21
CA VAL I 95 40.98 6.43 8.62
C VAL I 95 40.18 7.56 9.25
N ALA I 96 40.56 8.81 8.95
CA ALA I 96 39.80 9.95 9.45
C ALA I 96 38.37 9.92 8.93
N TYR I 97 38.19 9.56 7.66
CA TYR I 97 36.85 9.44 7.10
C TYR I 97 36.04 8.37 7.80
N ALA I 98 36.65 7.23 8.09
CA ALA I 98 35.95 6.15 8.80
C ALA I 98 35.55 6.59 10.20
N TRP I 99 36.45 7.28 10.90
CA TRP I 99 36.15 7.77 12.24
C TRP I 99 35.00 8.77 12.22
N ALA I 100 35.04 9.71 11.28
CA ALA I 100 33.98 10.69 11.15
C ALA I 100 32.66 10.04 10.76
N ILE I 101 32.71 9.03 9.89
CA ILE I 101 31.52 8.30 9.50
C ILE I 101 30.91 7.59 10.70
N TYR I 102 31.76 6.97 11.52
CA TYR I 102 31.26 6.37 12.76
C TYR I 102 30.55 7.41 13.60
N TRP I 103 31.23 8.51 13.89
CA TRP I 103 30.68 9.51 14.81
C TRP I 103 29.36 10.07 14.28
N GLY I 104 29.27 10.28 12.97
CA GLY I 104 28.07 10.82 12.38
C GLY I 104 26.92 9.84 12.28
N ALA I 105 27.16 8.69 11.66
CA ALA I 105 26.10 7.78 11.28
C ALA I 105 25.77 6.73 12.34
N SER I 106 26.56 6.61 13.41
CA SER I 106 26.19 5.69 14.48
C SER I 106 25.90 6.43 15.77
N TYR I 107 26.88 7.15 16.31
CA TYR I 107 26.77 7.77 17.62
C TYR I 107 25.64 8.79 17.64
N PHE I 108 25.77 9.84 16.83
CA PHE I 108 24.83 10.95 16.93
C PHE I 108 23.50 10.60 16.27
N THR I 109 23.49 9.63 15.36
CA THR I 109 22.22 9.20 14.78
C THR I 109 21.37 8.43 15.81
N GLU I 110 21.96 7.46 16.50
CA GLU I 110 21.18 6.81 17.54
C GLU I 110 20.98 7.71 18.75
N GLN I 111 21.66 8.87 18.73
CA GLN I 111 21.36 9.84 19.82
C GLN I 111 20.12 10.61 19.36
N ASP I 112 19.84 10.62 18.06
CA ASP I 112 18.58 11.22 17.57
C ASP I 112 17.44 10.36 18.13
N GLY I 113 17.62 9.04 18.08
CA GLY I 113 16.63 8.12 18.65
C GLY I 113 16.39 8.42 20.11
N THR I 114 17.41 8.24 20.94
CA THR I 114 17.27 8.48 22.39
C THR I 114 16.63 9.86 22.58
N TRP I 115 16.84 10.77 21.64
CA TRP I 115 16.33 12.14 21.93
C TRP I 115 14.87 12.21 21.47
N HIS I 116 14.59 11.98 20.17
CA HIS I 116 13.21 12.12 19.65
C HIS I 116 12.26 11.15 20.36
N GLN I 117 12.74 10.02 20.87
CA GLN I 117 11.81 9.01 21.46
C GLN I 117 11.58 9.26 22.96
N THR I 118 12.07 10.38 23.50
CA THR I 118 11.94 10.63 24.95
C THR I 118 11.52 12.09 25.18
N ILE I 119 11.89 12.97 24.26
CA ILE I 119 11.52 14.43 24.35
C ILE I 119 10.17 14.64 23.66
N VAL I 120 9.49 15.74 23.95
CA VAL I 120 8.12 15.97 23.40
C VAL I 120 8.22 16.54 21.99
N ARG I 121 9.44 16.69 21.45
CA ARG I 121 9.63 17.13 20.04
C ARG I 121 9.14 18.58 19.87
N ASP I 122 9.61 19.32 18.84
CA ASP I 122 9.21 20.77 18.79
C ASP I 122 9.55 21.51 17.48
N THR I 123 10.73 21.28 16.87
CA THR I 123 11.15 22.02 15.69
C THR I 123 11.95 21.08 14.82
N ASP I 124 12.32 21.56 13.63
CA ASP I 124 13.24 20.85 12.76
C ASP I 124 14.69 21.03 13.20
N PHE I 125 14.94 21.85 14.23
CA PHE I 125 16.28 22.15 14.68
C PHE I 125 16.43 21.88 16.18
N THR I 126 16.00 20.70 16.63
CA THR I 126 16.27 20.28 17.99
C THR I 126 17.78 20.18 18.19
N PRO I 127 18.26 20.29 19.44
CA PRO I 127 19.71 20.20 19.67
C PRO I 127 20.32 18.94 19.06
N SER I 128 19.54 17.85 19.05
CA SER I 128 20.01 16.63 18.35
C SER I 128 20.03 16.92 16.85
N HIS I 129 19.14 17.80 16.38
CA HIS I 129 19.08 18.14 14.92
C HIS I 129 20.23 19.08 14.58
N ILE I 130 20.73 19.82 15.56
CA ILE I 130 21.90 20.72 15.31
C ILE I 130 23.18 19.89 15.35
N ILE I 131 23.27 18.89 16.23
CA ILE I 131 24.51 18.16 16.37
C ILE I 131 24.69 17.11 15.27
N GLU I 132 23.63 16.36 14.93
CA GLU I 132 23.76 15.21 14.04
C GLU I 132 23.66 15.60 12.57
N PHE I 133 22.56 16.23 12.16
CA PHE I 133 22.36 16.56 10.76
C PHE I 133 23.34 17.63 10.28
N TYR I 134 23.57 18.65 11.10
CA TYR I 134 24.27 19.85 10.64
C TYR I 134 25.67 20.01 11.21
N LEU I 135 26.13 19.08 12.05
CA LEU I 135 27.54 19.11 12.45
C LEU I 135 28.28 17.85 12.01
N SER I 136 27.83 16.68 12.47
CA SER I 136 28.57 15.46 12.24
C SER I 136 28.48 15.03 10.77
N TYR I 137 27.28 15.15 10.20
CA TYR I 137 27.10 14.82 8.76
C TYR I 137 28.06 15.67 7.93
N PRO I 138 27.99 17.02 8.04
CA PRO I 138 28.87 17.91 7.27
C PRO I 138 30.33 17.55 7.51
N ILE I 139 30.70 17.26 8.77
CA ILE I 139 32.09 16.98 9.08
C ILE I 139 32.57 15.74 8.33
N TYR I 140 31.77 14.67 8.34
CA TYR I 140 32.23 13.47 7.63
C TYR I 140 32.16 13.69 6.12
N ILE I 141 31.24 14.52 5.64
CA ILE I 141 31.20 14.84 4.21
C ILE I 141 32.49 15.57 3.81
N ILE I 142 32.90 16.54 4.62
CA ILE I 142 34.12 17.27 4.34
C ILE I 142 35.32 16.33 4.34
N THR I 143 35.39 15.44 5.33
CA THR I 143 36.51 14.50 5.41
C THR I 143 36.53 13.58 4.20
N GLY I 144 35.36 13.07 3.79
CA GLY I 144 35.32 12.18 2.65
C GLY I 144 35.71 12.87 1.36
N PHE I 145 35.21 14.08 1.15
CA PHE I 145 35.60 14.84 -0.04
C PHE I 145 37.09 15.12 -0.04
N ALA I 146 37.65 15.47 1.12
CA ALA I 146 39.08 15.73 1.22
C ALA I 146 39.90 14.48 0.91
N ALA I 147 39.47 13.33 1.43
CA ALA I 147 40.18 12.09 1.14
C ALA I 147 40.12 11.75 -0.35
N PHE I 148 38.94 11.92 -0.97
CA PHE I 148 38.81 11.65 -2.39
C PHE I 148 39.70 12.58 -3.21
N ILE I 149 39.72 13.86 -2.86
CA ILE I 149 40.54 14.83 -3.60
C ILE I 149 42.02 14.52 -3.42
N TYR I 150 42.42 14.15 -2.20
CA TYR I 150 43.82 13.79 -1.98
C TYR I 150 44.21 12.58 -2.82
N ALA I 151 43.37 11.56 -2.85
CA ALA I 151 43.66 10.40 -3.68
C ALA I 151 43.81 10.81 -5.14
N LYS I 152 42.85 11.57 -5.66
CA LYS I 152 42.87 11.97 -7.06
C LYS I 152 44.07 12.85 -7.40
N THR I 153 44.54 13.67 -6.46
CA THR I 153 45.58 14.65 -6.77
C THR I 153 46.99 14.22 -6.36
N ARG I 154 47.14 13.15 -5.57
CA ARG I 154 48.47 12.69 -5.22
C ARG I 154 48.78 11.27 -5.66
N LEU I 155 47.76 10.43 -5.83
CA LEU I 155 48.00 9.02 -6.15
C LEU I 155 47.81 8.80 -7.65
N PRO I 156 48.83 8.38 -8.39
CA PRO I 156 48.65 8.12 -9.82
C PRO I 156 47.59 7.06 -10.11
N PHE I 157 47.42 6.09 -9.19
CA PHE I 157 46.40 5.07 -9.39
C PHE I 157 45.00 5.70 -9.41
N PHE I 158 44.75 6.64 -8.51
CA PHE I 158 43.45 7.30 -8.43
C PHE I 158 43.34 8.51 -9.34
N ALA I 159 44.41 8.90 -10.00
CA ALA I 159 44.37 9.94 -11.02
C ALA I 159 43.82 9.32 -12.32
N LYS I 160 43.97 10.04 -13.43
CA LYS I 160 43.52 9.64 -14.76
C LYS I 160 42.15 8.98 -14.75
N GLY I 161 41.22 9.54 -13.98
CA GLY I 161 39.86 9.02 -13.93
C GLY I 161 39.23 9.12 -12.57
N ILE I 162 37.89 9.14 -12.54
CA ILE I 162 37.16 9.16 -11.27
C ILE I 162 36.80 7.72 -10.90
N SER I 163 37.31 7.26 -9.77
CA SER I 163 37.00 5.91 -9.32
C SER I 163 35.54 5.80 -8.91
N LEU I 164 34.83 4.87 -9.54
CA LEU I 164 33.41 4.68 -9.21
C LEU I 164 33.17 4.29 -7.76
N PRO I 165 33.87 3.29 -7.18
CA PRO I 165 33.61 2.98 -5.77
C PRO I 165 33.94 4.13 -4.83
N TYR I 166 35.03 4.86 -5.09
CA TYR I 166 35.36 6.01 -4.25
C TYR I 166 34.30 7.10 -4.37
N LEU I 167 33.83 7.36 -5.59
CA LEU I 167 32.78 8.36 -5.79
C LEU I 167 31.51 7.96 -5.06
N VAL I 168 31.13 6.69 -5.13
CA VAL I 168 29.95 6.24 -4.39
C VAL I 168 30.16 6.39 -2.90
N LEU I 169 31.29 5.90 -2.38
CA LEU I 169 31.57 5.99 -0.94
C LEU I 169 31.57 7.44 -0.46
N VAL I 170 31.91 8.38 -1.33
CA VAL I 170 32.06 9.77 -0.93
C VAL I 170 30.73 10.52 -1.08
N VAL I 171 29.94 10.17 -2.09
CA VAL I 171 28.75 10.94 -2.40
C VAL I 171 27.48 10.36 -1.77
N GLY I 172 27.37 9.04 -1.66
CA GLY I 172 26.21 8.41 -1.08
C GLY I 172 25.95 8.84 0.34
N PRO I 173 26.95 8.69 1.22
CA PRO I 173 26.80 9.23 2.58
C PRO I 173 26.56 10.72 2.60
N PHE I 174 27.04 11.46 1.61
CA PHE I 174 26.69 12.87 1.50
C PHE I 174 25.19 13.05 1.24
N MET I 175 24.59 12.16 0.44
CA MET I 175 23.18 12.28 0.11
C MET I 175 22.27 12.15 1.32
N ILE I 176 22.80 11.64 2.43
CA ILE I 176 22.03 11.60 3.67
C ILE I 176 21.69 13.02 4.14
N LEU I 177 22.59 13.98 3.91
CA LEU I 177 22.33 15.34 4.36
C LEU I 177 21.14 15.98 3.64
N PRO I 178 21.05 15.99 2.30
CA PRO I 178 19.81 16.47 1.67
C PRO I 178 18.60 15.59 1.99
N ASN I 179 18.82 14.32 2.36
CA ASN I 179 17.72 13.45 2.73
C ASN I 179 17.01 13.94 4.00
N VAL I 180 17.64 14.82 4.77
CA VAL I 180 17.00 15.40 5.95
C VAL I 180 15.68 16.07 5.57
N GLY I 181 15.59 16.58 4.34
CA GLY I 181 14.32 17.12 3.87
C GLY I 181 13.20 16.10 3.93
N LEU I 182 13.51 14.86 3.54
CA LEU I 182 12.51 13.77 3.64
C LEU I 182 12.18 13.57 5.13
N ASN I 183 13.20 13.62 5.99
CA ASN I 183 12.98 13.50 7.45
C ASN I 183 11.92 14.52 7.88
N GLU I 184 12.22 15.82 7.71
CA GLU I 184 11.26 16.88 8.12
C GLU I 184 9.90 16.62 7.48
N TRP I 185 9.84 16.47 6.15
CA TRP I 185 8.55 16.11 5.50
C TRP I 185 8.04 14.78 6.06
N GLY I 186 8.92 13.96 6.63
CA GLY I 186 8.55 12.61 7.09
C GLY I 186 8.10 12.52 8.53
N HIS I 187 8.08 13.63 9.26
CA HIS I 187 7.49 13.59 10.63
C HIS I 187 6.37 14.62 10.71
N THR I 188 6.67 15.90 10.42
CA THR I 188 5.65 16.96 10.44
C THR I 188 4.38 16.45 9.75
N PHE I 189 4.44 16.22 8.43
CA PHE I 189 3.28 15.65 7.72
C PHE I 189 3.27 14.13 7.94
N TRP I 190 3.51 13.34 6.90
CA TRP I 190 3.46 11.84 6.98
C TRP I 190 4.12 11.28 8.23
N PHE I 191 3.37 10.54 9.06
CA PHE I 191 3.93 9.84 10.26
C PHE I 191 4.20 10.79 11.44
N MET I 192 3.28 10.85 12.41
CA MET I 192 3.51 11.64 13.65
C MET I 192 4.04 10.69 14.72
N GLU I 193 4.07 9.38 14.43
CA GLU I 193 4.64 8.39 15.38
C GLU I 193 6.17 8.55 15.35
N GLU I 194 6.81 8.63 16.52
CA GLU I 194 8.28 8.88 16.45
C GLU I 194 8.97 7.56 16.08
N LEU I 195 8.44 6.81 15.12
CA LEU I 195 9.17 5.59 14.67
C LEU I 195 10.46 5.96 13.91
N PHE I 196 11.58 5.30 14.20
CA PHE I 196 12.88 5.55 13.51
C PHE I 196 13.02 4.58 12.33
N VAL I 197 12.14 3.60 12.22
CA VAL I 197 12.24 2.58 11.14
C VAL I 197 11.15 2.87 10.10
N ALA I 198 10.61 4.09 10.11
CA ALA I 198 9.57 4.49 9.14
C ALA I 198 10.19 4.69 7.76
N PRO I 199 9.45 4.46 6.65
CA PRO I 199 9.96 4.65 5.29
C PRO I 199 10.54 6.05 5.03
N LEU I 200 10.14 7.06 5.81
CA LEU I 200 10.76 8.41 5.68
C LEU I 200 12.23 8.31 6.11
N HIS I 201 12.64 7.18 6.69
CA HIS I 201 14.02 6.97 7.20
C HIS I 201 14.80 6.22 6.10
N TYR I 202 14.12 5.87 5.00
CA TYR I 202 14.71 5.02 3.93
C TYR I 202 15.78 5.83 3.18
N GLY I 203 15.55 7.12 2.93
CA GLY I 203 16.52 7.88 2.13
C GLY I 203 17.88 7.81 2.81
N PHE I 204 17.93 8.07 4.12
CA PHE I 204 19.21 7.95 4.86
C PHE I 204 19.74 6.53 4.67
N VAL I 205 18.91 5.52 4.96
CA VAL I 205 19.37 4.10 4.93
C VAL I 205 19.89 3.78 3.54
N ILE I 206 19.01 3.89 2.54
CA ILE I 206 19.44 3.62 1.17
C ILE I 206 20.83 4.21 0.93
N PHE I 207 21.04 5.46 1.34
CA PHE I 207 22.32 6.11 1.15
C PHE I 207 23.35 5.72 2.19
N GLY I 208 22.93 5.16 3.33
CA GLY I 208 23.87 4.48 4.19
C GLY I 208 24.45 3.23 3.56
N TRP I 209 23.69 2.57 2.69
CA TRP I 209 24.20 1.40 1.97
C TRP I 209 25.38 1.75 1.09
N LEU I 210 25.37 2.95 0.51
CA LEU I 210 26.43 3.34 -0.43
C LEU I 210 27.79 3.42 0.23
N ALA I 211 27.84 3.48 1.56
CA ALA I 211 29.11 3.38 2.27
C ALA I 211 29.77 2.02 2.10
N LEU I 212 29.02 1.01 1.66
CA LEU I 212 29.61 -0.29 1.34
C LEU I 212 30.58 -0.23 0.18
N ALA I 213 30.56 0.85 -0.61
CA ALA I 213 31.56 1.05 -1.65
C ALA I 213 32.96 1.22 -1.10
N VAL I 214 33.10 1.33 0.22
CA VAL I 214 34.42 1.35 0.84
C VAL I 214 35.18 0.07 0.52
N MET I 215 34.47 -1.01 0.22
CA MET I 215 35.12 -2.27 -0.10
C MET I 215 35.90 -2.16 -1.42
N GLY I 216 35.23 -1.68 -2.46
CA GLY I 216 35.92 -1.42 -3.72
C GLY I 216 36.96 -0.33 -3.59
N THR I 217 36.65 0.71 -2.81
CA THR I 217 37.63 1.76 -2.58
C THR I 217 38.89 1.19 -1.93
N LEU I 218 38.74 0.30 -0.96
CA LEU I 218 39.89 -0.21 -0.23
C LEU I 218 40.69 -1.20 -1.06
N THR I 219 40.03 -2.01 -1.89
CA THR I 219 40.84 -2.84 -2.79
C THR I 219 41.57 -1.98 -3.82
N GLN I 220 40.97 -0.86 -4.24
CA GLN I 220 41.68 0.08 -5.10
C GLN I 220 42.90 0.68 -4.39
N THR I 221 42.74 1.06 -3.11
CA THR I 221 43.89 1.58 -2.37
C THR I 221 44.94 0.51 -2.12
N PHE I 222 44.53 -0.75 -1.96
CA PHE I 222 45.50 -1.83 -1.83
C PHE I 222 46.32 -1.97 -3.10
N TYR I 223 45.65 -1.92 -4.26
CA TYR I 223 46.37 -1.98 -5.53
C TYR I 223 47.29 -0.77 -5.69
N SER I 224 46.83 0.41 -5.27
CA SER I 224 47.67 1.60 -5.33
C SER I 224 48.89 1.49 -4.42
N PHE I 225 48.71 0.91 -3.24
CA PHE I 225 49.83 0.62 -2.35
C PHE I 225 50.81 -0.34 -3.00
N ALA I 226 50.30 -1.39 -3.63
CA ALA I 226 51.12 -2.42 -4.25
C ALA I 226 51.37 -2.13 -5.73
N GLN I 227 51.86 -0.93 -6.04
CA GLN I 227 52.16 -0.57 -7.43
C GLN I 227 53.63 -0.82 -7.75
N GLY I 228 54.52 -0.07 -7.11
CA GLY I 228 55.94 -0.27 -7.27
C GLY I 228 56.58 -0.92 -6.06
N GLY I 229 56.16 -0.48 -4.88
CA GLY I 229 56.66 -1.04 -3.64
C GLY I 229 55.78 -2.13 -3.08
N LEU I 230 55.21 -2.95 -3.97
CA LEU I 230 54.41 -4.07 -3.53
C LEU I 230 55.21 -5.07 -2.70
N GLY I 231 56.53 -5.07 -2.86
CA GLY I 231 57.39 -5.93 -2.07
C GLY I 231 58.84 -5.67 -2.41
N GLN I 232 59.60 -6.76 -2.49
CA GLN I 232 59.02 -8.08 -2.40
C GLN I 232 59.12 -8.66 -1.00
N SER I 233 58.58 -9.88 -0.86
CA SER I 233 58.11 -10.52 0.36
C SER I 233 56.72 -11.07 0.07
N LEU I 234 55.75 -10.16 0.01
CA LEU I 234 54.41 -10.50 -0.46
C LEU I 234 54.49 -11.16 -1.83
N CYS I 235 53.93 -12.36 -1.93
CA CYS I 235 54.00 -13.19 -3.14
C CYS I 235 55.45 -13.45 -3.53
N GLU I 236 56.30 -13.62 -2.52
CA GLU I 236 57.69 -14.01 -2.72
C GLU I 236 58.28 -14.55 -1.41
#